data_8VO3
# 
_entry.id   8VO3 
# 
_audit_conform.dict_name       mmcif_pdbx.dic 
_audit_conform.dict_version    5.397 
_audit_conform.dict_location   http://mmcif.pdb.org/dictionaries/ascii/mmcif_pdbx.dic 
# 
loop_
_database_2.database_id 
_database_2.database_code 
_database_2.pdbx_database_accession 
_database_2.pdbx_DOI 
PDB   8VO3         pdb_00008vo3 10.2210/pdb8vo3/pdb 
WWPDB D_1000278804 ?            ?                   
# 
_pdbx_audit_revision_history.ordinal             1 
_pdbx_audit_revision_history.data_content_type   'Structure model' 
_pdbx_audit_revision_history.major_revision      1 
_pdbx_audit_revision_history.minor_revision      0 
_pdbx_audit_revision_history.revision_date       2024-10-23 
# 
_pdbx_audit_revision_details.ordinal             1 
_pdbx_audit_revision_details.revision_ordinal    1 
_pdbx_audit_revision_details.data_content_type   'Structure model' 
_pdbx_audit_revision_details.provider            repository 
_pdbx_audit_revision_details.type                'Initial release' 
_pdbx_audit_revision_details.description         ? 
_pdbx_audit_revision_details.details             ? 
# 
_pdbx_database_status.status_code                     REL 
_pdbx_database_status.status_code_sf                  REL 
_pdbx_database_status.status_code_mr                  ? 
_pdbx_database_status.entry_id                        8VO3 
_pdbx_database_status.recvd_initial_deposition_date   2024-01-14 
_pdbx_database_status.SG_entry                        N 
_pdbx_database_status.deposit_site                    RCSB 
_pdbx_database_status.process_site                    RCSB 
_pdbx_database_status.status_code_cs                  ? 
_pdbx_database_status.status_code_nmr_data            ? 
_pdbx_database_status.methods_development_category    ? 
_pdbx_database_status.pdb_format_compatible           Y 
# 
_pdbx_contact_author.id                 2 
_pdbx_contact_author.email              Kenneth.ng@uwindsor.ca 
_pdbx_contact_author.name_first         Kenneth 
_pdbx_contact_author.name_last          Ng 
_pdbx_contact_author.name_mi            ? 
_pdbx_contact_author.role               'principal investigator/group leader' 
_pdbx_contact_author.identifier_ORCID   0000-0001-7280-8445 
# 
loop_
_audit_author.name 
_audit_author.pdbx_ordinal 
_audit_author.identifier_ORCID 
'Carr, S.C.' 1 ? 
'Ng, K.K.S.' 2 ? 
# 
_citation.abstract                  ? 
_citation.abstract_id_CAS           ? 
_citation.book_id_ISBN              ? 
_citation.book_publisher            ? 
_citation.book_publisher_city       ? 
_citation.book_title                ? 
_citation.coordinate_linkage        ? 
_citation.country                   ? 
_citation.database_id_Medline       ? 
_citation.details                   ? 
_citation.id                        primary 
_citation.journal_abbrev            'Acta Crystallogr D Struct Biol' 
_citation.journal_id_ASTM           ? 
_citation.journal_id_CSD            ? 
_citation.journal_id_ISSN           2059-7983 
_citation.journal_full              ? 
_citation.journal_issue             ? 
_citation.journal_volume            80 
_citation.language                  ? 
_citation.page_first                675 
_citation.page_last                 685 
_citation.title                     
'Structural analysis of a ligand-triggered intermolecular disulfide switch in a major latex protein from opium poppy.' 
_citation.year                      2024 
_citation.database_id_CSD           ? 
_citation.pdbx_database_id_DOI      10.1107/S2059798324007733 
_citation.pdbx_database_id_PubMed   39207895 
_citation.pdbx_database_id_patent   ? 
_citation.unpublished_flag          ? 
# 
loop_
_citation_author.citation_id 
_citation_author.name 
_citation_author.ordinal 
_citation_author.identifier_ORCID 
primary 'Carr, S.C.'     1 0000-0001-7060-5038 
primary 'Facchini, P.J.' 2 0000-0002-7693-290X 
primary 'Ng, K.K.S.'     3 0000-0001-7280-8445 
# 
loop_
_entity.id 
_entity.type 
_entity.src_method 
_entity.pdbx_description 
_entity.formula_weight 
_entity.pdbx_number_of_molecules 
_entity.pdbx_ec 
_entity.pdbx_mutation 
_entity.pdbx_fragment 
_entity.details 
1 polymer     man 'Pathogenesis related 10-10 C59S mutant'            17609.828 1   ? C59S ? ? 
2 non-polymer syn '1-(3,4-DIMETHOXYBENZYL)-6,7-DIMETHOXYISOQUINOLINE' 339.385   1   ? ?    ? ? 
3 water       nat water                                               18.015    115 ? ?    ? ? 
# 
_entity_poly.entity_id                      1 
_entity_poly.type                           'polypeptide(L)' 
_entity_poly.nstd_linkage                   no 
_entity_poly.nstd_monomer                   no 
_entity_poly.pdbx_seq_one_letter_code       
;MAHHGVSGLVGKLVTQLEVNCDADIFYKIVKHHEEVPNVIPHFFTGVQVTKGDGLVSGSIKEWNYVLEGKAMTAVEETTH
ADETRTLTHHITEGDAMKDYKKFDVIVETNPKPNGHGSVVTYSIVYEKINEDSPAPFDYLKFFHQNIVDMSAHICSSA
;
_entity_poly.pdbx_seq_one_letter_code_can   
;MAHHGVSGLVGKLVTQLEVNCDADIFYKIVKHHEEVPNVIPHFFTGVQVTKGDGLVSGSIKEWNYVLEGKAMTAVEETTH
ADETRTLTHHITEGDAMKDYKKFDVIVETNPKPNGHGSVVTYSIVYEKINEDSPAPFDYLKFFHQNIVDMSAHICSSA
;
_entity_poly.pdbx_strand_id                 A 
_entity_poly.pdbx_target_identifier         ? 
# 
loop_
_pdbx_entity_nonpoly.entity_id 
_pdbx_entity_nonpoly.name 
_pdbx_entity_nonpoly.comp_id 
2 '1-(3,4-DIMETHOXYBENZYL)-6,7-DIMETHOXYISOQUINOLINE' EV1 
3 water                                               HOH 
# 
loop_
_entity_poly_seq.entity_id 
_entity_poly_seq.num 
_entity_poly_seq.mon_id 
_entity_poly_seq.hetero 
1 1   MET n 
1 2   ALA n 
1 3   HIS n 
1 4   HIS n 
1 5   GLY n 
1 6   VAL n 
1 7   SER n 
1 8   GLY n 
1 9   LEU n 
1 10  VAL n 
1 11  GLY n 
1 12  LYS n 
1 13  LEU n 
1 14  VAL n 
1 15  THR n 
1 16  GLN n 
1 17  LEU n 
1 18  GLU n 
1 19  VAL n 
1 20  ASN n 
1 21  CYS n 
1 22  ASP n 
1 23  ALA n 
1 24  ASP n 
1 25  ILE n 
1 26  PHE n 
1 27  TYR n 
1 28  LYS n 
1 29  ILE n 
1 30  VAL n 
1 31  LYS n 
1 32  HIS n 
1 33  HIS n 
1 34  GLU n 
1 35  GLU n 
1 36  VAL n 
1 37  PRO n 
1 38  ASN n 
1 39  VAL n 
1 40  ILE n 
1 41  PRO n 
1 42  HIS n 
1 43  PHE n 
1 44  PHE n 
1 45  THR n 
1 46  GLY n 
1 47  VAL n 
1 48  GLN n 
1 49  VAL n 
1 50  THR n 
1 51  LYS n 
1 52  GLY n 
1 53  ASP n 
1 54  GLY n 
1 55  LEU n 
1 56  VAL n 
1 57  SER n 
1 58  GLY n 
1 59  SER n 
1 60  ILE n 
1 61  LYS n 
1 62  GLU n 
1 63  TRP n 
1 64  ASN n 
1 65  TYR n 
1 66  VAL n 
1 67  LEU n 
1 68  GLU n 
1 69  GLY n 
1 70  LYS n 
1 71  ALA n 
1 72  MET n 
1 73  THR n 
1 74  ALA n 
1 75  VAL n 
1 76  GLU n 
1 77  GLU n 
1 78  THR n 
1 79  THR n 
1 80  HIS n 
1 81  ALA n 
1 82  ASP n 
1 83  GLU n 
1 84  THR n 
1 85  ARG n 
1 86  THR n 
1 87  LEU n 
1 88  THR n 
1 89  HIS n 
1 90  HIS n 
1 91  ILE n 
1 92  THR n 
1 93  GLU n 
1 94  GLY n 
1 95  ASP n 
1 96  ALA n 
1 97  MET n 
1 98  LYS n 
1 99  ASP n 
1 100 TYR n 
1 101 LYS n 
1 102 LYS n 
1 103 PHE n 
1 104 ASP n 
1 105 VAL n 
1 106 ILE n 
1 107 VAL n 
1 108 GLU n 
1 109 THR n 
1 110 ASN n 
1 111 PRO n 
1 112 LYS n 
1 113 PRO n 
1 114 ASN n 
1 115 GLY n 
1 116 HIS n 
1 117 GLY n 
1 118 SER n 
1 119 VAL n 
1 120 VAL n 
1 121 THR n 
1 122 TYR n 
1 123 SER n 
1 124 ILE n 
1 125 VAL n 
1 126 TYR n 
1 127 GLU n 
1 128 LYS n 
1 129 ILE n 
1 130 ASN n 
1 131 GLU n 
1 132 ASP n 
1 133 SER n 
1 134 PRO n 
1 135 ALA n 
1 136 PRO n 
1 137 PHE n 
1 138 ASP n 
1 139 TYR n 
1 140 LEU n 
1 141 LYS n 
1 142 PHE n 
1 143 PHE n 
1 144 HIS n 
1 145 GLN n 
1 146 ASN n 
1 147 ILE n 
1 148 VAL n 
1 149 ASP n 
1 150 MET n 
1 151 SER n 
1 152 ALA n 
1 153 HIS n 
1 154 ILE n 
1 155 CYS n 
1 156 SER n 
1 157 SER n 
1 158 ALA n 
# 
_entity_src_gen.entity_id                          1 
_entity_src_gen.pdbx_src_id                        1 
_entity_src_gen.pdbx_alt_source_flag               sample 
_entity_src_gen.pdbx_seq_type                      'Biological sequence' 
_entity_src_gen.pdbx_beg_seq_num                   1 
_entity_src_gen.pdbx_end_seq_num                   158 
_entity_src_gen.gene_src_common_name               ? 
_entity_src_gen.gene_src_genus                     ? 
_entity_src_gen.pdbx_gene_src_gene                 ? 
_entity_src_gen.gene_src_species                   ? 
_entity_src_gen.gene_src_strain                    ? 
_entity_src_gen.gene_src_tissue                    ? 
_entity_src_gen.gene_src_tissue_fraction           ? 
_entity_src_gen.gene_src_details                   ? 
_entity_src_gen.pdbx_gene_src_fragment             ? 
_entity_src_gen.pdbx_gene_src_scientific_name      'Papaver somniferum' 
_entity_src_gen.pdbx_gene_src_ncbi_taxonomy_id     3469 
_entity_src_gen.pdbx_gene_src_variant              ? 
_entity_src_gen.pdbx_gene_src_cell_line            ? 
_entity_src_gen.pdbx_gene_src_atcc                 ? 
_entity_src_gen.pdbx_gene_src_organ                ? 
_entity_src_gen.pdbx_gene_src_organelle            ? 
_entity_src_gen.pdbx_gene_src_cell                 ? 
_entity_src_gen.pdbx_gene_src_cellular_location    ? 
_entity_src_gen.host_org_common_name               ? 
_entity_src_gen.pdbx_host_org_scientific_name      'Escherichia coli' 
_entity_src_gen.pdbx_host_org_ncbi_taxonomy_id     562 
_entity_src_gen.host_org_genus                     ? 
_entity_src_gen.pdbx_host_org_gene                 ? 
_entity_src_gen.pdbx_host_org_organ                ? 
_entity_src_gen.host_org_species                   ? 
_entity_src_gen.pdbx_host_org_tissue               ? 
_entity_src_gen.pdbx_host_org_tissue_fraction      ? 
_entity_src_gen.pdbx_host_org_strain               ? 
_entity_src_gen.pdbx_host_org_variant              ? 
_entity_src_gen.pdbx_host_org_cell_line            ? 
_entity_src_gen.pdbx_host_org_atcc                 ? 
_entity_src_gen.pdbx_host_org_culture_collection   ? 
_entity_src_gen.pdbx_host_org_cell                 ? 
_entity_src_gen.pdbx_host_org_organelle            ? 
_entity_src_gen.pdbx_host_org_cellular_location    ? 
_entity_src_gen.pdbx_host_org_vector_type          ? 
_entity_src_gen.pdbx_host_org_vector               ? 
_entity_src_gen.host_org_details                   ? 
_entity_src_gen.expression_system_id               ? 
_entity_src_gen.plasmid_name                       ? 
_entity_src_gen.plasmid_details                    ? 
_entity_src_gen.pdbx_description                   ? 
# 
loop_
_chem_comp.id 
_chem_comp.type 
_chem_comp.mon_nstd_flag 
_chem_comp.name 
_chem_comp.pdbx_synonyms 
_chem_comp.formula 
_chem_comp.formula_weight 
ALA 'L-peptide linking' y ALANINE                                             ?          'C3 H7 N O2'     89.093  
ARG 'L-peptide linking' y ARGININE                                            ?          'C6 H15 N4 O2 1' 175.209 
ASN 'L-peptide linking' y ASPARAGINE                                          ?          'C4 H8 N2 O3'    132.118 
ASP 'L-peptide linking' y 'ASPARTIC ACID'                                     ?          'C4 H7 N O4'     133.103 
CYS 'L-peptide linking' y CYSTEINE                                            ?          'C3 H7 N O2 S'   121.158 
EV1 non-polymer         . '1-(3,4-DIMETHOXYBENZYL)-6,7-DIMETHOXYISOQUINOLINE' Papaverine 'C20 H21 N O4'   339.385 
GLN 'L-peptide linking' y GLUTAMINE                                           ?          'C5 H10 N2 O3'   146.144 
GLU 'L-peptide linking' y 'GLUTAMIC ACID'                                     ?          'C5 H9 N O4'     147.129 
GLY 'peptide linking'   y GLYCINE                                             ?          'C2 H5 N O2'     75.067  
HIS 'L-peptide linking' y HISTIDINE                                           ?          'C6 H10 N3 O2 1' 156.162 
HOH non-polymer         . WATER                                               ?          'H2 O'           18.015  
ILE 'L-peptide linking' y ISOLEUCINE                                          ?          'C6 H13 N O2'    131.173 
LEU 'L-peptide linking' y LEUCINE                                             ?          'C6 H13 N O2'    131.173 
LYS 'L-peptide linking' y LYSINE                                              ?          'C6 H15 N2 O2 1' 147.195 
MET 'L-peptide linking' y METHIONINE                                          ?          'C5 H11 N O2 S'  149.211 
PHE 'L-peptide linking' y PHENYLALANINE                                       ?          'C9 H11 N O2'    165.189 
PRO 'L-peptide linking' y PROLINE                                             ?          'C5 H9 N O2'     115.130 
SER 'L-peptide linking' y SERINE                                              ?          'C3 H7 N O3'     105.093 
THR 'L-peptide linking' y THREONINE                                           ?          'C4 H9 N O3'     119.119 
TRP 'L-peptide linking' y TRYPTOPHAN                                          ?          'C11 H12 N2 O2'  204.225 
TYR 'L-peptide linking' y TYROSINE                                            ?          'C9 H11 N O3'    181.189 
VAL 'L-peptide linking' y VALINE                                              ?          'C5 H11 N O2'    117.146 
# 
loop_
_pdbx_poly_seq_scheme.asym_id 
_pdbx_poly_seq_scheme.entity_id 
_pdbx_poly_seq_scheme.seq_id 
_pdbx_poly_seq_scheme.mon_id 
_pdbx_poly_seq_scheme.ndb_seq_num 
_pdbx_poly_seq_scheme.pdb_seq_num 
_pdbx_poly_seq_scheme.auth_seq_num 
_pdbx_poly_seq_scheme.pdb_mon_id 
_pdbx_poly_seq_scheme.auth_mon_id 
_pdbx_poly_seq_scheme.pdb_strand_id 
_pdbx_poly_seq_scheme.pdb_ins_code 
_pdbx_poly_seq_scheme.hetero 
A 1 1   MET 1   1   ?   ?   ?   A . n 
A 1 2   ALA 2   2   ?   ?   ?   A . n 
A 1 3   HIS 3   3   ?   ?   ?   A . n 
A 1 4   HIS 4   4   ?   ?   ?   A . n 
A 1 5   GLY 5   5   ?   ?   ?   A . n 
A 1 6   VAL 6   6   ?   ?   ?   A . n 
A 1 7   SER 7   7   ?   ?   ?   A . n 
A 1 8   GLY 8   8   8   GLY GLY A . n 
A 1 9   LEU 9   9   9   LEU LEU A . n 
A 1 10  VAL 10  10  10  VAL VAL A . n 
A 1 11  GLY 11  11  11  GLY GLY A . n 
A 1 12  LYS 12  12  12  LYS LYS A . n 
A 1 13  LEU 13  13  13  LEU LEU A . n 
A 1 14  VAL 14  14  14  VAL VAL A . n 
A 1 15  THR 15  15  15  THR THR A . n 
A 1 16  GLN 16  16  16  GLN GLN A . n 
A 1 17  LEU 17  17  17  LEU LEU A . n 
A 1 18  GLU 18  18  18  GLU GLU A . n 
A 1 19  VAL 19  19  19  VAL VAL A . n 
A 1 20  ASN 20  20  20  ASN ASN A . n 
A 1 21  CYS 21  21  21  CYS CYS A . n 
A 1 22  ASP 22  22  22  ASP ASP A . n 
A 1 23  ALA 23  23  23  ALA ALA A . n 
A 1 24  ASP 24  24  24  ASP ASP A . n 
A 1 25  ILE 25  25  25  ILE ILE A . n 
A 1 26  PHE 26  26  26  PHE PHE A . n 
A 1 27  TYR 27  27  27  TYR TYR A . n 
A 1 28  LYS 28  28  28  LYS LYS A . n 
A 1 29  ILE 29  29  29  ILE ILE A . n 
A 1 30  VAL 30  30  30  VAL VAL A . n 
A 1 31  LYS 31  31  31  LYS LYS A . n 
A 1 32  HIS 32  32  32  HIS HIS A . n 
A 1 33  HIS 33  33  33  HIS HIS A . n 
A 1 34  GLU 34  34  ?   ?   ?   A . n 
A 1 35  GLU 35  35  ?   ?   ?   A . n 
A 1 36  VAL 36  36  ?   ?   ?   A . n 
A 1 37  PRO 37  37  37  PRO PRO A . n 
A 1 38  ASN 38  38  38  ASN ASN A . n 
A 1 39  VAL 39  39  39  VAL VAL A . n 
A 1 40  ILE 40  40  40  ILE ILE A . n 
A 1 41  PRO 41  41  41  PRO PRO A . n 
A 1 42  HIS 42  42  42  HIS HIS A . n 
A 1 43  PHE 43  43  43  PHE PHE A . n 
A 1 44  PHE 44  44  44  PHE PHE A . n 
A 1 45  THR 45  45  45  THR THR A . n 
A 1 46  GLY 46  46  46  GLY GLY A . n 
A 1 47  VAL 47  47  47  VAL VAL A . n 
A 1 48  GLN 48  48  48  GLN GLN A . n 
A 1 49  VAL 49  49  49  VAL VAL A . n 
A 1 50  THR 50  50  50  THR THR A . n 
A 1 51  LYS 51  51  51  LYS LYS A . n 
A 1 52  GLY 52  52  52  GLY GLY A . n 
A 1 53  ASP 53  53  53  ASP ASP A . n 
A 1 54  GLY 54  54  54  GLY GLY A . n 
A 1 55  LEU 55  55  55  LEU LEU A . n 
A 1 56  VAL 56  56  56  VAL VAL A . n 
A 1 57  SER 57  57  57  SER SER A . n 
A 1 58  GLY 58  58  58  GLY GLY A . n 
A 1 59  SER 59  59  59  SER SER A . n 
A 1 60  ILE 60  60  60  ILE ILE A . n 
A 1 61  LYS 61  61  61  LYS LYS A . n 
A 1 62  GLU 62  62  62  GLU GLU A . n 
A 1 63  TRP 63  63  63  TRP TRP A . n 
A 1 64  ASN 64  64  64  ASN ASN A . n 
A 1 65  TYR 65  65  65  TYR TYR A . n 
A 1 66  VAL 66  66  66  VAL VAL A . n 
A 1 67  LEU 67  67  67  LEU LEU A . n 
A 1 68  GLU 68  68  68  GLU GLU A . n 
A 1 69  GLY 69  69  69  GLY GLY A . n 
A 1 70  LYS 70  70  70  LYS LYS A . n 
A 1 71  ALA 71  71  71  ALA ALA A . n 
A 1 72  MET 72  72  72  MET MET A . n 
A 1 73  THR 73  73  73  THR THR A . n 
A 1 74  ALA 74  74  74  ALA ALA A . n 
A 1 75  VAL 75  75  75  VAL VAL A . n 
A 1 76  GLU 76  76  76  GLU GLU A . n 
A 1 77  GLU 77  77  77  GLU GLU A . n 
A 1 78  THR 78  78  78  THR THR A . n 
A 1 79  THR 79  79  79  THR THR A . n 
A 1 80  HIS 80  80  80  HIS HIS A . n 
A 1 81  ALA 81  81  81  ALA ALA A . n 
A 1 82  ASP 82  82  82  ASP ASP A . n 
A 1 83  GLU 83  83  83  GLU GLU A . n 
A 1 84  THR 84  84  84  THR THR A . n 
A 1 85  ARG 85  85  85  ARG ARG A . n 
A 1 86  THR 86  86  86  THR THR A . n 
A 1 87  LEU 87  87  87  LEU LEU A . n 
A 1 88  THR 88  88  88  THR THR A . n 
A 1 89  HIS 89  89  89  HIS HIS A . n 
A 1 90  HIS 90  90  90  HIS HIS A . n 
A 1 91  ILE 91  91  91  ILE ILE A . n 
A 1 92  THR 92  92  92  THR THR A . n 
A 1 93  GLU 93  93  93  GLU GLU A . n 
A 1 94  GLY 94  94  94  GLY GLY A . n 
A 1 95  ASP 95  95  95  ASP ASP A . n 
A 1 96  ALA 96  96  96  ALA ALA A . n 
A 1 97  MET 97  97  97  MET MET A . n 
A 1 98  LYS 98  98  98  LYS LYS A . n 
A 1 99  ASP 99  99  99  ASP ASP A . n 
A 1 100 TYR 100 100 100 TYR TYR A . n 
A 1 101 LYS 101 101 101 LYS LYS A . n 
A 1 102 LYS 102 102 102 LYS LYS A . n 
A 1 103 PHE 103 103 103 PHE PHE A . n 
A 1 104 ASP 104 104 104 ASP ASP A . n 
A 1 105 VAL 105 105 105 VAL VAL A . n 
A 1 106 ILE 106 106 106 ILE ILE A . n 
A 1 107 VAL 107 107 107 VAL VAL A . n 
A 1 108 GLU 108 108 108 GLU GLU A . n 
A 1 109 THR 109 109 109 THR THR A . n 
A 1 110 ASN 110 110 110 ASN ASN A . n 
A 1 111 PRO 111 111 111 PRO PRO A . n 
A 1 112 LYS 112 112 112 LYS LYS A . n 
A 1 113 PRO 113 113 113 PRO PRO A . n 
A 1 114 ASN 114 114 114 ASN ASN A . n 
A 1 115 GLY 115 115 ?   ?   ?   A . n 
A 1 116 HIS 116 116 ?   ?   ?   A . n 
A 1 117 GLY 117 117 117 GLY GLY A . n 
A 1 118 SER 118 118 118 SER SER A . n 
A 1 119 VAL 119 119 119 VAL VAL A . n 
A 1 120 VAL 120 120 120 VAL VAL A . n 
A 1 121 THR 121 121 121 THR THR A . n 
A 1 122 TYR 122 122 122 TYR TYR A . n 
A 1 123 SER 123 123 123 SER SER A . n 
A 1 124 ILE 124 124 124 ILE ILE A . n 
A 1 125 VAL 125 125 125 VAL VAL A . n 
A 1 126 TYR 126 126 126 TYR TYR A . n 
A 1 127 GLU 127 127 127 GLU GLU A . n 
A 1 128 LYS 128 128 128 LYS LYS A . n 
A 1 129 ILE 129 129 129 ILE ILE A . n 
A 1 130 ASN 130 130 130 ASN ASN A . n 
A 1 131 GLU 131 131 131 GLU GLU A . n 
A 1 132 ASP 132 132 132 ASP ASP A . n 
A 1 133 SER 133 133 133 SER SER A . n 
A 1 134 PRO 134 134 134 PRO PRO A . n 
A 1 135 ALA 135 135 135 ALA ALA A . n 
A 1 136 PRO 136 136 136 PRO PRO A . n 
A 1 137 PHE 137 137 137 PHE PHE A . n 
A 1 138 ASP 138 138 138 ASP ASP A . n 
A 1 139 TYR 139 139 139 TYR TYR A . n 
A 1 140 LEU 140 140 140 LEU LEU A . n 
A 1 141 LYS 141 141 141 LYS LYS A . n 
A 1 142 PHE 142 142 142 PHE PHE A . n 
A 1 143 PHE 143 143 143 PHE PHE A . n 
A 1 144 HIS 144 144 144 HIS HIS A . n 
A 1 145 GLN 145 145 145 GLN GLN A . n 
A 1 146 ASN 146 146 146 ASN ASN A . n 
A 1 147 ILE 147 147 147 ILE ILE A . n 
A 1 148 VAL 148 148 148 VAL VAL A . n 
A 1 149 ASP 149 149 149 ASP ASP A . n 
A 1 150 MET 150 150 150 MET MET A . n 
A 1 151 SER 151 151 151 SER SER A . n 
A 1 152 ALA 152 152 152 ALA ALA A . n 
A 1 153 HIS 153 153 153 HIS HIS A . n 
A 1 154 ILE 154 154 154 ILE ILE A . n 
A 1 155 CYS 155 155 155 CYS CYS A . n 
A 1 156 SER 156 156 156 SER SER A . n 
A 1 157 SER 157 157 157 SER SER A . n 
A 1 158 ALA 158 158 ?   ?   ?   A . n 
# 
_pdbx_entity_instance_feature.ordinal        1 
_pdbx_entity_instance_feature.comp_id        EV1 
_pdbx_entity_instance_feature.asym_id        ? 
_pdbx_entity_instance_feature.seq_num        ? 
_pdbx_entity_instance_feature.auth_comp_id   EV1 
_pdbx_entity_instance_feature.auth_asym_id   ? 
_pdbx_entity_instance_feature.auth_seq_num   ? 
_pdbx_entity_instance_feature.feature_type   'SUBJECT OF INVESTIGATION' 
_pdbx_entity_instance_feature.details        ? 
# 
loop_
_pdbx_nonpoly_scheme.asym_id 
_pdbx_nonpoly_scheme.entity_id 
_pdbx_nonpoly_scheme.mon_id 
_pdbx_nonpoly_scheme.ndb_seq_num 
_pdbx_nonpoly_scheme.pdb_seq_num 
_pdbx_nonpoly_scheme.auth_seq_num 
_pdbx_nonpoly_scheme.pdb_mon_id 
_pdbx_nonpoly_scheme.auth_mon_id 
_pdbx_nonpoly_scheme.pdb_strand_id 
_pdbx_nonpoly_scheme.pdb_ins_code 
B 2 EV1 1   201 201 EV1 EV1 A . 
C 3 HOH 1   301 48  HOH HOH A . 
C 3 HOH 2   302 92  HOH HOH A . 
C 3 HOH 3   303 116 HOH HOH A . 
C 3 HOH 4   304 49  HOH HOH A . 
C 3 HOH 5   305 53  HOH HOH A . 
C 3 HOH 6   306 56  HOH HOH A . 
C 3 HOH 7   307 13  HOH HOH A . 
C 3 HOH 8   308 82  HOH HOH A . 
C 3 HOH 9   309 93  HOH HOH A . 
C 3 HOH 10  310 78  HOH HOH A . 
C 3 HOH 11  311 25  HOH HOH A . 
C 3 HOH 12  312 76  HOH HOH A . 
C 3 HOH 13  313 54  HOH HOH A . 
C 3 HOH 14  314 104 HOH HOH A . 
C 3 HOH 15  315 90  HOH HOH A . 
C 3 HOH 16  316 36  HOH HOH A . 
C 3 HOH 17  317 30  HOH HOH A . 
C 3 HOH 18  318 45  HOH HOH A . 
C 3 HOH 19  319 67  HOH HOH A . 
C 3 HOH 20  320 32  HOH HOH A . 
C 3 HOH 21  321 109 HOH HOH A . 
C 3 HOH 22  322 4   HOH HOH A . 
C 3 HOH 23  323 1   HOH HOH A . 
C 3 HOH 24  324 107 HOH HOH A . 
C 3 HOH 25  325 22  HOH HOH A . 
C 3 HOH 26  326 75  HOH HOH A . 
C 3 HOH 27  327 108 HOH HOH A . 
C 3 HOH 28  328 34  HOH HOH A . 
C 3 HOH 29  329 14  HOH HOH A . 
C 3 HOH 30  330 3   HOH HOH A . 
C 3 HOH 31  331 11  HOH HOH A . 
C 3 HOH 32  332 89  HOH HOH A . 
C 3 HOH 33  333 94  HOH HOH A . 
C 3 HOH 34  334 12  HOH HOH A . 
C 3 HOH 35  335 9   HOH HOH A . 
C 3 HOH 36  336 28  HOH HOH A . 
C 3 HOH 37  337 50  HOH HOH A . 
C 3 HOH 38  338 83  HOH HOH A . 
C 3 HOH 39  339 63  HOH HOH A . 
C 3 HOH 40  340 33  HOH HOH A . 
C 3 HOH 41  341 20  HOH HOH A . 
C 3 HOH 42  342 52  HOH HOH A . 
C 3 HOH 43  343 65  HOH HOH A . 
C 3 HOH 44  344 73  HOH HOH A . 
C 3 HOH 45  345 38  HOH HOH A . 
C 3 HOH 46  346 7   HOH HOH A . 
C 3 HOH 47  347 6   HOH HOH A . 
C 3 HOH 48  348 2   HOH HOH A . 
C 3 HOH 49  349 58  HOH HOH A . 
C 3 HOH 50  350 19  HOH HOH A . 
C 3 HOH 51  351 51  HOH HOH A . 
C 3 HOH 52  352 37  HOH HOH A . 
C 3 HOH 53  353 8   HOH HOH A . 
C 3 HOH 54  354 88  HOH HOH A . 
C 3 HOH 55  355 57  HOH HOH A . 
C 3 HOH 56  356 44  HOH HOH A . 
C 3 HOH 57  357 23  HOH HOH A . 
C 3 HOH 58  358 35  HOH HOH A . 
C 3 HOH 59  359 16  HOH HOH A . 
C 3 HOH 60  360 47  HOH HOH A . 
C 3 HOH 61  361 5   HOH HOH A . 
C 3 HOH 62  362 77  HOH HOH A . 
C 3 HOH 63  363 31  HOH HOH A . 
C 3 HOH 64  364 24  HOH HOH A . 
C 3 HOH 65  365 59  HOH HOH A . 
C 3 HOH 66  366 27  HOH HOH A . 
C 3 HOH 67  367 15  HOH HOH A . 
C 3 HOH 68  368 70  HOH HOH A . 
C 3 HOH 69  369 10  HOH HOH A . 
C 3 HOH 70  370 46  HOH HOH A . 
C 3 HOH 71  371 17  HOH HOH A . 
C 3 HOH 72  372 60  HOH HOH A . 
C 3 HOH 73  373 100 HOH HOH A . 
C 3 HOH 74  374 42  HOH HOH A . 
C 3 HOH 75  375 87  HOH HOH A . 
C 3 HOH 76  376 120 HOH HOH A . 
C 3 HOH 77  377 21  HOH HOH A . 
C 3 HOH 78  378 85  HOH HOH A . 
C 3 HOH 79  379 29  HOH HOH A . 
C 3 HOH 80  380 91  HOH HOH A . 
C 3 HOH 81  381 69  HOH HOH A . 
C 3 HOH 82  382 79  HOH HOH A . 
C 3 HOH 83  383 26  HOH HOH A . 
C 3 HOH 84  384 84  HOH HOH A . 
C 3 HOH 85  385 117 HOH HOH A . 
C 3 HOH 86  386 64  HOH HOH A . 
C 3 HOH 87  387 96  HOH HOH A . 
C 3 HOH 88  388 80  HOH HOH A . 
C 3 HOH 89  389 95  HOH HOH A . 
C 3 HOH 90  390 43  HOH HOH A . 
C 3 HOH 91  391 61  HOH HOH A . 
C 3 HOH 92  392 41  HOH HOH A . 
C 3 HOH 93  393 118 HOH HOH A . 
C 3 HOH 94  394 98  HOH HOH A . 
C 3 HOH 95  395 110 HOH HOH A . 
C 3 HOH 96  396 81  HOH HOH A . 
C 3 HOH 97  397 66  HOH HOH A . 
C 3 HOH 98  398 119 HOH HOH A . 
C 3 HOH 99  399 99  HOH HOH A . 
C 3 HOH 100 400 71  HOH HOH A . 
C 3 HOH 101 401 115 HOH HOH A . 
C 3 HOH 102 402 103 HOH HOH A . 
C 3 HOH 103 403 72  HOH HOH A . 
C 3 HOH 104 404 86  HOH HOH A . 
C 3 HOH 105 405 62  HOH HOH A . 
C 3 HOH 106 406 74  HOH HOH A . 
C 3 HOH 107 407 39  HOH HOH A . 
C 3 HOH 108 408 111 HOH HOH A . 
C 3 HOH 109 409 97  HOH HOH A . 
C 3 HOH 110 410 105 HOH HOH A . 
C 3 HOH 111 411 55  HOH HOH A . 
C 3 HOH 112 412 106 HOH HOH A . 
C 3 HOH 113 413 112 HOH HOH A . 
C 3 HOH 114 414 102 HOH HOH A . 
C 3 HOH 115 415 68  HOH HOH A . 
# 
loop_
_software.citation_id 
_software.classification 
_software.compiler_name 
_software.compiler_version 
_software.contact_author 
_software.contact_author_email 
_software.date 
_software.description 
_software.dependencies 
_software.hardware 
_software.language 
_software.location 
_software.mods 
_software.name 
_software.os 
_software.os_version 
_software.type 
_software.version 
_software.pdbx_ordinal 
? 'data collection' ? ? ? ? ? ? ? ? ? ? ? Blu-Ice ? ? ? .           1 
? refinement        ? ? ? ? ? ? ? ? ? ? ? PHENIX  ? ? ? 1.18.2_3874 2 
? 'data reduction'  ? ? ? ? ? ? ? ? ? ? ? XDS     ? ? ? .           3 
? 'data scaling'    ? ? ? ? ? ? ? ? ? ? ? XSCALE  ? ? ? .           4 
? phasing           ? ? ? ? ? ? ? ? ? ? ? PHENIX  ? ? ? .           5 
# 
_cell.angle_alpha                  90.000 
_cell.angle_alpha_esd              ? 
_cell.angle_beta                   90.000 
_cell.angle_beta_esd               ? 
_cell.angle_gamma                  90.000 
_cell.angle_gamma_esd              ? 
_cell.entry_id                     8VO3 
_cell.details                      ? 
_cell.formula_units_Z              ? 
_cell.length_a                     48.767 
_cell.length_a_esd                 ? 
_cell.length_b                     71.491 
_cell.length_b_esd                 ? 
_cell.length_c                     92.265 
_cell.length_c_esd                 ? 
_cell.volume                       321672.843 
_cell.volume_esd                   ? 
_cell.Z_PDB                        8 
_cell.reciprocal_angle_alpha       ? 
_cell.reciprocal_angle_beta        ? 
_cell.reciprocal_angle_gamma       ? 
_cell.reciprocal_angle_alpha_esd   ? 
_cell.reciprocal_angle_beta_esd    ? 
_cell.reciprocal_angle_gamma_esd   ? 
_cell.reciprocal_length_a          ? 
_cell.reciprocal_length_b          ? 
_cell.reciprocal_length_c          ? 
_cell.reciprocal_length_a_esd      ? 
_cell.reciprocal_length_b_esd      ? 
_cell.reciprocal_length_c_esd      ? 
_cell.pdbx_unique_axis             ? 
_cell.pdbx_esd_method              ? 
# 
_symmetry.entry_id                         8VO3 
_symmetry.cell_setting                     ? 
_symmetry.Int_Tables_number                20 
_symmetry.space_group_name_Hall            'C 2c 2' 
_symmetry.space_group_name_H-M             'C 2 2 21' 
_symmetry.pdbx_full_space_group_name_H-M   ? 
# 
_exptl.absorpt_coefficient_mu     ? 
_exptl.absorpt_correction_T_max   ? 
_exptl.absorpt_correction_T_min   ? 
_exptl.absorpt_correction_type    ? 
_exptl.absorpt_process_details    ? 
_exptl.entry_id                   8VO3 
_exptl.crystals_number            1 
_exptl.details                    ? 
_exptl.method                     'X-RAY DIFFRACTION' 
_exptl.method_details             ? 
# 
_exptl_crystal.colour                       ? 
_exptl_crystal.density_diffrn               ? 
_exptl_crystal.density_Matthews             2.28 
_exptl_crystal.density_method               ? 
_exptl_crystal.density_percent_sol          46.13 
_exptl_crystal.description                  ? 
_exptl_crystal.F_000                        ? 
_exptl_crystal.id                           1 
_exptl_crystal.preparation                  ? 
_exptl_crystal.size_max                     ? 
_exptl_crystal.size_mid                     ? 
_exptl_crystal.size_min                     ? 
_exptl_crystal.size_rad                     ? 
_exptl_crystal.colour_lustre                ? 
_exptl_crystal.colour_modifier              ? 
_exptl_crystal.colour_primary               ? 
_exptl_crystal.density_meas                 ? 
_exptl_crystal.density_meas_esd             ? 
_exptl_crystal.density_meas_gt              ? 
_exptl_crystal.density_meas_lt              ? 
_exptl_crystal.density_meas_temp            ? 
_exptl_crystal.density_meas_temp_esd        ? 
_exptl_crystal.density_meas_temp_gt         ? 
_exptl_crystal.density_meas_temp_lt         ? 
_exptl_crystal.pdbx_crystal_image_url       ? 
_exptl_crystal.pdbx_crystal_image_format    ? 
_exptl_crystal.pdbx_mosaicity               ? 
_exptl_crystal.pdbx_mosaicity_esd           ? 
_exptl_crystal.pdbx_mosaic_method           ? 
_exptl_crystal.pdbx_mosaic_block_size       ? 
_exptl_crystal.pdbx_mosaic_block_size_esd   ? 
# 
_exptl_crystal_grow.apparatus       ? 
_exptl_crystal_grow.atmosphere      ? 
_exptl_crystal_grow.crystal_id      1 
_exptl_crystal_grow.details         ? 
_exptl_crystal_grow.method          'VAPOR DIFFUSION, HANGING DROP' 
_exptl_crystal_grow.method_ref      ? 
_exptl_crystal_grow.pH              5.1 
_exptl_crystal_grow.pressure        ? 
_exptl_crystal_grow.pressure_esd    ? 
_exptl_crystal_grow.seeding         ? 
_exptl_crystal_grow.seeding_ref     ? 
_exptl_crystal_grow.temp_details    ? 
_exptl_crystal_grow.temp_esd        ? 
_exptl_crystal_grow.time            ? 
_exptl_crystal_grow.pdbx_details    '1mM papaverine, 10% methanol, 17% (w/v) polyethylene glycol 3350, and 0.1M Bis-Tris pH 5.1' 
_exptl_crystal_grow.pdbx_pH_range   ? 
_exptl_crystal_grow.temp            297 
# 
_diffrn.ambient_environment              ? 
_diffrn.ambient_temp                     100 
_diffrn.ambient_temp_details             ? 
_diffrn.ambient_temp_esd                 ? 
_diffrn.crystal_id                       1 
_diffrn.crystal_support                  ? 
_diffrn.crystal_treatment                ? 
_diffrn.details                          ? 
_diffrn.id                               1 
_diffrn.ambient_pressure                 ? 
_diffrn.ambient_pressure_esd             ? 
_diffrn.ambient_pressure_gt              ? 
_diffrn.ambient_pressure_lt              ? 
_diffrn.ambient_temp_gt                  ? 
_diffrn.ambient_temp_lt                  ? 
_diffrn.pdbx_serial_crystal_experiment   N 
# 
_diffrn_detector.details                      ? 
_diffrn_detector.detector                     PIXEL 
_diffrn_detector.diffrn_id                    1 
_diffrn_detector.type                         'DECTRIS PILATUS 6M' 
_diffrn_detector.area_resol_mean              ? 
_diffrn_detector.dtime                        ? 
_diffrn_detector.pdbx_frames_total            ? 
_diffrn_detector.pdbx_collection_time_total   ? 
_diffrn_detector.pdbx_collection_date         2022-04-19 
_diffrn_detector.pdbx_frequency               ? 
_diffrn_detector.id                           ? 
_diffrn_detector.number_of_axes               ? 
# 
_diffrn_radiation.collimation                      ? 
_diffrn_radiation.diffrn_id                        1 
_diffrn_radiation.filter_edge                      ? 
_diffrn_radiation.inhomogeneity                    ? 
_diffrn_radiation.monochromator                    ? 
_diffrn_radiation.polarisn_norm                    ? 
_diffrn_radiation.polarisn_ratio                   ? 
_diffrn_radiation.probe                            ? 
_diffrn_radiation.type                             ? 
_diffrn_radiation.xray_symbol                      ? 
_diffrn_radiation.wavelength_id                    1 
_diffrn_radiation.pdbx_monochromatic_or_laue_m_l   M 
_diffrn_radiation.pdbx_wavelength_list             ? 
_diffrn_radiation.pdbx_wavelength                  ? 
_diffrn_radiation.pdbx_diffrn_protocol             'SINGLE WAVELENGTH' 
_diffrn_radiation.pdbx_analyzer                    ? 
_diffrn_radiation.pdbx_scattering_type             x-ray 
# 
_diffrn_radiation_wavelength.id           1 
_diffrn_radiation_wavelength.wavelength   0.98 
_diffrn_radiation_wavelength.wt           1.0 
# 
_diffrn_source.current                     ? 
_diffrn_source.details                     ? 
_diffrn_source.diffrn_id                   1 
_diffrn_source.power                       ? 
_diffrn_source.size                        ? 
_diffrn_source.source                      SYNCHROTRON 
_diffrn_source.target                      ? 
_diffrn_source.type                        'SSRL BEAMLINE BL12-2' 
_diffrn_source.voltage                     ? 
_diffrn_source.take-off_angle              ? 
_diffrn_source.pdbx_wavelength_list        0.98 
_diffrn_source.pdbx_wavelength             ? 
_diffrn_source.pdbx_synchrotron_beamline   BL12-2 
_diffrn_source.pdbx_synchrotron_site       SSRL 
# 
_reflns.B_iso_Wilson_estimate                          ? 
_reflns.entry_id                                       8VO3 
_reflns.data_reduction_details                         ? 
_reflns.data_reduction_method                          ? 
_reflns.d_resolution_high                              1.5 
_reflns.d_resolution_low                               36.92 
_reflns.details                                        ? 
_reflns.limit_h_max                                    ? 
_reflns.limit_h_min                                    ? 
_reflns.limit_k_max                                    ? 
_reflns.limit_k_min                                    ? 
_reflns.limit_l_max                                    ? 
_reflns.limit_l_min                                    ? 
_reflns.number_all                                     ? 
_reflns.number_obs                                     25890 
_reflns.observed_criterion                             ? 
_reflns.observed_criterion_F_max                       ? 
_reflns.observed_criterion_F_min                       ? 
_reflns.observed_criterion_I_max                       ? 
_reflns.observed_criterion_I_min                       ? 
_reflns.observed_criterion_sigma_F                     ? 
_reflns.observed_criterion_sigma_I                     ? 
_reflns.percent_possible_obs                           98.2 
_reflns.R_free_details                                 ? 
_reflns.Rmerge_F_all                                   ? 
_reflns.Rmerge_F_obs                                   ? 
_reflns.Friedel_coverage                               ? 
_reflns.number_gt                                      ? 
_reflns.threshold_expression                           ? 
_reflns.pdbx_redundancy                                10.3 
_reflns.pdbx_netI_over_av_sigmaI                       ? 
_reflns.pdbx_netI_over_sigmaI                          33.57 
_reflns.pdbx_res_netI_over_av_sigmaI_2                 ? 
_reflns.pdbx_res_netI_over_sigmaI_2                    ? 
_reflns.pdbx_chi_squared                               ? 
_reflns.pdbx_scaling_rejects                           ? 
_reflns.pdbx_d_res_high_opt                            ? 
_reflns.pdbx_d_res_low_opt                             ? 
_reflns.pdbx_d_res_opt_method                          ? 
_reflns.phase_calculation_details                      ? 
_reflns.pdbx_Rrim_I_all                                ? 
_reflns.pdbx_Rpim_I_all                                ? 
_reflns.pdbx_d_opt                                     ? 
_reflns.pdbx_number_measured_all                       ? 
_reflns.pdbx_diffrn_id                                 1 
_reflns.pdbx_ordinal                                   1 
_reflns.pdbx_CC_half                                   1.0 
_reflns.pdbx_CC_star                                   ? 
_reflns.pdbx_R_split                                   ? 
_reflns.pdbx_Rmerge_I_obs                              ? 
_reflns.pdbx_Rmerge_I_all                              ? 
_reflns.pdbx_Rsym_value                                0.029 
_reflns.pdbx_CC_split_method                           ? 
_reflns.pdbx_aniso_diffraction_limit_axis_1_ortho[1]   ? 
_reflns.pdbx_aniso_diffraction_limit_axis_1_ortho[2]   ? 
_reflns.pdbx_aniso_diffraction_limit_axis_1_ortho[3]   ? 
_reflns.pdbx_aniso_diffraction_limit_axis_2_ortho[1]   ? 
_reflns.pdbx_aniso_diffraction_limit_axis_2_ortho[2]   ? 
_reflns.pdbx_aniso_diffraction_limit_axis_2_ortho[3]   ? 
_reflns.pdbx_aniso_diffraction_limit_axis_3_ortho[1]   ? 
_reflns.pdbx_aniso_diffraction_limit_axis_3_ortho[2]   ? 
_reflns.pdbx_aniso_diffraction_limit_axis_3_ortho[3]   ? 
_reflns.pdbx_aniso_diffraction_limit_1                 ? 
_reflns.pdbx_aniso_diffraction_limit_2                 ? 
_reflns.pdbx_aniso_diffraction_limit_3                 ? 
_reflns.pdbx_aniso_B_tensor_eigenvector_1_ortho[1]     ? 
_reflns.pdbx_aniso_B_tensor_eigenvector_1_ortho[2]     ? 
_reflns.pdbx_aniso_B_tensor_eigenvector_1_ortho[3]     ? 
_reflns.pdbx_aniso_B_tensor_eigenvector_2_ortho[1]     ? 
_reflns.pdbx_aniso_B_tensor_eigenvector_2_ortho[2]     ? 
_reflns.pdbx_aniso_B_tensor_eigenvector_2_ortho[3]     ? 
_reflns.pdbx_aniso_B_tensor_eigenvector_3_ortho[1]     ? 
_reflns.pdbx_aniso_B_tensor_eigenvector_3_ortho[2]     ? 
_reflns.pdbx_aniso_B_tensor_eigenvector_3_ortho[3]     ? 
_reflns.pdbx_aniso_B_tensor_eigenvalue_1               ? 
_reflns.pdbx_aniso_B_tensor_eigenvalue_2               ? 
_reflns.pdbx_aniso_B_tensor_eigenvalue_3               ? 
_reflns.pdbx_orthogonalization_convention              ? 
_reflns.pdbx_percent_possible_ellipsoidal              ? 
_reflns.pdbx_percent_possible_spherical                ? 
_reflns.pdbx_percent_possible_ellipsoidal_anomalous    ? 
_reflns.pdbx_percent_possible_spherical_anomalous      ? 
_reflns.pdbx_redundancy_anomalous                      ? 
_reflns.pdbx_CC_half_anomalous                         ? 
_reflns.pdbx_absDiff_over_sigma_anomalous              ? 
_reflns.pdbx_percent_possible_anomalous                ? 
_reflns.pdbx_observed_signal_threshold                 ? 
_reflns.pdbx_signal_type                               ? 
_reflns.pdbx_signal_details                            ? 
_reflns.pdbx_signal_software_id                        ? 
# 
_reflns_shell.d_res_high                                    1.50 
_reflns_shell.d_res_low                                     1.54 
_reflns_shell.meanI_over_sigI_all                           ? 
_reflns_shell.meanI_over_sigI_obs                           1.90 
_reflns_shell.number_measured_all                           ? 
_reflns_shell.number_measured_obs                           ? 
_reflns_shell.number_possible                               ? 
_reflns_shell.number_unique_all                             ? 
_reflns_shell.number_unique_obs                             1632 
_reflns_shell.percent_possible_obs                          ? 
_reflns_shell.Rmerge_F_all                                  ? 
_reflns_shell.Rmerge_F_obs                                  ? 
_reflns_shell.meanI_over_sigI_gt                            ? 
_reflns_shell.meanI_over_uI_all                             ? 
_reflns_shell.meanI_over_uI_gt                              ? 
_reflns_shell.number_measured_gt                            ? 
_reflns_shell.number_unique_gt                              ? 
_reflns_shell.percent_possible_gt                           ? 
_reflns_shell.Rmerge_F_gt                                   ? 
_reflns_shell.Rmerge_I_gt                                   ? 
_reflns_shell.pdbx_redundancy                               ? 
_reflns_shell.pdbx_chi_squared                              ? 
_reflns_shell.pdbx_netI_over_sigmaI_all                     ? 
_reflns_shell.pdbx_netI_over_sigmaI_obs                     ? 
_reflns_shell.pdbx_Rrim_I_all                               ? 
_reflns_shell.pdbx_Rpim_I_all                               ? 
_reflns_shell.pdbx_rejects                                  ? 
_reflns_shell.pdbx_ordinal                                  1 
_reflns_shell.pdbx_diffrn_id                                1 
_reflns_shell.pdbx_CC_half                                  0.808 
_reflns_shell.pdbx_CC_star                                  ? 
_reflns_shell.pdbx_R_split                                  ? 
_reflns_shell.percent_possible_all                          ? 
_reflns_shell.Rmerge_I_all                                  ? 
_reflns_shell.Rmerge_I_obs                                  ? 
_reflns_shell.pdbx_Rsym_value                               1.057 
_reflns_shell.pdbx_percent_possible_ellipsoidal             ? 
_reflns_shell.pdbx_percent_possible_spherical               ? 
_reflns_shell.pdbx_percent_possible_ellipsoidal_anomalous   ? 
_reflns_shell.pdbx_percent_possible_spherical_anomalous     ? 
_reflns_shell.pdbx_redundancy_anomalous                     ? 
_reflns_shell.pdbx_CC_half_anomalous                        ? 
_reflns_shell.pdbx_absDiff_over_sigma_anomalous             ? 
_reflns_shell.pdbx_percent_possible_anomalous               ? 
# 
_refine.aniso_B[1][1]                            ? 
_refine.aniso_B[1][2]                            ? 
_refine.aniso_B[1][3]                            ? 
_refine.aniso_B[2][2]                            ? 
_refine.aniso_B[2][3]                            ? 
_refine.aniso_B[3][3]                            ? 
_refine.B_iso_max                                ? 
_refine.B_iso_mean                               35.82 
_refine.B_iso_min                                ? 
_refine.correlation_coeff_Fo_to_Fc               ? 
_refine.correlation_coeff_Fo_to_Fc_free          ? 
_refine.details                                  ? 
_refine.diff_density_max                         ? 
_refine.diff_density_max_esd                     ? 
_refine.diff_density_min                         ? 
_refine.diff_density_min_esd                     ? 
_refine.diff_density_rms                         ? 
_refine.diff_density_rms_esd                     ? 
_refine.entry_id                                 8VO3 
_refine.pdbx_refine_id                           'X-RAY DIFFRACTION' 
_refine.ls_abs_structure_details                 ? 
_refine.ls_abs_structure_Flack                   ? 
_refine.ls_abs_structure_Flack_esd               ? 
_refine.ls_abs_structure_Rogers                  ? 
_refine.ls_abs_structure_Rogers_esd              ? 
_refine.ls_d_res_high                            1.50 
_refine.ls_d_res_low                             36.92 
_refine.ls_extinction_coef                       ? 
_refine.ls_extinction_coef_esd                   ? 
_refine.ls_extinction_expression                 ? 
_refine.ls_extinction_method                     ? 
_refine.ls_goodness_of_fit_all                   ? 
_refine.ls_goodness_of_fit_all_esd               ? 
_refine.ls_goodness_of_fit_obs                   ? 
_refine.ls_goodness_of_fit_obs_esd               ? 
_refine.ls_hydrogen_treatment                    ? 
_refine.ls_matrix_type                           ? 
_refine.ls_number_constraints                    ? 
_refine.ls_number_parameters                     ? 
_refine.ls_number_reflns_all                     ? 
_refine.ls_number_reflns_obs                     25857 
_refine.ls_number_reflns_R_free                  1999 
_refine.ls_number_reflns_R_work                  23858 
_refine.ls_number_restraints                     ? 
_refine.ls_percent_reflns_obs                    98.14 
_refine.ls_percent_reflns_R_free                 7.73 
_refine.ls_R_factor_all                          ? 
_refine.ls_R_factor_obs                          0.2112 
_refine.ls_R_factor_R_free                       0.2390 
_refine.ls_R_factor_R_free_error                 ? 
_refine.ls_R_factor_R_free_error_details         ? 
_refine.ls_R_factor_R_work                       0.2088 
_refine.ls_R_Fsqd_factor_obs                     ? 
_refine.ls_R_I_factor_obs                        ? 
_refine.ls_redundancy_reflns_all                 ? 
_refine.ls_redundancy_reflns_obs                 ? 
_refine.ls_restrained_S_all                      ? 
_refine.ls_restrained_S_obs                      ? 
_refine.ls_shift_over_esd_max                    ? 
_refine.ls_shift_over_esd_mean                   ? 
_refine.ls_structure_factor_coef                 ? 
_refine.ls_weighting_details                     ? 
_refine.ls_weighting_scheme                      ? 
_refine.ls_wR_factor_all                         ? 
_refine.ls_wR_factor_obs                         ? 
_refine.ls_wR_factor_R_free                      ? 
_refine.ls_wR_factor_R_work                      ? 
_refine.occupancy_max                            ? 
_refine.occupancy_min                            ? 
_refine.solvent_model_details                    'FLAT BULK SOLVENT MODEL' 
_refine.solvent_model_param_bsol                 ? 
_refine.solvent_model_param_ksol                 ? 
_refine.pdbx_R_complete                          ? 
_refine.ls_R_factor_gt                           ? 
_refine.ls_goodness_of_fit_gt                    ? 
_refine.ls_goodness_of_fit_ref                   ? 
_refine.ls_shift_over_su_max                     ? 
_refine.ls_shift_over_su_max_lt                  ? 
_refine.ls_shift_over_su_mean                    ? 
_refine.ls_shift_over_su_mean_lt                 ? 
_refine.pdbx_ls_sigma_I                          ? 
_refine.pdbx_ls_sigma_F                          1.34 
_refine.pdbx_ls_sigma_Fsqd                       ? 
_refine.pdbx_data_cutoff_high_absF               ? 
_refine.pdbx_data_cutoff_high_rms_absF           ? 
_refine.pdbx_data_cutoff_low_absF                ? 
_refine.pdbx_isotropic_thermal_model             ? 
_refine.pdbx_ls_cross_valid_method               'FREE R-VALUE' 
_refine.pdbx_method_to_determine_struct          'MOLECULAR REPLACEMENT' 
_refine.pdbx_starting_model                      ? 
_refine.pdbx_stereochemistry_target_values       'GeoStd + Monomer Library + CDL v1.2' 
_refine.pdbx_R_Free_selection_details            ? 
_refine.pdbx_stereochem_target_val_spec_case     ? 
_refine.pdbx_overall_ESU_R                       ? 
_refine.pdbx_overall_ESU_R_Free                  ? 
_refine.pdbx_solvent_vdw_probe_radii             1.1100 
_refine.pdbx_solvent_ion_probe_radii             ? 
_refine.pdbx_solvent_shrinkage_radii             0.9000 
_refine.pdbx_real_space_R                        ? 
_refine.pdbx_density_correlation                 ? 
_refine.pdbx_pd_number_of_powder_patterns        ? 
_refine.pdbx_pd_number_of_points                 ? 
_refine.pdbx_pd_meas_number_of_points            ? 
_refine.pdbx_pd_proc_ls_prof_R_factor            ? 
_refine.pdbx_pd_proc_ls_prof_wR_factor           ? 
_refine.pdbx_pd_Marquardt_correlation_coeff      ? 
_refine.pdbx_pd_Fsqrd_R_factor                   ? 
_refine.pdbx_pd_ls_matrix_band_width             ? 
_refine.pdbx_overall_phase_error                 26.4851 
_refine.pdbx_overall_SU_R_free_Cruickshank_DPI   ? 
_refine.pdbx_overall_SU_R_free_Blow_DPI          ? 
_refine.pdbx_overall_SU_R_Blow_DPI               ? 
_refine.pdbx_TLS_residual_ADP_flag               ? 
_refine.pdbx_diffrn_id                           1 
_refine.overall_SU_B                             ? 
_refine.overall_SU_ML                            0.1984 
_refine.overall_SU_R_Cruickshank_DPI             ? 
_refine.overall_SU_R_free                        ? 
_refine.overall_FOM_free_R_set                   ? 
_refine.overall_FOM_work_R_set                   ? 
_refine.pdbx_average_fsc_overall                 ? 
_refine.pdbx_average_fsc_work                    ? 
_refine.pdbx_average_fsc_free                    ? 
# 
_refine_hist.pdbx_refine_id                   'X-RAY DIFFRACTION' 
_refine_hist.cycle_id                         LAST 
_refine_hist.details                          ? 
_refine_hist.d_res_high                       1.50 
_refine_hist.d_res_low                        36.92 
_refine_hist.number_atoms_solvent             115 
_refine_hist.number_atoms_total               1284 
_refine_hist.number_reflns_all                ? 
_refine_hist.number_reflns_obs                ? 
_refine_hist.number_reflns_R_free             ? 
_refine_hist.number_reflns_R_work             ? 
_refine_hist.R_factor_all                     ? 
_refine_hist.R_factor_obs                     ? 
_refine_hist.R_factor_R_free                  ? 
_refine_hist.R_factor_R_work                  ? 
_refine_hist.pdbx_number_residues_total       ? 
_refine_hist.pdbx_B_iso_mean_ligand           ? 
_refine_hist.pdbx_B_iso_mean_solvent          ? 
_refine_hist.pdbx_number_atoms_protein        1144 
_refine_hist.pdbx_number_atoms_nucleic_acid   0 
_refine_hist.pdbx_number_atoms_ligand         25 
_refine_hist.pdbx_number_atoms_lipid          ? 
_refine_hist.pdbx_number_atoms_carb           ? 
_refine_hist.pdbx_pseudo_atom_details         ? 
# 
loop_
_refine_ls_restr.pdbx_refine_id 
_refine_ls_restr.criterion 
_refine_ls_restr.dev_ideal 
_refine_ls_restr.dev_ideal_target 
_refine_ls_restr.number 
_refine_ls_restr.rejects 
_refine_ls_restr.type 
_refine_ls_restr.weight 
_refine_ls_restr.pdbx_restraint_function 
'X-RAY DIFFRACTION' ? 0.0094  ? 1219 ? f_bond_d           ? ? 
'X-RAY DIFFRACTION' ? 1.1310  ? 1657 ? f_angle_d          ? ? 
'X-RAY DIFFRACTION' ? 0.1009  ? 184  ? f_chiral_restr     ? ? 
'X-RAY DIFFRACTION' ? 0.0063  ? 209  ? f_plane_restr      ? ? 
'X-RAY DIFFRACTION' ? 14.0499 ? 432  ? f_dihedral_angle_d ? ? 
# 
loop_
_refine_ls_shell.pdbx_refine_id 
_refine_ls_shell.d_res_high 
_refine_ls_shell.d_res_low 
_refine_ls_shell.number_reflns_all 
_refine_ls_shell.number_reflns_obs 
_refine_ls_shell.number_reflns_R_free 
_refine_ls_shell.number_reflns_R_work 
_refine_ls_shell.percent_reflns_obs 
_refine_ls_shell.percent_reflns_R_free 
_refine_ls_shell.R_factor_all 
_refine_ls_shell.R_factor_obs 
_refine_ls_shell.R_factor_R_free_error 
_refine_ls_shell.R_factor_R_work 
_refine_ls_shell.redundancy_reflns_all 
_refine_ls_shell.redundancy_reflns_obs 
_refine_ls_shell.wR_factor_all 
_refine_ls_shell.wR_factor_obs 
_refine_ls_shell.wR_factor_R_free 
_refine_ls_shell.wR_factor_R_work 
_refine_ls_shell.pdbx_R_complete 
_refine_ls_shell.pdbx_total_number_of_bins_used 
_refine_ls_shell.pdbx_phase_error 
_refine_ls_shell.pdbx_fsc_work 
_refine_ls_shell.pdbx_fsc_free 
_refine_ls_shell.R_factor_R_free 
'X-RAY DIFFRACTION' 1.50 1.53  . . 121 1454 84.45 . . . . 0.3009 . . . . . . . . . . . 0.3146 
'X-RAY DIFFRACTION' 1.54 1.58  . . 136 1603 94.72 . . . . 0.2715 . . . . . . . . . . . 0.2737 
'X-RAY DIFFRACTION' 1.58 1.62  . . 143 1713 99.04 . . . . 0.2647 . . . . . . . . . . . 0.2778 
'X-RAY DIFFRACTION' 1.62 1.68  . . 141 1698 99.73 . . . . 0.2514 . . . . . . . . . . . 0.3009 
'X-RAY DIFFRACTION' 1.68 1.74  . . 145 1726 99.68 . . . . 0.2522 . . . . . . . . . . . 0.3438 
'X-RAY DIFFRACTION' 1.74 1.80  . . 144 1718 99.47 . . . . 0.2356 . . . . . . . . . . . 0.2951 
'X-RAY DIFFRACTION' 1.80 1.89  . . 144 1712 99.57 . . . . 0.2324 . . . . . . . . . . . 0.2528 
'X-RAY DIFFRACTION' 1.89 1.99  . . 142 1708 99.62 . . . . 0.2456 . . . . . . . . . . . 0.2526 
'X-RAY DIFFRACTION' 1.99 2.11  . . 144 1711 99.68 . . . . 0.2152 . . . . . . . . . . . 0.2421 
'X-RAY DIFFRACTION' 2.11 2.27  . . 146 1743 99.58 . . . . 0.2090 . . . . . . . . . . . 0.2784 
'X-RAY DIFFRACTION' 2.27 2.50  . . 144 1717 99.84 . . . . 0.2152 . . . . . . . . . . . 0.2305 
'X-RAY DIFFRACTION' 2.50 2.86  . . 147 1760 99.53 . . . . 0.2173 . . . . . . . . . . . 0.2531 
'X-RAY DIFFRACTION' 2.86 3.61  . . 148 1764 99.58 . . . . 0.1958 . . . . . . . . . . . 0.2263 
'X-RAY DIFFRACTION' 3.61 36.92 . . 154 1831 99.25 . . . . 0.1864 . . . . . . . . . . . 0.2114 
# 
_struct.entry_id                     8VO3 
_struct.title                        'Pathogenesis related 10-10 C59S mutant papaverine complex' 
_struct.pdbx_model_details           ? 
_struct.pdbx_formula_weight          ? 
_struct.pdbx_formula_weight_method   ? 
_struct.pdbx_model_type_details      ? 
_struct.pdbx_CASP_flag               N 
# 
_struct_keywords.entry_id        8VO3 
_struct_keywords.text            
;Opium poppy, papaver somniferum, benzylisoquinoline alkaloid, binding protein, latex, pathogenesis related protein, major latex protein, PLANT PROTEIN
;
_struct_keywords.pdbx_keywords   'PLANT PROTEIN' 
# 
loop_
_struct_asym.id 
_struct_asym.pdbx_blank_PDB_chainid_flag 
_struct_asym.pdbx_modified 
_struct_asym.entity_id 
_struct_asym.details 
A N N 1 ? 
B N N 2 ? 
C N N 3 ? 
# 
_struct_ref.id                         1 
_struct_ref.db_name                    PDB 
_struct_ref.db_code                    8VO3 
_struct_ref.pdbx_db_accession          8VO3 
_struct_ref.pdbx_db_isoform            ? 
_struct_ref.entity_id                  1 
_struct_ref.pdbx_seq_one_letter_code   ? 
_struct_ref.pdbx_align_begin           1 
# 
_struct_ref_seq.align_id                      1 
_struct_ref_seq.ref_id                        1 
_struct_ref_seq.pdbx_PDB_id_code              8VO3 
_struct_ref_seq.pdbx_strand_id                A 
_struct_ref_seq.seq_align_beg                 1 
_struct_ref_seq.pdbx_seq_align_beg_ins_code   ? 
_struct_ref_seq.seq_align_end                 158 
_struct_ref_seq.pdbx_seq_align_end_ins_code   ? 
_struct_ref_seq.pdbx_db_accession             8VO3 
_struct_ref_seq.db_align_beg                  1 
_struct_ref_seq.pdbx_db_align_beg_ins_code    ? 
_struct_ref_seq.db_align_end                  158 
_struct_ref_seq.pdbx_db_align_end_ins_code    ? 
_struct_ref_seq.pdbx_auth_seq_align_beg       1 
_struct_ref_seq.pdbx_auth_seq_align_end       158 
# 
_pdbx_struct_assembly.id                   1 
_pdbx_struct_assembly.details              author_and_software_defined_assembly 
_pdbx_struct_assembly.method_details       PISA 
_pdbx_struct_assembly.oligomeric_details   dimeric 
_pdbx_struct_assembly.oligomeric_count     2 
# 
loop_
_pdbx_struct_assembly_prop.biol_id 
_pdbx_struct_assembly_prop.type 
_pdbx_struct_assembly_prop.value 
_pdbx_struct_assembly_prop.details 
1 'ABSA (A^2)' 1560  ? 
1 MORE         -8    ? 
1 'SSA (A^2)'  16020 ? 
# 
_pdbx_struct_assembly_gen.assembly_id       1 
_pdbx_struct_assembly_gen.oper_expression   1,2 
_pdbx_struct_assembly_gen.asym_id_list      A,B,C 
# 
loop_
_pdbx_struct_oper_list.id 
_pdbx_struct_oper_list.type 
_pdbx_struct_oper_list.name 
_pdbx_struct_oper_list.symmetry_operation 
_pdbx_struct_oper_list.matrix[1][1] 
_pdbx_struct_oper_list.matrix[1][2] 
_pdbx_struct_oper_list.matrix[1][3] 
_pdbx_struct_oper_list.vector[1] 
_pdbx_struct_oper_list.matrix[2][1] 
_pdbx_struct_oper_list.matrix[2][2] 
_pdbx_struct_oper_list.matrix[2][3] 
_pdbx_struct_oper_list.vector[2] 
_pdbx_struct_oper_list.matrix[3][1] 
_pdbx_struct_oper_list.matrix[3][2] 
_pdbx_struct_oper_list.matrix[3][3] 
_pdbx_struct_oper_list.vector[3] 
1 'identity operation'         1_555 x,y,z       1.0000000000  0.0000000000  0.0000000000 0.0000000000 0.0000000000  1.0000000000 0.0000000000  0.0000000000  0.0000000000 0.0000000000  1.0000000000  0.0000000000   
2 'crystal symmetry operation' 3_555 -x,y,-z+1/2 -0.9989534432 -0.0454806712 0.0048504486 4.3360698790 -0.0454806712 0.9764731998 -0.2107880421 -2.7379090273 0.0048504486 -0.2107880421 -0.9775197566 -26.6078242858 
# 
loop_
_struct_conf.conf_type_id 
_struct_conf.id 
_struct_conf.pdbx_PDB_helix_id 
_struct_conf.beg_label_comp_id 
_struct_conf.beg_label_asym_id 
_struct_conf.beg_label_seq_id 
_struct_conf.pdbx_beg_PDB_ins_code 
_struct_conf.end_label_comp_id 
_struct_conf.end_label_asym_id 
_struct_conf.end_label_seq_id 
_struct_conf.pdbx_end_PDB_ins_code 
_struct_conf.beg_auth_comp_id 
_struct_conf.beg_auth_asym_id 
_struct_conf.beg_auth_seq_id 
_struct_conf.end_auth_comp_id 
_struct_conf.end_auth_asym_id 
_struct_conf.end_auth_seq_id 
_struct_conf.pdbx_PDB_helix_class 
_struct_conf.details 
_struct_conf.pdbx_PDB_helix_length 
HELX_P HELX_P1 AA1 ASP A 22  ? HIS A 32  ? ASP A 22  HIS A 32  1 ? 11 
HELX_P HELX_P2 AA2 ASP A 82  ? THR A 84  ? ASP A 82  THR A 84  5 ? 3  
HELX_P HELX_P3 AA3 ALA A 96  ? LYS A 98  ? ALA A 96  LYS A 98  5 ? 3  
HELX_P HELX_P4 AA4 PRO A 136 ? HIS A 153 ? PRO A 136 HIS A 153 1 ? 18 
# 
_struct_conf_type.id          HELX_P 
_struct_conf_type.criteria    ? 
_struct_conf_type.reference   ? 
# 
_struct_sheet.id               AA1 
_struct_sheet.type             ? 
_struct_sheet.number_strands   7 
_struct_sheet.details          ? 
# 
loop_
_struct_sheet_order.sheet_id 
_struct_sheet_order.range_id_1 
_struct_sheet_order.range_id_2 
_struct_sheet_order.offset 
_struct_sheet_order.sense 
AA1 1 2 ? anti-parallel 
AA1 2 3 ? anti-parallel 
AA1 3 4 ? anti-parallel 
AA1 4 5 ? anti-parallel 
AA1 5 6 ? anti-parallel 
AA1 6 7 ? anti-parallel 
# 
loop_
_struct_sheet_range.sheet_id 
_struct_sheet_range.id 
_struct_sheet_range.beg_label_comp_id 
_struct_sheet_range.beg_label_asym_id 
_struct_sheet_range.beg_label_seq_id 
_struct_sheet_range.pdbx_beg_PDB_ins_code 
_struct_sheet_range.end_label_comp_id 
_struct_sheet_range.end_label_asym_id 
_struct_sheet_range.end_label_seq_id 
_struct_sheet_range.pdbx_end_PDB_ins_code 
_struct_sheet_range.beg_auth_comp_id 
_struct_sheet_range.beg_auth_asym_id 
_struct_sheet_range.beg_auth_seq_id 
_struct_sheet_range.end_auth_comp_id 
_struct_sheet_range.end_auth_asym_id 
_struct_sheet_range.end_auth_seq_id 
AA1 1 VAL A 10  ? VAL A 19  ? VAL A 10  VAL A 19  
AA1 2 SER A 118 ? LYS A 128 ? SER A 118 LYS A 128 
AA1 3 TYR A 100 ? PRO A 111 ? TYR A 100 PRO A 111 
AA1 4 THR A 86  ? GLY A 94  ? THR A 86  GLY A 94  
AA1 5 LYS A 70  ? ALA A 81  ? LYS A 70  ALA A 81  
AA1 6 VAL A 56  ? LEU A 67  ? VAL A 56  LEU A 67  
AA1 7 HIS A 42  ? THR A 50  ? HIS A 42  THR A 50  
# 
loop_
_pdbx_struct_sheet_hbond.sheet_id 
_pdbx_struct_sheet_hbond.range_id_1 
_pdbx_struct_sheet_hbond.range_id_2 
_pdbx_struct_sheet_hbond.range_1_label_atom_id 
_pdbx_struct_sheet_hbond.range_1_label_comp_id 
_pdbx_struct_sheet_hbond.range_1_label_asym_id 
_pdbx_struct_sheet_hbond.range_1_label_seq_id 
_pdbx_struct_sheet_hbond.range_1_PDB_ins_code 
_pdbx_struct_sheet_hbond.range_1_auth_atom_id 
_pdbx_struct_sheet_hbond.range_1_auth_comp_id 
_pdbx_struct_sheet_hbond.range_1_auth_asym_id 
_pdbx_struct_sheet_hbond.range_1_auth_seq_id 
_pdbx_struct_sheet_hbond.range_2_label_atom_id 
_pdbx_struct_sheet_hbond.range_2_label_comp_id 
_pdbx_struct_sheet_hbond.range_2_label_asym_id 
_pdbx_struct_sheet_hbond.range_2_label_seq_id 
_pdbx_struct_sheet_hbond.range_2_PDB_ins_code 
_pdbx_struct_sheet_hbond.range_2_auth_atom_id 
_pdbx_struct_sheet_hbond.range_2_auth_comp_id 
_pdbx_struct_sheet_hbond.range_2_auth_asym_id 
_pdbx_struct_sheet_hbond.range_2_auth_seq_id 
AA1 1 2 N VAL A 19  ? N VAL A 19  O SER A 118 ? O SER A 118 
AA1 2 3 O VAL A 119 ? O VAL A 119 N ASN A 110 ? N ASN A 110 
AA1 3 4 O VAL A 107 ? O VAL A 107 N LEU A 87  ? N LEU A 87  
AA1 4 5 O HIS A 90  ? O HIS A 90  N GLU A 77  ? N GLU A 77  
AA1 5 6 O MET A 72  ? O MET A 72  N TYR A 65  ? N TYR A 65  
AA1 6 7 O GLU A 62  ? O GLU A 62  N THR A 45  ? N THR A 45  
# 
_pdbx_entry_details.entry_id                   8VO3 
_pdbx_entry_details.has_ligand_of_interest     Y 
_pdbx_entry_details.compound_details           ? 
_pdbx_entry_details.source_details             ? 
_pdbx_entry_details.nonpolymer_details         ? 
_pdbx_entry_details.sequence_details           ? 
_pdbx_entry_details.has_protein_modification   N 
# 
loop_
_space_group_symop.id 
_space_group_symop.operation_xyz 
1 x,y,z               
2 x,-y,-z             
3 -x,y,-z+1/2         
4 -x,-y,z+1/2         
5 x+1/2,y+1/2,z       
6 x+1/2,-y+1/2,-z     
7 -x+1/2,y+1/2,-z+1/2 
8 -x+1/2,-y+1/2,z+1/2 
# 
loop_
_pdbx_unobs_or_zero_occ_residues.id 
_pdbx_unobs_or_zero_occ_residues.PDB_model_num 
_pdbx_unobs_or_zero_occ_residues.polymer_flag 
_pdbx_unobs_or_zero_occ_residues.occupancy_flag 
_pdbx_unobs_or_zero_occ_residues.auth_asym_id 
_pdbx_unobs_or_zero_occ_residues.auth_comp_id 
_pdbx_unobs_or_zero_occ_residues.auth_seq_id 
_pdbx_unobs_or_zero_occ_residues.PDB_ins_code 
_pdbx_unobs_or_zero_occ_residues.label_asym_id 
_pdbx_unobs_or_zero_occ_residues.label_comp_id 
_pdbx_unobs_or_zero_occ_residues.label_seq_id 
1  1 Y 1 A MET 1   ? A MET 1   
2  1 Y 1 A ALA 2   ? A ALA 2   
3  1 Y 1 A HIS 3   ? A HIS 3   
4  1 Y 1 A HIS 4   ? A HIS 4   
5  1 Y 1 A GLY 5   ? A GLY 5   
6  1 Y 1 A VAL 6   ? A VAL 6   
7  1 Y 1 A SER 7   ? A SER 7   
8  1 Y 1 A GLU 34  ? A GLU 34  
9  1 Y 1 A GLU 35  ? A GLU 35  
10 1 Y 1 A VAL 36  ? A VAL 36  
11 1 Y 1 A GLY 115 ? A GLY 115 
12 1 Y 1 A HIS 116 ? A HIS 116 
13 1 Y 1 A ALA 158 ? A ALA 158 
# 
loop_
_chem_comp_atom.comp_id 
_chem_comp_atom.atom_id 
_chem_comp_atom.type_symbol 
_chem_comp_atom.pdbx_aromatic_flag 
_chem_comp_atom.pdbx_stereo_config 
_chem_comp_atom.pdbx_ordinal 
ALA N    N N N 1   
ALA CA   C N S 2   
ALA C    C N N 3   
ALA O    O N N 4   
ALA CB   C N N 5   
ALA OXT  O N N 6   
ALA H    H N N 7   
ALA H2   H N N 8   
ALA HA   H N N 9   
ALA HB1  H N N 10  
ALA HB2  H N N 11  
ALA HB3  H N N 12  
ALA HXT  H N N 13  
ARG N    N N N 14  
ARG CA   C N S 15  
ARG C    C N N 16  
ARG O    O N N 17  
ARG CB   C N N 18  
ARG CG   C N N 19  
ARG CD   C N N 20  
ARG NE   N N N 21  
ARG CZ   C N N 22  
ARG NH1  N N N 23  
ARG NH2  N N N 24  
ARG OXT  O N N 25  
ARG H    H N N 26  
ARG H2   H N N 27  
ARG HA   H N N 28  
ARG HB2  H N N 29  
ARG HB3  H N N 30  
ARG HG2  H N N 31  
ARG HG3  H N N 32  
ARG HD2  H N N 33  
ARG HD3  H N N 34  
ARG HE   H N N 35  
ARG HH11 H N N 36  
ARG HH12 H N N 37  
ARG HH21 H N N 38  
ARG HH22 H N N 39  
ARG HXT  H N N 40  
ASN N    N N N 41  
ASN CA   C N S 42  
ASN C    C N N 43  
ASN O    O N N 44  
ASN CB   C N N 45  
ASN CG   C N N 46  
ASN OD1  O N N 47  
ASN ND2  N N N 48  
ASN OXT  O N N 49  
ASN H    H N N 50  
ASN H2   H N N 51  
ASN HA   H N N 52  
ASN HB2  H N N 53  
ASN HB3  H N N 54  
ASN HD21 H N N 55  
ASN HD22 H N N 56  
ASN HXT  H N N 57  
ASP N    N N N 58  
ASP CA   C N S 59  
ASP C    C N N 60  
ASP O    O N N 61  
ASP CB   C N N 62  
ASP CG   C N N 63  
ASP OD1  O N N 64  
ASP OD2  O N N 65  
ASP OXT  O N N 66  
ASP H    H N N 67  
ASP H2   H N N 68  
ASP HA   H N N 69  
ASP HB2  H N N 70  
ASP HB3  H N N 71  
ASP HD2  H N N 72  
ASP HXT  H N N 73  
CYS N    N N N 74  
CYS CA   C N R 75  
CYS C    C N N 76  
CYS O    O N N 77  
CYS CB   C N N 78  
CYS SG   S N N 79  
CYS OXT  O N N 80  
CYS H    H N N 81  
CYS H2   H N N 82  
CYS HA   H N N 83  
CYS HB2  H N N 84  
CYS HB3  H N N 85  
CYS HG   H N N 86  
CYS HXT  H N N 87  
EV1 C25  C N N 88  
EV1 O24  O N N 89  
EV1 C16  C Y N 90  
EV1 C15  C Y N 91  
EV1 O22  O N N 92  
EV1 C23  C N N 93  
EV1 C14  C Y N 94  
EV1 C13  C Y N 95  
EV1 C17  C Y N 96  
EV1 C12  C Y N 97  
EV1 C11  C N N 98  
EV1 C10  C Y N 99  
EV1 N9   N Y N 100 
EV1 C8   C Y N 101 
EV1 C7   C Y N 102 
EV1 C2   C Y N 103 
EV1 C3   C Y N 104 
EV1 C4   C Y N 105 
EV1 C5   C Y N 106 
EV1 O20  O N N 107 
EV1 C21  C N N 108 
EV1 C6   C Y N 109 
EV1 C1   C Y N 110 
EV1 O18  O N N 111 
EV1 C19  C N N 112 
EV1 H251 H N N 113 
EV1 H252 H N N 114 
EV1 H253 H N N 115 
EV1 H17  H N N 116 
EV1 H14  H N N 117 
EV1 H231 H N N 118 
EV1 H232 H N N 119 
EV1 H233 H N N 120 
EV1 H13  H N N 121 
EV1 H111 H N N 122 
EV1 H112 H N N 123 
EV1 H8   H N N 124 
EV1 H7   H N N 125 
EV1 H1   H N N 126 
EV1 H4   H N N 127 
EV1 H211 H N N 128 
EV1 H212 H N N 129 
EV1 H213 H N N 130 
EV1 H191 H N N 131 
EV1 H192 H N N 132 
EV1 H193 H N N 133 
GLN N    N N N 134 
GLN CA   C N S 135 
GLN C    C N N 136 
GLN O    O N N 137 
GLN CB   C N N 138 
GLN CG   C N N 139 
GLN CD   C N N 140 
GLN OE1  O N N 141 
GLN NE2  N N N 142 
GLN OXT  O N N 143 
GLN H    H N N 144 
GLN H2   H N N 145 
GLN HA   H N N 146 
GLN HB2  H N N 147 
GLN HB3  H N N 148 
GLN HG2  H N N 149 
GLN HG3  H N N 150 
GLN HE21 H N N 151 
GLN HE22 H N N 152 
GLN HXT  H N N 153 
GLU N    N N N 154 
GLU CA   C N S 155 
GLU C    C N N 156 
GLU O    O N N 157 
GLU CB   C N N 158 
GLU CG   C N N 159 
GLU CD   C N N 160 
GLU OE1  O N N 161 
GLU OE2  O N N 162 
GLU OXT  O N N 163 
GLU H    H N N 164 
GLU H2   H N N 165 
GLU HA   H N N 166 
GLU HB2  H N N 167 
GLU HB3  H N N 168 
GLU HG2  H N N 169 
GLU HG3  H N N 170 
GLU HE2  H N N 171 
GLU HXT  H N N 172 
GLY N    N N N 173 
GLY CA   C N N 174 
GLY C    C N N 175 
GLY O    O N N 176 
GLY OXT  O N N 177 
GLY H    H N N 178 
GLY H2   H N N 179 
GLY HA2  H N N 180 
GLY HA3  H N N 181 
GLY HXT  H N N 182 
HIS N    N N N 183 
HIS CA   C N S 184 
HIS C    C N N 185 
HIS O    O N N 186 
HIS CB   C N N 187 
HIS CG   C Y N 188 
HIS ND1  N Y N 189 
HIS CD2  C Y N 190 
HIS CE1  C Y N 191 
HIS NE2  N Y N 192 
HIS OXT  O N N 193 
HIS H    H N N 194 
HIS H2   H N N 195 
HIS HA   H N N 196 
HIS HB2  H N N 197 
HIS HB3  H N N 198 
HIS HD1  H N N 199 
HIS HD2  H N N 200 
HIS HE1  H N N 201 
HIS HE2  H N N 202 
HIS HXT  H N N 203 
HOH O    O N N 204 
HOH H1   H N N 205 
HOH H2   H N N 206 
ILE N    N N N 207 
ILE CA   C N S 208 
ILE C    C N N 209 
ILE O    O N N 210 
ILE CB   C N S 211 
ILE CG1  C N N 212 
ILE CG2  C N N 213 
ILE CD1  C N N 214 
ILE OXT  O N N 215 
ILE H    H N N 216 
ILE H2   H N N 217 
ILE HA   H N N 218 
ILE HB   H N N 219 
ILE HG12 H N N 220 
ILE HG13 H N N 221 
ILE HG21 H N N 222 
ILE HG22 H N N 223 
ILE HG23 H N N 224 
ILE HD11 H N N 225 
ILE HD12 H N N 226 
ILE HD13 H N N 227 
ILE HXT  H N N 228 
LEU N    N N N 229 
LEU CA   C N S 230 
LEU C    C N N 231 
LEU O    O N N 232 
LEU CB   C N N 233 
LEU CG   C N N 234 
LEU CD1  C N N 235 
LEU CD2  C N N 236 
LEU OXT  O N N 237 
LEU H    H N N 238 
LEU H2   H N N 239 
LEU HA   H N N 240 
LEU HB2  H N N 241 
LEU HB3  H N N 242 
LEU HG   H N N 243 
LEU HD11 H N N 244 
LEU HD12 H N N 245 
LEU HD13 H N N 246 
LEU HD21 H N N 247 
LEU HD22 H N N 248 
LEU HD23 H N N 249 
LEU HXT  H N N 250 
LYS N    N N N 251 
LYS CA   C N S 252 
LYS C    C N N 253 
LYS O    O N N 254 
LYS CB   C N N 255 
LYS CG   C N N 256 
LYS CD   C N N 257 
LYS CE   C N N 258 
LYS NZ   N N N 259 
LYS OXT  O N N 260 
LYS H    H N N 261 
LYS H2   H N N 262 
LYS HA   H N N 263 
LYS HB2  H N N 264 
LYS HB3  H N N 265 
LYS HG2  H N N 266 
LYS HG3  H N N 267 
LYS HD2  H N N 268 
LYS HD3  H N N 269 
LYS HE2  H N N 270 
LYS HE3  H N N 271 
LYS HZ1  H N N 272 
LYS HZ2  H N N 273 
LYS HZ3  H N N 274 
LYS HXT  H N N 275 
MET N    N N N 276 
MET CA   C N S 277 
MET C    C N N 278 
MET O    O N N 279 
MET CB   C N N 280 
MET CG   C N N 281 
MET SD   S N N 282 
MET CE   C N N 283 
MET OXT  O N N 284 
MET H    H N N 285 
MET H2   H N N 286 
MET HA   H N N 287 
MET HB2  H N N 288 
MET HB3  H N N 289 
MET HG2  H N N 290 
MET HG3  H N N 291 
MET HE1  H N N 292 
MET HE2  H N N 293 
MET HE3  H N N 294 
MET HXT  H N N 295 
PHE N    N N N 296 
PHE CA   C N S 297 
PHE C    C N N 298 
PHE O    O N N 299 
PHE CB   C N N 300 
PHE CG   C Y N 301 
PHE CD1  C Y N 302 
PHE CD2  C Y N 303 
PHE CE1  C Y N 304 
PHE CE2  C Y N 305 
PHE CZ   C Y N 306 
PHE OXT  O N N 307 
PHE H    H N N 308 
PHE H2   H N N 309 
PHE HA   H N N 310 
PHE HB2  H N N 311 
PHE HB3  H N N 312 
PHE HD1  H N N 313 
PHE HD2  H N N 314 
PHE HE1  H N N 315 
PHE HE2  H N N 316 
PHE HZ   H N N 317 
PHE HXT  H N N 318 
PRO N    N N N 319 
PRO CA   C N S 320 
PRO C    C N N 321 
PRO O    O N N 322 
PRO CB   C N N 323 
PRO CG   C N N 324 
PRO CD   C N N 325 
PRO OXT  O N N 326 
PRO H    H N N 327 
PRO HA   H N N 328 
PRO HB2  H N N 329 
PRO HB3  H N N 330 
PRO HG2  H N N 331 
PRO HG3  H N N 332 
PRO HD2  H N N 333 
PRO HD3  H N N 334 
PRO HXT  H N N 335 
SER N    N N N 336 
SER CA   C N S 337 
SER C    C N N 338 
SER O    O N N 339 
SER CB   C N N 340 
SER OG   O N N 341 
SER OXT  O N N 342 
SER H    H N N 343 
SER H2   H N N 344 
SER HA   H N N 345 
SER HB2  H N N 346 
SER HB3  H N N 347 
SER HG   H N N 348 
SER HXT  H N N 349 
THR N    N N N 350 
THR CA   C N S 351 
THR C    C N N 352 
THR O    O N N 353 
THR CB   C N R 354 
THR OG1  O N N 355 
THR CG2  C N N 356 
THR OXT  O N N 357 
THR H    H N N 358 
THR H2   H N N 359 
THR HA   H N N 360 
THR HB   H N N 361 
THR HG1  H N N 362 
THR HG21 H N N 363 
THR HG22 H N N 364 
THR HG23 H N N 365 
THR HXT  H N N 366 
TRP N    N N N 367 
TRP CA   C N S 368 
TRP C    C N N 369 
TRP O    O N N 370 
TRP CB   C N N 371 
TRP CG   C Y N 372 
TRP CD1  C Y N 373 
TRP CD2  C Y N 374 
TRP NE1  N Y N 375 
TRP CE2  C Y N 376 
TRP CE3  C Y N 377 
TRP CZ2  C Y N 378 
TRP CZ3  C Y N 379 
TRP CH2  C Y N 380 
TRP OXT  O N N 381 
TRP H    H N N 382 
TRP H2   H N N 383 
TRP HA   H N N 384 
TRP HB2  H N N 385 
TRP HB3  H N N 386 
TRP HD1  H N N 387 
TRP HE1  H N N 388 
TRP HE3  H N N 389 
TRP HZ2  H N N 390 
TRP HZ3  H N N 391 
TRP HH2  H N N 392 
TRP HXT  H N N 393 
TYR N    N N N 394 
TYR CA   C N S 395 
TYR C    C N N 396 
TYR O    O N N 397 
TYR CB   C N N 398 
TYR CG   C Y N 399 
TYR CD1  C Y N 400 
TYR CD2  C Y N 401 
TYR CE1  C Y N 402 
TYR CE2  C Y N 403 
TYR CZ   C Y N 404 
TYR OH   O N N 405 
TYR OXT  O N N 406 
TYR H    H N N 407 
TYR H2   H N N 408 
TYR HA   H N N 409 
TYR HB2  H N N 410 
TYR HB3  H N N 411 
TYR HD1  H N N 412 
TYR HD2  H N N 413 
TYR HE1  H N N 414 
TYR HE2  H N N 415 
TYR HH   H N N 416 
TYR HXT  H N N 417 
VAL N    N N N 418 
VAL CA   C N S 419 
VAL C    C N N 420 
VAL O    O N N 421 
VAL CB   C N N 422 
VAL CG1  C N N 423 
VAL CG2  C N N 424 
VAL OXT  O N N 425 
VAL H    H N N 426 
VAL H2   H N N 427 
VAL HA   H N N 428 
VAL HB   H N N 429 
VAL HG11 H N N 430 
VAL HG12 H N N 431 
VAL HG13 H N N 432 
VAL HG21 H N N 433 
VAL HG22 H N N 434 
VAL HG23 H N N 435 
VAL HXT  H N N 436 
# 
loop_
_chem_comp_bond.comp_id 
_chem_comp_bond.atom_id_1 
_chem_comp_bond.atom_id_2 
_chem_comp_bond.value_order 
_chem_comp_bond.pdbx_aromatic_flag 
_chem_comp_bond.pdbx_stereo_config 
_chem_comp_bond.pdbx_ordinal 
ALA N   CA   sing N N 1   
ALA N   H    sing N N 2   
ALA N   H2   sing N N 3   
ALA CA  C    sing N N 4   
ALA CA  CB   sing N N 5   
ALA CA  HA   sing N N 6   
ALA C   O    doub N N 7   
ALA C   OXT  sing N N 8   
ALA CB  HB1  sing N N 9   
ALA CB  HB2  sing N N 10  
ALA CB  HB3  sing N N 11  
ALA OXT HXT  sing N N 12  
ARG N   CA   sing N N 13  
ARG N   H    sing N N 14  
ARG N   H2   sing N N 15  
ARG CA  C    sing N N 16  
ARG CA  CB   sing N N 17  
ARG CA  HA   sing N N 18  
ARG C   O    doub N N 19  
ARG C   OXT  sing N N 20  
ARG CB  CG   sing N N 21  
ARG CB  HB2  sing N N 22  
ARG CB  HB3  sing N N 23  
ARG CG  CD   sing N N 24  
ARG CG  HG2  sing N N 25  
ARG CG  HG3  sing N N 26  
ARG CD  NE   sing N N 27  
ARG CD  HD2  sing N N 28  
ARG CD  HD3  sing N N 29  
ARG NE  CZ   sing N N 30  
ARG NE  HE   sing N N 31  
ARG CZ  NH1  sing N N 32  
ARG CZ  NH2  doub N N 33  
ARG NH1 HH11 sing N N 34  
ARG NH1 HH12 sing N N 35  
ARG NH2 HH21 sing N N 36  
ARG NH2 HH22 sing N N 37  
ARG OXT HXT  sing N N 38  
ASN N   CA   sing N N 39  
ASN N   H    sing N N 40  
ASN N   H2   sing N N 41  
ASN CA  C    sing N N 42  
ASN CA  CB   sing N N 43  
ASN CA  HA   sing N N 44  
ASN C   O    doub N N 45  
ASN C   OXT  sing N N 46  
ASN CB  CG   sing N N 47  
ASN CB  HB2  sing N N 48  
ASN CB  HB3  sing N N 49  
ASN CG  OD1  doub N N 50  
ASN CG  ND2  sing N N 51  
ASN ND2 HD21 sing N N 52  
ASN ND2 HD22 sing N N 53  
ASN OXT HXT  sing N N 54  
ASP N   CA   sing N N 55  
ASP N   H    sing N N 56  
ASP N   H2   sing N N 57  
ASP CA  C    sing N N 58  
ASP CA  CB   sing N N 59  
ASP CA  HA   sing N N 60  
ASP C   O    doub N N 61  
ASP C   OXT  sing N N 62  
ASP CB  CG   sing N N 63  
ASP CB  HB2  sing N N 64  
ASP CB  HB3  sing N N 65  
ASP CG  OD1  doub N N 66  
ASP CG  OD2  sing N N 67  
ASP OD2 HD2  sing N N 68  
ASP OXT HXT  sing N N 69  
CYS N   CA   sing N N 70  
CYS N   H    sing N N 71  
CYS N   H2   sing N N 72  
CYS CA  C    sing N N 73  
CYS CA  CB   sing N N 74  
CYS CA  HA   sing N N 75  
CYS C   O    doub N N 76  
CYS C   OXT  sing N N 77  
CYS CB  SG   sing N N 78  
CYS CB  HB2  sing N N 79  
CYS CB  HB3  sing N N 80  
CYS SG  HG   sing N N 81  
CYS OXT HXT  sing N N 82  
EV1 C25 O24  sing N N 83  
EV1 O24 C16  sing N N 84  
EV1 C16 C15  sing Y N 85  
EV1 C16 C17  doub Y N 86  
EV1 C15 O22  sing N N 87  
EV1 C15 C14  doub Y N 88  
EV1 O22 C23  sing N N 89  
EV1 C14 C13  sing Y N 90  
EV1 C13 C12  doub Y N 91  
EV1 C17 C12  sing Y N 92  
EV1 C12 C11  sing N N 93  
EV1 C11 C10  sing N N 94  
EV1 C10 N9   sing Y N 95  
EV1 C10 C3   doub Y N 96  
EV1 N9  C8   doub Y N 97  
EV1 C8  C7   sing Y N 98  
EV1 C7  C2   doub Y N 99  
EV1 C2  C3   sing Y N 100 
EV1 C2  C1   sing Y N 101 
EV1 C3  C4   sing Y N 102 
EV1 C4  C5   doub Y N 103 
EV1 C5  O20  sing N N 104 
EV1 C5  C6   sing Y N 105 
EV1 O20 C21  sing N N 106 
EV1 C6  C1   doub Y N 107 
EV1 C6  O18  sing N N 108 
EV1 O18 C19  sing N N 109 
EV1 C25 H251 sing N N 110 
EV1 C25 H252 sing N N 111 
EV1 C25 H253 sing N N 112 
EV1 C17 H17  sing N N 113 
EV1 C14 H14  sing N N 114 
EV1 C23 H231 sing N N 115 
EV1 C23 H232 sing N N 116 
EV1 C23 H233 sing N N 117 
EV1 C13 H13  sing N N 118 
EV1 C11 H111 sing N N 119 
EV1 C11 H112 sing N N 120 
EV1 C8  H8   sing N N 121 
EV1 C7  H7   sing N N 122 
EV1 C1  H1   sing N N 123 
EV1 C4  H4   sing N N 124 
EV1 C21 H211 sing N N 125 
EV1 C21 H212 sing N N 126 
EV1 C21 H213 sing N N 127 
EV1 C19 H191 sing N N 128 
EV1 C19 H192 sing N N 129 
EV1 C19 H193 sing N N 130 
GLN N   CA   sing N N 131 
GLN N   H    sing N N 132 
GLN N   H2   sing N N 133 
GLN CA  C    sing N N 134 
GLN CA  CB   sing N N 135 
GLN CA  HA   sing N N 136 
GLN C   O    doub N N 137 
GLN C   OXT  sing N N 138 
GLN CB  CG   sing N N 139 
GLN CB  HB2  sing N N 140 
GLN CB  HB3  sing N N 141 
GLN CG  CD   sing N N 142 
GLN CG  HG2  sing N N 143 
GLN CG  HG3  sing N N 144 
GLN CD  OE1  doub N N 145 
GLN CD  NE2  sing N N 146 
GLN NE2 HE21 sing N N 147 
GLN NE2 HE22 sing N N 148 
GLN OXT HXT  sing N N 149 
GLU N   CA   sing N N 150 
GLU N   H    sing N N 151 
GLU N   H2   sing N N 152 
GLU CA  C    sing N N 153 
GLU CA  CB   sing N N 154 
GLU CA  HA   sing N N 155 
GLU C   O    doub N N 156 
GLU C   OXT  sing N N 157 
GLU CB  CG   sing N N 158 
GLU CB  HB2  sing N N 159 
GLU CB  HB3  sing N N 160 
GLU CG  CD   sing N N 161 
GLU CG  HG2  sing N N 162 
GLU CG  HG3  sing N N 163 
GLU CD  OE1  doub N N 164 
GLU CD  OE2  sing N N 165 
GLU OE2 HE2  sing N N 166 
GLU OXT HXT  sing N N 167 
GLY N   CA   sing N N 168 
GLY N   H    sing N N 169 
GLY N   H2   sing N N 170 
GLY CA  C    sing N N 171 
GLY CA  HA2  sing N N 172 
GLY CA  HA3  sing N N 173 
GLY C   O    doub N N 174 
GLY C   OXT  sing N N 175 
GLY OXT HXT  sing N N 176 
HIS N   CA   sing N N 177 
HIS N   H    sing N N 178 
HIS N   H2   sing N N 179 
HIS CA  C    sing N N 180 
HIS CA  CB   sing N N 181 
HIS CA  HA   sing N N 182 
HIS C   O    doub N N 183 
HIS C   OXT  sing N N 184 
HIS CB  CG   sing N N 185 
HIS CB  HB2  sing N N 186 
HIS CB  HB3  sing N N 187 
HIS CG  ND1  sing Y N 188 
HIS CG  CD2  doub Y N 189 
HIS ND1 CE1  doub Y N 190 
HIS ND1 HD1  sing N N 191 
HIS CD2 NE2  sing Y N 192 
HIS CD2 HD2  sing N N 193 
HIS CE1 NE2  sing Y N 194 
HIS CE1 HE1  sing N N 195 
HIS NE2 HE2  sing N N 196 
HIS OXT HXT  sing N N 197 
HOH O   H1   sing N N 198 
HOH O   H2   sing N N 199 
ILE N   CA   sing N N 200 
ILE N   H    sing N N 201 
ILE N   H2   sing N N 202 
ILE CA  C    sing N N 203 
ILE CA  CB   sing N N 204 
ILE CA  HA   sing N N 205 
ILE C   O    doub N N 206 
ILE C   OXT  sing N N 207 
ILE CB  CG1  sing N N 208 
ILE CB  CG2  sing N N 209 
ILE CB  HB   sing N N 210 
ILE CG1 CD1  sing N N 211 
ILE CG1 HG12 sing N N 212 
ILE CG1 HG13 sing N N 213 
ILE CG2 HG21 sing N N 214 
ILE CG2 HG22 sing N N 215 
ILE CG2 HG23 sing N N 216 
ILE CD1 HD11 sing N N 217 
ILE CD1 HD12 sing N N 218 
ILE CD1 HD13 sing N N 219 
ILE OXT HXT  sing N N 220 
LEU N   CA   sing N N 221 
LEU N   H    sing N N 222 
LEU N   H2   sing N N 223 
LEU CA  C    sing N N 224 
LEU CA  CB   sing N N 225 
LEU CA  HA   sing N N 226 
LEU C   O    doub N N 227 
LEU C   OXT  sing N N 228 
LEU CB  CG   sing N N 229 
LEU CB  HB2  sing N N 230 
LEU CB  HB3  sing N N 231 
LEU CG  CD1  sing N N 232 
LEU CG  CD2  sing N N 233 
LEU CG  HG   sing N N 234 
LEU CD1 HD11 sing N N 235 
LEU CD1 HD12 sing N N 236 
LEU CD1 HD13 sing N N 237 
LEU CD2 HD21 sing N N 238 
LEU CD2 HD22 sing N N 239 
LEU CD2 HD23 sing N N 240 
LEU OXT HXT  sing N N 241 
LYS N   CA   sing N N 242 
LYS N   H    sing N N 243 
LYS N   H2   sing N N 244 
LYS CA  C    sing N N 245 
LYS CA  CB   sing N N 246 
LYS CA  HA   sing N N 247 
LYS C   O    doub N N 248 
LYS C   OXT  sing N N 249 
LYS CB  CG   sing N N 250 
LYS CB  HB2  sing N N 251 
LYS CB  HB3  sing N N 252 
LYS CG  CD   sing N N 253 
LYS CG  HG2  sing N N 254 
LYS CG  HG3  sing N N 255 
LYS CD  CE   sing N N 256 
LYS CD  HD2  sing N N 257 
LYS CD  HD3  sing N N 258 
LYS CE  NZ   sing N N 259 
LYS CE  HE2  sing N N 260 
LYS CE  HE3  sing N N 261 
LYS NZ  HZ1  sing N N 262 
LYS NZ  HZ2  sing N N 263 
LYS NZ  HZ3  sing N N 264 
LYS OXT HXT  sing N N 265 
MET N   CA   sing N N 266 
MET N   H    sing N N 267 
MET N   H2   sing N N 268 
MET CA  C    sing N N 269 
MET CA  CB   sing N N 270 
MET CA  HA   sing N N 271 
MET C   O    doub N N 272 
MET C   OXT  sing N N 273 
MET CB  CG   sing N N 274 
MET CB  HB2  sing N N 275 
MET CB  HB3  sing N N 276 
MET CG  SD   sing N N 277 
MET CG  HG2  sing N N 278 
MET CG  HG3  sing N N 279 
MET SD  CE   sing N N 280 
MET CE  HE1  sing N N 281 
MET CE  HE2  sing N N 282 
MET CE  HE3  sing N N 283 
MET OXT HXT  sing N N 284 
PHE N   CA   sing N N 285 
PHE N   H    sing N N 286 
PHE N   H2   sing N N 287 
PHE CA  C    sing N N 288 
PHE CA  CB   sing N N 289 
PHE CA  HA   sing N N 290 
PHE C   O    doub N N 291 
PHE C   OXT  sing N N 292 
PHE CB  CG   sing N N 293 
PHE CB  HB2  sing N N 294 
PHE CB  HB3  sing N N 295 
PHE CG  CD1  doub Y N 296 
PHE CG  CD2  sing Y N 297 
PHE CD1 CE1  sing Y N 298 
PHE CD1 HD1  sing N N 299 
PHE CD2 CE2  doub Y N 300 
PHE CD2 HD2  sing N N 301 
PHE CE1 CZ   doub Y N 302 
PHE CE1 HE1  sing N N 303 
PHE CE2 CZ   sing Y N 304 
PHE CE2 HE2  sing N N 305 
PHE CZ  HZ   sing N N 306 
PHE OXT HXT  sing N N 307 
PRO N   CA   sing N N 308 
PRO N   CD   sing N N 309 
PRO N   H    sing N N 310 
PRO CA  C    sing N N 311 
PRO CA  CB   sing N N 312 
PRO CA  HA   sing N N 313 
PRO C   O    doub N N 314 
PRO C   OXT  sing N N 315 
PRO CB  CG   sing N N 316 
PRO CB  HB2  sing N N 317 
PRO CB  HB3  sing N N 318 
PRO CG  CD   sing N N 319 
PRO CG  HG2  sing N N 320 
PRO CG  HG3  sing N N 321 
PRO CD  HD2  sing N N 322 
PRO CD  HD3  sing N N 323 
PRO OXT HXT  sing N N 324 
SER N   CA   sing N N 325 
SER N   H    sing N N 326 
SER N   H2   sing N N 327 
SER CA  C    sing N N 328 
SER CA  CB   sing N N 329 
SER CA  HA   sing N N 330 
SER C   O    doub N N 331 
SER C   OXT  sing N N 332 
SER CB  OG   sing N N 333 
SER CB  HB2  sing N N 334 
SER CB  HB3  sing N N 335 
SER OG  HG   sing N N 336 
SER OXT HXT  sing N N 337 
THR N   CA   sing N N 338 
THR N   H    sing N N 339 
THR N   H2   sing N N 340 
THR CA  C    sing N N 341 
THR CA  CB   sing N N 342 
THR CA  HA   sing N N 343 
THR C   O    doub N N 344 
THR C   OXT  sing N N 345 
THR CB  OG1  sing N N 346 
THR CB  CG2  sing N N 347 
THR CB  HB   sing N N 348 
THR OG1 HG1  sing N N 349 
THR CG2 HG21 sing N N 350 
THR CG2 HG22 sing N N 351 
THR CG2 HG23 sing N N 352 
THR OXT HXT  sing N N 353 
TRP N   CA   sing N N 354 
TRP N   H    sing N N 355 
TRP N   H2   sing N N 356 
TRP CA  C    sing N N 357 
TRP CA  CB   sing N N 358 
TRP CA  HA   sing N N 359 
TRP C   O    doub N N 360 
TRP C   OXT  sing N N 361 
TRP CB  CG   sing N N 362 
TRP CB  HB2  sing N N 363 
TRP CB  HB3  sing N N 364 
TRP CG  CD1  doub Y N 365 
TRP CG  CD2  sing Y N 366 
TRP CD1 NE1  sing Y N 367 
TRP CD1 HD1  sing N N 368 
TRP CD2 CE2  doub Y N 369 
TRP CD2 CE3  sing Y N 370 
TRP NE1 CE2  sing Y N 371 
TRP NE1 HE1  sing N N 372 
TRP CE2 CZ2  sing Y N 373 
TRP CE3 CZ3  doub Y N 374 
TRP CE3 HE3  sing N N 375 
TRP CZ2 CH2  doub Y N 376 
TRP CZ2 HZ2  sing N N 377 
TRP CZ3 CH2  sing Y N 378 
TRP CZ3 HZ3  sing N N 379 
TRP CH2 HH2  sing N N 380 
TRP OXT HXT  sing N N 381 
TYR N   CA   sing N N 382 
TYR N   H    sing N N 383 
TYR N   H2   sing N N 384 
TYR CA  C    sing N N 385 
TYR CA  CB   sing N N 386 
TYR CA  HA   sing N N 387 
TYR C   O    doub N N 388 
TYR C   OXT  sing N N 389 
TYR CB  CG   sing N N 390 
TYR CB  HB2  sing N N 391 
TYR CB  HB3  sing N N 392 
TYR CG  CD1  doub Y N 393 
TYR CG  CD2  sing Y N 394 
TYR CD1 CE1  sing Y N 395 
TYR CD1 HD1  sing N N 396 
TYR CD2 CE2  doub Y N 397 
TYR CD2 HD2  sing N N 398 
TYR CE1 CZ   doub Y N 399 
TYR CE1 HE1  sing N N 400 
TYR CE2 CZ   sing Y N 401 
TYR CE2 HE2  sing N N 402 
TYR CZ  OH   sing N N 403 
TYR OH  HH   sing N N 404 
TYR OXT HXT  sing N N 405 
VAL N   CA   sing N N 406 
VAL N   H    sing N N 407 
VAL N   H2   sing N N 408 
VAL CA  C    sing N N 409 
VAL CA  CB   sing N N 410 
VAL CA  HA   sing N N 411 
VAL C   O    doub N N 412 
VAL C   OXT  sing N N 413 
VAL CB  CG1  sing N N 414 
VAL CB  CG2  sing N N 415 
VAL CB  HB   sing N N 416 
VAL CG1 HG11 sing N N 417 
VAL CG1 HG12 sing N N 418 
VAL CG1 HG13 sing N N 419 
VAL CG2 HG21 sing N N 420 
VAL CG2 HG22 sing N N 421 
VAL CG2 HG23 sing N N 422 
VAL OXT HXT  sing N N 423 
# 
_pdbx_audit_support.funding_organization   'Natural Sciences and Engineering Research Council (NSERC, Canada)' 
_pdbx_audit_support.country                Canada 
_pdbx_audit_support.grant_number           05728 
_pdbx_audit_support.ordinal                1 
# 
_pdbx_initial_refinement_model.id               1 
_pdbx_initial_refinement_model.entity_id_list   ? 
_pdbx_initial_refinement_model.type             'experimental model' 
_pdbx_initial_refinement_model.source_name      PDB 
_pdbx_initial_refinement_model.accession_code   7UQM 
_pdbx_initial_refinement_model.details          ? 
# 
_space_group.name_H-M_alt     'C 2 2 21' 
_space_group.name_Hall        'C 2c 2' 
_space_group.IT_number        20 
_space_group.crystal_system   orthorhombic 
_space_group.id               1 
# 
_atom_sites.entry_id                    8VO3 
_atom_sites.Cartn_transf_matrix[1][1]   ? 
_atom_sites.Cartn_transf_matrix[1][2]   ? 
_atom_sites.Cartn_transf_matrix[1][3]   ? 
_atom_sites.Cartn_transf_matrix[2][1]   ? 
_atom_sites.Cartn_transf_matrix[2][2]   ? 
_atom_sites.Cartn_transf_matrix[2][3]   ? 
_atom_sites.Cartn_transf_matrix[3][1]   ? 
_atom_sites.Cartn_transf_matrix[3][2]   ? 
_atom_sites.Cartn_transf_matrix[3][3]   ? 
_atom_sites.Cartn_transf_vector[1]      ? 
_atom_sites.Cartn_transf_vector[2]      ? 
_atom_sites.Cartn_transf_vector[3]      ? 
_atom_sites.Cartn_transform_axes        ? 
_atom_sites.fract_transf_matrix[1][1]   -0.01961125 
_atom_sites.fract_transf_matrix[1][2]   -0.00107977 
_atom_sites.fract_transf_matrix[1][3]   -0.00589312 
_atom_sites.fract_transf_matrix[2][1]   -0.00031998 
_atom_sites.fract_transf_matrix[2][2]   0.01390548 
_atom_sites.fract_transf_matrix[2][3]   -0.00148300 
_atom_sites.fract_transf_matrix[3][1]   0.00315681 
_atom_sites.fract_transf_matrix[3][2]   -0.00102765 
_atom_sites.fract_transf_matrix[3][3]   -0.01031701 
_atom_sites.fract_transf_vector[1]      -0.037362 
_atom_sites.fract_transf_vector[2]      -0.217655 
_atom_sites.fract_transf_vector[3]      0.104485 
_atom_sites.solution_primary            ? 
_atom_sites.solution_secondary          ? 
_atom_sites.solution_hydrogens          ? 
_atom_sites.special_details             ? 
# 
loop_
_atom_type.symbol 
_atom_type.scat_dispersion_real 
_atom_type.scat_dispersion_imag 
_atom_type.scat_Cromer_Mann_a1 
_atom_type.scat_Cromer_Mann_a2 
_atom_type.scat_Cromer_Mann_a3 
_atom_type.scat_Cromer_Mann_a4 
_atom_type.scat_Cromer_Mann_b1 
_atom_type.scat_Cromer_Mann_b2 
_atom_type.scat_Cromer_Mann_b3 
_atom_type.scat_Cromer_Mann_b4 
_atom_type.scat_Cromer_Mann_c 
_atom_type.scat_source 
_atom_type.scat_dispersion_source 
C ? ? 3.54356 2.42580 ? ? 25.62398 1.50364  ? ? 0.0 
;2-Gaussian fit: Grosse-Kunstleve RW, Sauter NK, Adams PD: Newsletter of the IUCr Commission on Crystallographic Computing 2004, 3, 22-31.
;
? 
N ? ? 4.01032 2.96436 ? ? 19.97189 1.75589  ? ? 0.0 
;2-Gaussian fit: Grosse-Kunstleve RW, Sauter NK, Adams PD: Newsletter of the IUCr Commission on Crystallographic Computing 2004, 3, 22-31.
;
? 
O ? ? 4.49882 3.47563 ? ? 15.80542 1.70748  ? ? 0.0 
;2-Gaussian fit: Grosse-Kunstleve RW, Sauter NK, Adams PD: Newsletter of the IUCr Commission on Crystallographic Computing 2004, 3, 22-31.
;
? 
S ? ? 9.55732 6.39887 ? ? 1.23737  29.19336 ? ? 0.0 
;2-Gaussian fit: Grosse-Kunstleve RW, Sauter NK, Adams PD: Newsletter of the IUCr Commission on Crystallographic Computing 2004, 3, 22-31.
;
? 
# 
loop_
_atom_site.group_PDB 
_atom_site.id 
_atom_site.type_symbol 
_atom_site.label_atom_id 
_atom_site.label_alt_id 
_atom_site.label_comp_id 
_atom_site.label_asym_id 
_atom_site.label_entity_id 
_atom_site.label_seq_id 
_atom_site.pdbx_PDB_ins_code 
_atom_site.Cartn_x 
_atom_site.Cartn_y 
_atom_site.Cartn_z 
_atom_site.occupancy 
_atom_site.B_iso_or_equiv 
_atom_site.pdbx_formal_charge 
_atom_site.auth_seq_id 
_atom_site.auth_comp_id 
_atom_site.auth_asym_id 
_atom_site.auth_atom_id 
_atom_site.pdbx_PDB_model_num 
ATOM   1    N N   . GLY A 1 8   ? -12.48194 -0.93318  -20.81099 1.000 67.19885  ? 8   GLY A N   1 
ATOM   2    C CA  . GLY A 1 8   ? -11.50195 -1.35300  -19.82510 1.000 56.92492  ? 8   GLY A CA  1 
ATOM   3    C C   . GLY A 1 8   ? -11.85203 -0.84255  -18.43601 1.000 57.40358  ? 8   GLY A C   1 
ATOM   4    O O   . GLY A 1 8   ? -11.25302 0.12732   -17.96057 1.000 65.92614  ? 8   GLY A O   1 
ATOM   5    N N   . LEU A 1 9   ? -12.82709 -1.48945  -17.78896 1.000 45.31088  ? 9   LEU A N   1 
ATOM   6    C CA  . LEU A 1 9   ? -13.26656 -1.08011  -16.44940 1.000 37.32466  ? 9   LEU A CA  1 
ATOM   7    C C   . LEU A 1 9   ? -12.56391 -1.80414  -15.30502 1.000 31.62322  ? 9   LEU A C   1 
ATOM   8    O O   . LEU A 1 9   ? -12.41438 -1.21647  -14.23524 1.000 28.19762  ? 9   LEU A O   1 
ATOM   9    C CB  . LEU A 1 9   ? -14.78244 -1.25528  -16.26086 1.000 48.93995  ? 9   LEU A CB  1 
ATOM   10   C CG  . LEU A 1 9   ? -15.80406 -0.35661  -16.99440 1.000 42.91494  ? 9   LEU A CG  1 
ATOM   11   C CD1 . LEU A 1 9   ? -17.16813 -0.38008  -16.29392 1.000 45.62044  ? 9   LEU A CD1 1 
ATOM   12   C CD2 . LEU A 1 9   ? -15.32555 1.07540   -17.15992 1.000 38.71473  ? 9   LEU A CD2 1 
ATOM   13   N N   . VAL A 1 10  ? -12.13487 -3.05081  -15.47643 1.000 32.77738  ? 10  VAL A N   1 
ATOM   14   C CA  . VAL A 1 10  ? -11.44901 -3.80156  -14.42577 1.000 27.08925  ? 10  VAL A CA  1 
ATOM   15   C C   . VAL A 1 10  ? -9.99039  -3.95796  -14.81340 1.000 23.02650  ? 10  VAL A C   1 
ATOM   16   O O   . VAL A 1 10  ? -9.68121  -4.36180  -15.94296 1.000 25.98964  ? 10  VAL A O   1 
ATOM   17   C CB  . VAL A 1 10  ? -12.07707 -5.18265  -14.23325 1.000 29.56652  ? 10  VAL A CB  1 
ATOM   18   C CG1 . VAL A 1 10  ? -11.25962 -6.01731  -13.28803 1.000 34.76888  ? 10  VAL A CG1 1 
ATOM   19   C CG2 . VAL A 1 10  ? -13.51343 -5.02961  -13.71623 1.000 33.45953  ? 10  VAL A CG2 1 
ATOM   20   N N   . GLY A 1 11  ? -9.08355  -3.67409  -13.87999 1.000 22.12356  ? 11  GLY A N   1 
ATOM   21   C CA  . GLY A 1 11  ? -7.68478  -3.81974  -14.21839 1.000 21.53211  ? 11  GLY A CA  1 
ATOM   22   C C   . GLY A 1 11  ? -6.79695  -3.87476  -12.99308 1.000 21.47283  ? 11  GLY A C   1 
ATOM   23   O O   . GLY A 1 11  ? -7.25905  -3.87724  -11.85415 1.000 22.27511  ? 11  GLY A O   1 
ATOM   24   N N   . LYS A 1 12  ? -5.49067  -3.87648  -13.25448 1.000 19.62051  ? 12  LYS A N   1 
ATOM   25   C CA  . LYS A 1 12  ? -4.50318  -3.88560  -12.18183 1.000 19.39008  ? 12  LYS A CA  1 
ATOM   26   C C   . LYS A 1 12  ? -3.27730  -3.12939  -12.69321 1.000 18.28036  ? 12  LYS A C   1 
ATOM   27   O O   . LYS A 1 12  ? -2.79701  -3.38816  -13.79926 1.000 18.59789  ? 12  LYS A O   1 
ATOM   28   C CB  . LYS A 1 12  ? -4.12373  -5.33700  -11.86528 1.000 21.43745  ? 12  LYS A CB  1 
ATOM   29   C CG  . LYS A 1 12  ? -3.03138  -5.52048  -10.81498 1.000 27.66705  ? 12  LYS A CG  1 
ATOM   30   C CD  . LYS A 1 12  ? -2.76094  -6.98304  -10.56410 1.000 26.33406  ? 12  LYS A CD  1 
ATOM   31   C CE  . LYS A 1 12  ? -1.97143  -7.67068  -11.67929 1.000 26.45916  ? 12  LYS A CE  1 
ATOM   32   N NZ  . LYS A 1 12  ? -1.62157  -9.08299  -11.23855 1.000 31.96541  ? 12  LYS A NZ  1 
ATOM   33   N N   . LEU A 1 13  ? -2.75871  -2.20215  -11.89393 1.000 18.76628  ? 13  LEU A N   1 
ATOM   34   C CA  . LEU A 1 13  ? -1.47164  -1.56446  -12.13370 1.000 17.73230  ? 13  LEU A CA  1 
ATOM   35   C C   . LEU A 1 13  ? -0.45003  -2.13948  -11.16127 1.000 18.98272  ? 13  LEU A C   1 
ATOM   36   O O   . LEU A 1 13  ? -0.77676  -2.39244  -10.00153 1.000 21.45214  ? 13  LEU A O   1 
ATOM   37   C CB  . LEU A 1 13  ? -1.54211  -0.04093  -11.96381 1.000 18.77264  ? 13  LEU A CB  1 
ATOM   38   C CG  . LEU A 1 13  ? -2.55167  0.70602   -12.83212 1.000 18.77860  ? 13  LEU A CG  1 
ATOM   39   C CD1 . LEU A 1 13  ? -2.43763  2.22666   -12.69678 1.000 22.48970  ? 13  LEU A CD1 1 
ATOM   40   C CD2 . LEU A 1 13  ? -2.22945  0.32220   -14.28908 1.000 20.14091  ? 13  LEU A CD2 1 
ATOM   41   N N   . VAL A 1 14  ? 0.78087   -2.34128  -11.60538 1.000 18.93560  ? 14  VAL A N   1 
ATOM   42   C CA  . VAL A 1 14  ? 1.81245   -2.90781  -10.73488 1.000 18.11055  ? 14  VAL A CA  1 
ATOM   43   C C   . VAL A 1 14  ? 3.09572   -2.11094  -10.86546 1.000 19.25866  ? 14  VAL A C   1 
ATOM   44   O O   . VAL A 1 14  ? 3.49385   -1.73897  -11.97662 1.000 18.86034  ? 14  VAL A O   1 
ATOM   45   C CB  . VAL A 1 14  ? 2.09513   -4.37524  -11.13556 1.000 19.81224  ? 14  VAL A CB  1 
ATOM   46   C CG1 . VAL A 1 14  ? 3.08953   -5.03828  -10.19313 1.000 24.28049  ? 14  VAL A CG1 1 
ATOM   47   C CG2 . VAL A 1 14  ? 0.79040   -5.21183  -11.31300 1.000 21.31159  ? 14  VAL A CG2 1 
ATOM   48   N N   . THR A 1 15  ? 3.78404   -1.90118  -9.74916  1.000 17.43552  ? 15  THR A N   1 
ATOM   49   C CA  . THR A 1 15  ? 5.18634   -1.53995  -9.75175  1.000 18.74943  ? 15  THR A CA  1 
ATOM   50   C C   . THR A 1 15  ? 5.96629   -2.58415  -8.97197  1.000 18.68032  ? 15  THR A C   1 
ATOM   51   O O   . THR A 1 15  ? 5.62563   -2.86817  -7.81291  1.000 19.45956  ? 15  THR A O   1 
ATOM   52   C CB  . THR A 1 15  ? 5.44482   -0.11430  -9.29002  1.000 17.51319  ? 15  THR A CB  1 
ATOM   53   O OG1 . THR A 1 15  ? 6.86375   0.10851   -9.29991  1.000 21.32839  ? 15  THR A OG1 1 
ATOM   54   C CG2 . THR A 1 15  ? 4.95007   0.12162   -7.87005  1.000 17.56211  ? 15  THR A CG2 1 
ATOM   55   N N   . GLN A 1 16  ? 7.00304   -3.14768  -9.58974  1.000 19.96952  ? 16  GLN A N   1 
ATOM   56   C CA  . GLN A 1 16  ? 7.81628   -4.16233  -8.94638  1.000 21.82241  ? 16  GLN A CA  1 
ATOM   57   C C   . GLN A 1 16  ? 9.25355   -3.65278  -8.89921  1.000 22.72088  ? 16  GLN A C   1 
ATOM   58   O O   . GLN A 1 16  ? 9.75207   -3.10807  -9.88773  1.000 20.98572  ? 16  GLN A O   1 
ATOM   59   C CB  . GLN A 1 16  ? 7.70180   -5.45801  -9.71165  1.000 24.15347  ? 16  GLN A CB  1 
ATOM   60   C CG  . GLN A 1 16  ? 8.61708   -6.52176  -9.22998  1.000 24.68059  ? 16  GLN A CG  1 
ATOM   61   C CD  . GLN A 1 16  ? 8.30174   -7.84749  -9.87983  1.000 31.17513  ? 16  GLN A CD  1 
ATOM   62   O OE1 . GLN A 1 16  ? 7.38503   -8.56611  -9.45701  1.000 39.07192  ? 16  GLN A OE1 1 
ATOM   63   N NE2 . GLN A 1 16  ? 9.01724   -8.15401  -10.94992 1.000 29.00789  ? 16  GLN A NE2 1 
ATOM   64   N N   . LEU A 1 17  ? 9.92372   -3.81643  -7.75468  1.000 21.44431  ? 17  LEU A N   1 
ATOM   65   C CA  . LEU A 1 17  ? 11.27745  -3.29195  -7.60760  1.000 26.13568  ? 17  LEU A CA  1 
ATOM   66   C C   . LEU A 1 17  ? 12.13714  -4.34182  -6.93555  1.000 25.88466  ? 17  LEU A C   1 
ATOM   67   O O   . LEU A 1 17  ? 11.66005  -5.08518  -6.08315  1.000 24.18472  ? 17  LEU A O   1 
ATOM   68   C CB  . LEU A 1 17  ? 11.29837  -2.06719  -6.69454  1.000 33.68981  ? 17  LEU A CB  1 
ATOM   69   C CG  . LEU A 1 17  ? 10.33376  -0.91456  -6.88048  1.000 39.64867  ? 17  LEU A CG  1 
ATOM   70   C CD1 . LEU A 1 17  ? 8.96318   -1.23573  -6.30448  1.000 39.76994  ? 17  LEU A CD1 1 
ATOM   71   C CD2 . LEU A 1 17  ? 10.92434  0.25160   -6.15125  1.000 36.88280  ? 17  LEU A CD2 1 
ATOM   72   N N   . GLU A 1 18  ? 13.38933  -4.44981  -7.37390  1.000 25.72716  ? 18  GLU A N   1 
ATOM   73   C CA  . GLU A 1 18  ? 14.36210  -5.26797  -6.65946  1.000 26.13823  ? 18  GLU A CA  1 
ATOM   74   C C   . GLU A 1 18  ? 14.96539  -4.46407  -5.52240  1.000 28.54480  ? 18  GLU A C   1 
ATOM   75   O O   . GLU A 1 18  ? 15.23690  -3.27070  -5.66397  1.000 33.20365  ? 18  GLU A O   1 
ATOM   76   C CB  . GLU A 1 18  ? 15.43791  -5.74397  -7.64907  1.000 26.97904  ? 18  GLU A CB  1 
ATOM   77   C CG  . GLU A 1 18  ? 14.89051  -6.82931  -8.60065  1.000 34.56885  ? 18  GLU A CG  1 
ATOM   78   C CD  . GLU A 1 18  ? 15.98097  -7.49530  -9.44461  1.000 30.76351  ? 18  GLU A CD  1 
ATOM   79   O OE1 . GLU A 1 18  ? 17.14008  -7.08559  -9.32536  1.000 35.96918  ? 18  GLU A OE1 1 
ATOM   80   O OE2 . GLU A 1 18  ? 15.65501  -8.41659  -10.21590 1.000 46.77174  ? 18  GLU A OE2 1 
ATOM   81   N N   . VAL A 1 19  ? 15.12336  -5.11405  -4.36862  1.000 27.61562  ? 19  VAL A N   1 
ATOM   82   C CA  . VAL A 1 19  ? 15.74511  -4.50234  -3.19993  1.000 31.85409  ? 19  VAL A CA  1 
ATOM   83   C C   . VAL A 1 19  ? 16.80165  -5.45344  -2.65538  1.000 31.41413  ? 19  VAL A C   1 
ATOM   84   O O   . VAL A 1 19  ? 16.62592  -6.68047  -2.67362  1.000 34.37915  ? 19  VAL A O   1 
ATOM   85   C CB  . VAL A 1 19  ? 14.73729  -4.11382  -2.09200  1.000 35.73734  ? 19  VAL A CB  1 
ATOM   86   C CG1 . VAL A 1 19  ? 13.63937  -3.18989  -2.62997  1.000 34.94902  ? 19  VAL A CG1 1 
ATOM   87   C CG2 . VAL A 1 19  ? 14.17718  -5.34344  -1.41084  1.000 40.86827  ? 19  VAL A CG2 1 
ATOM   88   N N   . ASN A 1 20  ? 17.89620  -4.88116  -2.14731  1.000 33.52866  ? 20  ASN A N   1 
ATOM   89   C CA  . ASN A 1 20  ? 18.98274  -5.68985  -1.59828  1.000 34.78445  ? 20  ASN A CA  1 
ATOM   90   C C   . ASN A 1 20  ? 18.74644  -5.88934  -0.10623  1.000 31.10684  ? 20  ASN A C   1 
ATOM   91   O O   . ASN A 1 20  ? 19.38227  -5.25993  0.73788   1.000 39.24235  ? 20  ASN A O   1 
ATOM   92   C CB  . ASN A 1 20  ? 20.33320  -5.03672  -1.85330  1.000 50.35530  ? 20  ASN A CB  1 
ATOM   93   C CG  . ASN A 1 20  ? 21.47896  -5.91904  -1.41700  1.000 60.13006  ? 20  ASN A CG  1 
ATOM   94   O OD1 . ASN A 1 20  ? 21.38519  -7.14707  -1.48745  1.000 66.37147  ? 20  ASN A OD1 1 
ATOM   95   N ND2 . ASN A 1 20  ? 22.56416  -5.30526  -0.95071  1.000 58.53374  ? 20  ASN A ND2 1 
ATOM   96   N N   . CYS A 1 21  ? 17.81591  -6.79492  0.20841   1.000 38.24765  ? 21  CYS A N   1 
ATOM   97   C CA  . CYS A 1 21  ? 17.40399  -7.06412  1.58070   1.000 33.65306  ? 21  CYS A CA  1 
ATOM   98   C C   . CYS A 1 21  ? 16.70995  -8.42463  1.61654   1.000 33.79954  ? 21  CYS A C   1 
ATOM   99   O O   . CYS A 1 21  ? 16.00676  -8.79355  0.66281   1.000 33.40728  ? 21  CYS A O   1 
ATOM   100  C CB  . CYS A 1 21  ? 16.47232  -5.95601  2.10387   1.000 32.78894  ? 21  CYS A CB  1 
ATOM   101  S SG  . CYS A 1 21  ? 16.09905  -6.00378  3.88289   1.000 37.56975  ? 21  CYS A SG  1 
ATOM   102  N N   . ASP A 1 22  ? 16.93601  -9.18124  2.69472   1.000 33.53346  ? 22  ASP A N   1 
ATOM   103  C CA  . ASP A 1 22  ? 16.21070  -10.43267 2.89607   1.000 28.95928  ? 22  ASP A CA  1 
ATOM   104  C C   . ASP A 1 22  ? 14.71669  -10.14800 2.85730   1.000 28.52955  ? 22  ASP A C   1 
ATOM   105  O O   . ASP A 1 22  ? 14.24645  -9.18209  3.46876   1.000 29.02628  ? 22  ASP A O   1 
ATOM   106  C CB  . ASP A 1 22  ? 16.53255  -11.02749 4.28055   1.000 34.15206  ? 22  ASP A CB  1 
ATOM   107  C CG  . ASP A 1 22  ? 15.66835  -12.26131 4.62165   1.000 45.92062  ? 22  ASP A CG  1 
ATOM   108  O OD1 . ASP A 1 22  ? 15.96187  -13.35274 4.08885   1.000 45.60011  ? 22  ASP A OD1 1 
ATOM   109  O OD2 . ASP A 1 22  ? 14.70404  -12.15723 5.43224   1.000 35.89870  ? 22  ASP A OD2 1 
ATOM   110  N N   . ALA A 1 23  ? 13.97220  -11.03232 2.19562   1.000 28.48544  ? 23  ALA A N   1 
ATOM   111  C CA  . ALA A 1 23  ? 12.52265  -10.83792 2.05041   1.000 27.81939  ? 23  ALA A CA  1 
ATOM   112  C C   . ALA A 1 23  ? 11.80918  -10.69589 3.39287   1.000 29.86168  ? 23  ALA A C   1 
ATOM   113  O O   . ALA A 1 23  ? 10.97918  -9.79650  3.56494   1.000 30.59372  ? 23  ALA A O   1 
ATOM   114  C CB  . ALA A 1 23  ? 11.90499  -11.96546 1.22131   1.000 28.63673  ? 23  ALA A CB  1 
ATOM   115  N N   . ASP A 1 24  ? 12.06628  -11.59863 4.34945   1.000 30.02669  ? 24  ASP A N   1 
ATOM   116  C CA  A ASP A 1 24  ? 11.28405  -11.56556 5.58681   0.500 28.33961  ? 24  ASP A CA  1 
ATOM   117  C CA  B ASP A 1 24  ? 11.28720  -11.56506 5.58976   0.500 28.33168  ? 24  ASP A CA  1 
ATOM   118  C C   . ASP A 1 24  ? 11.58888  -10.31125 6.40430   1.000 30.91736  ? 24  ASP A C   1 
ATOM   119  O O   . ASP A 1 24  ? 10.67572  -9.68637  6.96634   1.000 27.54529  ? 24  ASP A O   1 
ATOM   120  C CB  A ASP A 1 24  ? 11.51462  -12.85353 6.38786   0.500 30.23933  ? 24  ASP A CB  1 
ATOM   121  C CB  B ASP A 1 24  ? 11.54069  -12.83236 6.40864   0.500 30.27399  ? 24  ASP A CB  1 
ATOM   122  C CG  A ASP A 1 24  ? 10.83725  -14.07767 5.75953   0.500 36.38402  ? 24  ASP A CG  1 
ATOM   123  C CG  B ASP A 1 24  ? 10.46698  -13.07213 7.45823   0.500 31.80670  ? 24  ASP A CG  1 
ATOM   124  O OD1 A ASP A 1 24  ? 9.58651   -14.11967 5.67699   0.500 31.76484  ? 24  ASP A OD1 1 
ATOM   125  O OD1 B ASP A 1 24  ? 9.34448   -12.55551 7.29726   0.500 37.30576  ? 24  ASP A OD1 1 
ATOM   126  O OD2 A ASP A 1 24  ? 11.55809  -15.00937 5.34571   0.500 40.43195  ? 24  ASP A OD2 1 
ATOM   127  O OD2 B ASP A 1 24  ? 10.74701  -13.77156 8.45119   0.500 46.17653  ? 24  ASP A OD2 1 
ATOM   128  N N   . ILE A 1 25  ? 12.85875  -9.92779  6.47826   1.000 28.07430  ? 25  ILE A N   1 
ATOM   129  C CA  . ILE A 1 25  ? 13.26196  -8.68704  7.11993   1.000 27.13572  ? 25  ILE A CA  1 
ATOM   130  C C   . ILE A 1 25  ? 12.62276  -7.48222  6.42888   1.000 26.95972  ? 25  ILE A C   1 
ATOM   131  O O   . ILE A 1 25  ? 12.12984  -6.55410  7.07750   1.000 26.95379  ? 25  ILE A O   1 
ATOM   132  C CB  . ILE A 1 25  ? 14.79783  -8.59705  7.12839   1.000 33.91112  ? 25  ILE A CB  1 
ATOM   133  C CG1 . ILE A 1 25  ? 15.44333  -9.73999  7.95479   1.000 35.56039  ? 25  ILE A CG1 1 
ATOM   134  C CG2 . ILE A 1 25  ? 15.23744  -7.21533  7.47669   1.000 30.96769  ? 25  ILE A CG2 1 
ATOM   135  C CD1 . ILE A 1 25  ? 14.98051  -9.88522  9.40362   1.000 34.30354  ? 25  ILE A CD1 1 
ATOM   136  N N   . PHE A 1 26  ? 12.63506  -7.45766  5.09148   1.000 25.01870  ? 26  PHE A N   1 
ATOM   137  C CA  . PHE A 1 26  ? 12.05012  -6.29582  4.42682   1.000 27.69449  ? 26  PHE A CA  1 
ATOM   138  C C   . PHE A 1 26  ? 10.54896  -6.22032  4.67984   1.000 25.47633  ? 26  PHE A C   1 
ATOM   139  O O   . PHE A 1 26  ? 10.00147  -5.12950  4.88765   1.000 25.56509  ? 26  PHE A O   1 
ATOM   140  C CB  . PHE A 1 26  ? 12.31055  -6.34610  2.92028   1.000 30.46767  ? 26  PHE A CB  1 
ATOM   141  C CG  . PHE A 1 26  ? 12.04976  -5.03425  2.22722   1.000 28.61539  ? 26  PHE A CG  1 
ATOM   142  C CD1 . PHE A 1 26  ? 12.94503  -3.99402  2.33718   1.000 29.17894  ? 26  PHE A CD1 1 
ATOM   143  C CD2 . PHE A 1 26  ? 10.88126  -4.82968  1.50189   1.000 29.83124  ? 26  PHE A CD2 1 
ATOM   144  C CE1 . PHE A 1 26  ? 12.71170  -2.78869  1.71728   1.000 37.11360  ? 26  PHE A CE1 1 
ATOM   145  C CE2 . PHE A 1 26  ? 10.64430  -3.60333  0.87877   1.000 34.40155  ? 26  PHE A CE2 1 
ATOM   146  C CZ  . PHE A 1 26  ? 11.55705  -2.59536  0.98258   1.000 35.50675  ? 26  PHE A CZ  1 
ATOM   147  N N   . TYR A 1 27  ? 9.87379   -7.37276  4.65083   1.000 23.94071  ? 27  TYR A N   1 
ATOM   148  C CA  . TYR A 1 27  ? 8.44356   -7.41325  4.95040   1.000 21.68185  ? 27  TYR A CA  1 
ATOM   149  C C   . TYR A 1 27  ? 8.14916   -6.84682  6.33893   1.000 26.90530  ? 27  TYR A C   1 
ATOM   150  O O   . TYR A 1 27  ? 7.22082   -6.04392  6.50186   1.000 27.21944  ? 27  TYR A O   1 
ATOM   151  C CB  . TYR A 1 27  ? 7.94838   -8.85320  4.81071   1.000 23.29844  ? 27  TYR A CB  1 
ATOM   152  C CG  . TYR A 1 27  ? 6.58217   -9.06942  5.36800   1.000 24.84970  ? 27  TYR A CG  1 
ATOM   153  C CD1 . TYR A 1 27  ? 5.48054   -8.49039  4.77219   1.000 24.46476  ? 27  TYR A CD1 1 
ATOM   154  C CD2 . TYR A 1 27  ? 6.39121   -9.85298  6.50542   1.000 26.15675  ? 27  TYR A CD2 1 
ATOM   155  C CE1 . TYR A 1 27  ? 4.21413   -8.67557  5.31482   1.000 23.43417  ? 27  TYR A CE1 1 
ATOM   156  C CE2 . TYR A 1 27  ? 5.14953   -10.04684 7.03992   1.000 29.39332  ? 27  TYR A CE2 1 
ATOM   157  C CZ  . TYR A 1 27  ? 4.06431   -9.46937  6.44398   1.000 26.04314  ? 27  TYR A CZ  1 
ATOM   158  O OH  . TYR A 1 27  ? 2.83725   -9.70291  7.01962   1.000 29.34300  ? 27  TYR A OH  1 
ATOM   159  N N   . LYS A 1 28  ? 8.95120   -7.23006  7.34333   1.000 27.06259  ? 28  LYS A N   1 
ATOM   160  C CA  . LYS A 1 28  ? 8.75106   -6.71644  8.69769   1.000 26.33261  ? 28  LYS A CA  1 
ATOM   161  C C   . LYS A 1 28  ? 8.96338   -5.20503  8.77216   1.000 23.68946  ? 28  LYS A C   1 
ATOM   162  O O   . LYS A 1 28  ? 8.34563   -4.53540  9.62246   1.000 29.30733  ? 28  LYS A O   1 
ATOM   163  C CB  . LYS A 1 28  ? 9.68848   -7.44187  9.68477   1.000 25.86711  ? 28  LYS A CB  1 
ATOM   164  C CG  . LYS A 1 28  ? 9.30473   -8.89804  9.90536   1.000 29.58787  ? 28  LYS A CG  1 
ATOM   165  C CD  . LYS A 1 28  ? 10.41162  -9.64320  10.61586  1.000 39.48840  ? 28  LYS A CD  1 
ATOM   166  C CE  . LYS A 1 28  ? 9.87398   -10.85817 11.35948  1.000 44.30503  ? 28  LYS A CE  1 
ATOM   167  N NZ  . LYS A 1 28  ? 9.55305   -12.00309 10.49179  1.000 41.68275  ? 28  LYS A NZ  1 
ATOM   168  N N   . ILE A 1 29  ? 9.89246   -4.67701  7.97758   1.000 26.95270  ? 29  ILE A N   1 
ATOM   169  C CA  . ILE A 1 29  ? 10.11304  -3.23846  7.89944   1.000 28.93154  ? 29  ILE A CA  1 
ATOM   170  C C   . ILE A 1 29  ? 8.89840   -2.55005  7.28429   1.000 27.80992  ? 29  ILE A C   1 
ATOM   171  O O   . ILE A 1 29  ? 8.36998   -1.58200  7.83647   1.000 32.55259  ? 29  ILE A O   1 
ATOM   172  C CB  . ILE A 1 29  ? 11.40538  -2.92915  7.11663   1.000 27.71420  ? 29  ILE A CB  1 
ATOM   173  C CG1 . ILE A 1 29  ? 12.65922  -3.41503  7.88591   1.000 28.24114  ? 29  ILE A CG1 1 
ATOM   174  C CG2 . ILE A 1 29  ? 11.51875  -1.41863  6.87327   1.000 33.56432  ? 29  ILE A CG2 1 
ATOM   175  C CD1 . ILE A 1 29  ? 13.93621  -3.27359  7.06660   1.000 34.42378  ? 29  ILE A CD1 1 
ATOM   176  N N   . VAL A 1 30  ? 8.42707   -3.04826  6.13210   1.000 25.20627  ? 30  VAL A N   1 
ATOM   177  C CA  . VAL A 1 30  ? 7.26580   -2.44246  5.47698   1.000 29.35951  ? 30  VAL A CA  1 
ATOM   178  C C   . VAL A 1 30  ? 6.03315   -2.49999  6.37183   1.000 29.95399  ? 30  VAL A C   1 
ATOM   179  O O   . VAL A 1 30  ? 5.23820   -1.56434  6.41086   1.000 28.48677  ? 30  VAL A O   1 
ATOM   180  C CB  . VAL A 1 30  ? 7.00440   -3.11490  4.11520   1.000 27.63659  ? 30  VAL A CB  1 
ATOM   181  C CG1 . VAL A 1 30  ? 5.83283   -2.44525  3.39751   1.000 34.48092  ? 30  VAL A CG1 1 
ATOM   182  C CG2 . VAL A 1 30  ? 8.22531   -3.04264  3.21575   1.000 32.98125  ? 30  VAL A CG2 1 
ATOM   183  N N   . LYS A 1 31  ? 5.83523   -3.61830  7.05925   1.000 27.71790  ? 31  LYS A N   1 
ATOM   184  C CA  . LYS A 1 31  ? 4.62943   -3.83297  7.85164   1.000 27.85522  ? 31  LYS A CA  1 
ATOM   185  C C   . LYS A 1 31  ? 4.49016   -2.82015  8.98097   1.000 29.85204  ? 31  LYS A C   1 
ATOM   186  O O   . LYS A 1 31  ? 3.36709   -2.55959  9.43451   1.000 33.03801  ? 31  LYS A O   1 
ATOM   187  C CB  . LYS A 1 31  ? 4.71393   -5.25422  8.41225   1.000 31.57237  ? 31  LYS A CB  1 
ATOM   188  C CG  . LYS A 1 31  ? 3.60048   -5.76707  9.29314   1.000 37.66678  ? 31  LYS A CG  1 
ATOM   189  C CD  . LYS A 1 31  ? 4.01063   -7.19160  9.77182   1.000 30.57292  ? 31  LYS A CD  1 
ATOM   190  C CE  . LYS A 1 31  ? 3.04032   -7.77983  10.78398  1.000 42.68788  ? 31  LYS A CE  1 
ATOM   191  N NZ  . LYS A 1 31  ? 3.45967   -9.18236  11.10066  1.000 40.13253  ? 31  LYS A NZ  1 
ATOM   192  N N   . HIS A 1 32  ? 5.59967   -2.26015  9.46279   1.000 33.25305  ? 32  HIS A N   1 
ATOM   193  C CA  . HIS A 1 32  ? 5.55054   -1.36933  10.61424  1.000 44.29981  ? 32  HIS A CA  1 
ATOM   194  C C   . HIS A 1 32  ? 6.02023   0.03798   10.27592  1.000 49.84993  ? 32  HIS A C   1 
ATOM   195  O O   . HIS A 1 32  ? 6.28949   0.82417   11.19188  1.000 53.81716  ? 32  HIS A O   1 
ATOM   196  C CB  . HIS A 1 32  ? 6.33232   -1.95112  11.81049  1.000 33.64264  ? 32  HIS A CB  1 
ATOM   197  C CG  . HIS A 1 32  ? 5.82826   -3.28703  12.27840  1.000 26.69526  ? 32  HIS A CG  1 
ATOM   198  N ND1 . HIS A 1 32  ? 4.71451   -3.42804  13.07699  1.000 32.42856  ? 32  HIS A ND1 1 
ATOM   199  C CD2 . HIS A 1 32  ? 6.29488   -4.54027  12.06047  1.000 35.04925  ? 32  HIS A CD2 1 
ATOM   200  C CE1 . HIS A 1 32  ? 4.50422   -4.70917  13.31524  1.000 33.16535  ? 32  HIS A CE1 1 
ATOM   201  N NE2 . HIS A 1 32  ? 5.45583   -5.40533  12.71781  1.000 29.10277  ? 32  HIS A NE2 1 
ATOM   202  N N   . HIS A 1 33  ? 6.13274   0.36851   8.98996   1.000 44.91769  ? 33  HIS A N   1 
ATOM   203  C CA  . HIS A 1 33  ? 6.52065   1.69652   8.53191   1.000 44.89569  ? 33  HIS A CA  1 
ATOM   204  C C   . HIS A 1 33  ? 5.56399   2.19482   7.44622   1.000 63.59374  ? 33  HIS A C   1 
ATOM   205  O O   . HIS A 1 33  ? 4.37393   1.87908   7.45568   1.000 64.50300  ? 33  HIS A O   1 
ATOM   206  C CB  . HIS A 1 33  ? 7.94296   1.68687   7.97511   1.000 46.36560  ? 33  HIS A CB  1 
ATOM   207  C CG  . HIS A 1 33  ? 9.00581   1.55568   9.02432   1.000 71.37521  ? 33  HIS A CG  1 
ATOM   208  N ND1 . HIS A 1 33  ? 9.21043   0.39543   9.74185   1.000 64.77594  ? 33  HIS A ND1 1 
ATOM   209  C CD2 . HIS A 1 33  ? 9.92115   2.44428   9.48104   1.000 70.56832  ? 33  HIS A CD2 1 
ATOM   210  C CE1 . HIS A 1 33  ? 10.20787  0.57419   10.59018  1.000 56.45583  ? 33  HIS A CE1 1 
ATOM   211  N NE2 . HIS A 1 33  ? 10.65194  1.81105   10.45792  1.000 62.33264  ? 33  HIS A NE2 1 
ATOM   212  N N   . PRO A 1 37  ? 6.81071   9.50514   4.36829   1.000 61.74549  ? 37  PRO A N   1 
ATOM   213  C CA  . PRO A 1 37  ? 7.67169   10.68859  4.33497   1.000 72.57262  ? 37  PRO A CA  1 
ATOM   214  C C   . PRO A 1 37  ? 6.92876   11.92839  4.78925   1.000 71.93324  ? 37  PRO A C   1 
ATOM   215  O O   . PRO A 1 37  ? 5.87004   12.24021  4.24912   1.000 75.74297  ? 37  PRO A O   1 
ATOM   216  C CB  . PRO A 1 37  ? 8.04544   10.81367  2.84814   1.000 74.63722  ? 37  PRO A CB  1 
ATOM   217  C CG  . PRO A 1 37  ? 7.49590   9.54831   2.16251   1.000 70.22425  ? 37  PRO A CG  1 
ATOM   218  C CD  . PRO A 1 37  ? 7.12674   8.59681   3.25795   1.000 80.93526  ? 37  PRO A CD  1 
ATOM   219  N N   . ASN A 1 38  ? 7.49074   12.62561  5.77825   1.000 78.03827  ? 38  ASN A N   1 
ATOM   220  C CA  . ASN A 1 38  ? 6.82362   13.78820  6.35197   1.000 85.73557  ? 38  ASN A CA  1 
ATOM   221  C C   . ASN A 1 38  ? 6.61938   14.91427  5.34477   1.000 88.86997  ? 38  ASN A C   1 
ATOM   222  O O   . ASN A 1 38  ? 5.71545   15.73608  5.53317   1.000 95.02664  ? 38  ASN A O   1 
ATOM   223  C CB  . ASN A 1 38  ? 7.59995   14.29444  7.56798   1.000 92.50346  ? 38  ASN A CB  1 
ATOM   224  C CG  . ASN A 1 38  ? 7.54438   13.32820  8.73349   1.000 99.16479  ? 38  ASN A CG  1 
ATOM   225  O OD1 . ASN A 1 38  ? 6.58861   12.56539  8.87269   1.000 95.74735  ? 38  ASN A OD1 1 
ATOM   226  N ND2 . ASN A 1 38  ? 8.56931   13.35579  9.57999   1.000 102.00800 ? 38  ASN A ND2 1 
ATOM   227  N N   . VAL A 1 39  ? 7.42696   14.97469  4.28206   1.000 88.05965  ? 39  VAL A N   1 
ATOM   228  C CA  . VAL A 1 39  ? 7.27686   16.06407  3.32027   1.000 95.49613  ? 39  VAL A CA  1 
ATOM   229  C C   . VAL A 1 39  ? 5.95733   15.95351  2.56188   1.000 89.72506  ? 39  VAL A C   1 
ATOM   230  O O   . VAL A 1 39  ? 5.35175   16.97367  2.20664   1.000 79.70200  ? 39  VAL A O   1 
ATOM   231  C CB  . VAL A 1 39  ? 8.50652   16.17506  2.39712   1.000 94.47231  ? 39  VAL A CB  1 
ATOM   232  C CG1 . VAL A 1 39  ? 8.33250   17.31743  1.39978   1.000 89.76094  ? 39  VAL A CG1 1 
ATOM   233  C CG2 . VAL A 1 39  ? 9.76757   16.38660  3.22512   1.000 88.04632  ? 39  VAL A CG2 1 
ATOM   234  N N   . ILE A 1 40  ? 5.48143   14.73637  2.31218   1.000 81.80778  ? 40  ILE A N   1 
ATOM   235  C CA  . ILE A 1 40  ? 4.13995   14.55475  1.76113   1.000 82.84898  ? 40  ILE A CA  1 
ATOM   236  C C   . ILE A 1 40  ? 3.13253   14.82992  2.87255   1.000 73.91810  ? 40  ILE A C   1 
ATOM   237  O O   . ILE A 1 40  ? 3.20651   14.20535  3.94275   1.000 67.78352  ? 40  ILE A O   1 
ATOM   238  C CB  . ILE A 1 40  ? 3.94709   13.15757  1.14900   1.000 76.06597  ? 40  ILE A CB  1 
ATOM   239  C CG1 . ILE A 1 40  ? 4.74896   13.01531  -0.14619  1.000 72.77708  ? 40  ILE A CG1 1 
ATOM   240  C CG2 . ILE A 1 40  ? 2.46635   12.88965  0.90448   1.000 63.20872  ? 40  ILE A CG2 1 
ATOM   241  C CD1 . ILE A 1 40  ? 6.20599   12.63982  0.06029   1.000 77.47290  ? 40  ILE A CD1 1 
ATOM   242  N N   . PRO A 1 41  ? 2.19234   15.75665  2.67944   1.000 64.03518  ? 41  PRO A N   1 
ATOM   243  C CA  . PRO A 1 41  ? 1.24473   16.08308  3.75619   1.000 49.19660  ? 41  PRO A CA  1 
ATOM   244  C C   . PRO A 1 41  ? 0.29483   14.91748  3.99025   1.000 36.77991  ? 41  PRO A C   1 
ATOM   245  O O   . PRO A 1 41  ? -0.40282  14.47342  3.07341   1.000 35.89785  ? 41  PRO A O   1 
ATOM   246  C CB  . PRO A 1 41  ? 0.50478   17.31713  3.21790   1.000 43.22978  ? 41  PRO A CB  1 
ATOM   247  C CG  . PRO A 1 41  ? 1.32163   17.79352  2.02453   1.000 52.28388  ? 41  PRO A CG  1 
ATOM   248  C CD  . PRO A 1 41  ? 1.95355   16.56404  1.47045   1.000 51.74129  ? 41  PRO A CD  1 
ATOM   249  N N   . HIS A 1 42  ? 0.27461   14.41761  5.22507   1.000 41.58281  ? 42  HIS A N   1 
ATOM   250  C CA  . HIS A 1 42  ? -0.61813  13.31677  5.54793   1.000 37.10929  ? 42  HIS A CA  1 
ATOM   251  C C   . HIS A 1 42  ? -0.71507  13.16137  7.05659   1.000 36.22548  ? 42  HIS A C   1 
ATOM   252  O O   . HIS A 1 42  ? 0.20906   13.52097  7.79571   1.000 36.91749  ? 42  HIS A O   1 
ATOM   253  C CB  . HIS A 1 42  ? -0.17949  12.00363  4.87776   1.000 37.30916  ? 42  HIS A CB  1 
ATOM   254  C CG  . HIS A 1 42  ? 1.06056   11.40127  5.46546   1.000 58.10885  ? 42  HIS A CG  1 
ATOM   255  N ND1 . HIS A 1 42  ? 2.31426   11.58997  4.92041   1.000 52.48318  ? 42  HIS A ND1 1 
ATOM   256  C CD2 . HIS A 1 42  ? 1.23557   10.59978  6.54341   1.000 53.33590  ? 42  HIS A CD2 1 
ATOM   257  C CE1 . HIS A 1 42  ? 3.20813   10.94072  5.64582   1.000 67.72575  ? 42  HIS A CE1 1 
ATOM   258  N NE2 . HIS A 1 42  ? 2.57980   10.33242  6.63633   1.000 65.24056  ? 42  HIS A NE2 1 
ATOM   259  N N   . PHE A 1 43  ? -1.86622  12.65196  7.50141   1.000 29.89264  ? 43  PHE A N   1 
ATOM   260  C CA  . PHE A 1 43  ? -2.00650  12.10893  8.84674   1.000 28.91888  ? 43  PHE A CA  1 
ATOM   261  C C   . PHE A 1 43  ? -3.18069  11.14639  8.83075   1.000 24.24506  ? 43  PHE A C   1 
ATOM   262  O O   . PHE A 1 43  ? -3.96195  11.12324  7.88520   1.000 24.88639  ? 43  PHE A O   1 
ATOM   263  C CB  . PHE A 1 43  ? -2.18785  13.18486  9.93271   1.000 30.46732  ? 43  PHE A CB  1 
ATOM   264  C CG  . PHE A 1 43  ? -3.39430  14.05780  9.75684   1.000 29.22615  ? 43  PHE A CG  1 
ATOM   265  C CD1 . PHE A 1 43  ? -4.67972  13.63732  10.13772  1.000 25.80250  ? 43  PHE A CD1 1 
ATOM   266  C CD2 . PHE A 1 43  ? -3.24746  15.33535  9.24350   1.000 33.34398  ? 43  PHE A CD2 1 
ATOM   267  C CE1 . PHE A 1 43  ? -5.79313  14.45244  9.95720   1.000 25.35101  ? 43  PHE A CE1 1 
ATOM   268  C CE2 . PHE A 1 43  ? -4.34944  16.17038  9.08635   1.000 29.47821  ? 43  PHE A CE2 1 
ATOM   269  C CZ  . PHE A 1 43  ? -5.61134  15.76639  9.45196   1.000 26.86963  ? 43  PHE A CZ  1 
ATOM   270  N N   . PHE A 1 44  ? -3.30171  10.34720  9.89665   1.000 25.95285  ? 44  PHE A N   1 
ATOM   271  C CA  . PHE A 1 44  ? -4.46272  9.47880   10.00028  1.000 22.99198  ? 44  PHE A CA  1 
ATOM   272  C C   . PHE A 1 44  ? -4.96940  9.46139   11.42901  1.000 24.71456  ? 44  PHE A C   1 
ATOM   273  O O   . PHE A 1 44  ? -4.23430  9.75263   12.38217  1.000 29.65548  ? 44  PHE A O   1 
ATOM   274  C CB  . PHE A 1 44  ? -4.20402  8.03981   9.51875   1.000 26.31576  ? 44  PHE A CB  1 
ATOM   275  C CG  . PHE A 1 44  ? -3.28002  7.26948   10.39854  1.000 32.36962  ? 44  PHE A CG  1 
ATOM   276  C CD1 . PHE A 1 44  ? -3.78141  6.51929   11.45304  1.000 31.10124  ? 44  PHE A CD1 1 
ATOM   277  C CD2 . PHE A 1 44  ? -1.91550  7.29311   10.16988  1.000 34.41365  ? 44  PHE A CD2 1 
ATOM   278  C CE1 . PHE A 1 44  ? -2.91353  5.82606   12.29403  1.000 38.70318  ? 44  PHE A CE1 1 
ATOM   279  C CE2 . PHE A 1 44  ? -1.04702  6.58586   10.98902  1.000 45.59834  ? 44  PHE A CE2 1 
ATOM   280  C CZ  . PHE A 1 44  ? -1.54980  5.85111   12.04589  1.000 42.37625  ? 44  PHE A CZ  1 
ATOM   281  N N   . THR A 1 45  ? -6.24769  9.11483   11.53312  1.000 25.00695  ? 45  THR A N   1 
ATOM   282  C CA  . THR A 1 45  ? -6.88640  8.70028   12.76999  1.000 27.19558  ? 45  THR A CA  1 
ATOM   283  C C   . THR A 1 45  ? -7.52813  7.33329   12.55269  1.000 27.88045  ? 45  THR A C   1 
ATOM   284  O O   . THR A 1 45  ? -7.82423  6.92908   11.42304  1.000 27.31963  ? 45  THR A O   1 
ATOM   285  C CB  . THR A 1 45  ? -7.93297  9.73858   13.24672  1.000 29.40117  ? 45  THR A CB  1 
ATOM   286  O OG1 . THR A 1 45  ? -8.91340  9.95485   12.21798  1.000 31.92889  ? 45  THR A OG1 1 
ATOM   287  C CG2 . THR A 1 45  ? -7.25686  11.07572  13.56679  1.000 32.06003  ? 45  THR A CG2 1 
ATOM   288  N N   . GLY A 1 46  ? -7.73476  6.59649   13.62110  1.000 27.25853  ? 46  GLY A N   1 
ATOM   289  C CA  . GLY A 1 46  ? -8.46710  5.35033   13.46195  1.000 25.73341  ? 46  GLY A CA  1 
ATOM   290  C C   . GLY A 1 46  ? -8.18423  4.41827   14.63782  1.000 32.86144  ? 46  GLY A C   1 
ATOM   291  O O   . GLY A 1 46  ? -7.99637  4.87428   15.76281  1.000 29.72598  ? 46  GLY A O   1 
ATOM   292  N N   . VAL A 1 47  ? -8.15015  3.10472   14.34134  1.000 25.03856  ? 47  VAL A N   1 
ATOM   293  C CA  . VAL A 1 47  ? -8.12874  2.04031   15.34711  1.000 26.08697  ? 47  VAL A CA  1 
ATOM   294  C C   . VAL A 1 47  ? -7.27797  0.86665   14.89399  1.000 26.80147  ? 47  VAL A C   1 
ATOM   295  O O   . VAL A 1 47  ? -6.99166  0.68235   13.70486  1.000 24.51027  ? 47  VAL A O   1 
ATOM   296  C CB  . VAL A 1 47  ? -9.54906  1.52018   15.69314  1.000 23.77421  ? 47  VAL A CB  1 
ATOM   297  C CG1 . VAL A 1 47  ? -10.42838 2.64519   16.25580  1.000 26.06446  ? 47  VAL A CG1 1 
ATOM   298  C CG2 . VAL A 1 47  ? -10.21019 0.91059   14.47407  1.000 25.78175  ? 47  VAL A CG2 1 
ATOM   299  N N   . GLN A 1 48  ? -6.89769  0.04420   15.84995  1.000 25.05370  ? 48  GLN A N   1 
ATOM   300  C CA  . GLN A 1 48  ? -6.32329  -1.25386  15.57957  1.000 25.60850  ? 48  GLN A CA  1 
ATOM   301  C C   . GLN A 1 48  ? -7.36894  -2.35157  15.72357  1.000 27.92382  ? 48  GLN A C   1 
ATOM   302  O O   . GLN A 1 48  ? -8.32294  -2.22827  16.49699  1.000 31.87131  ? 48  GLN A O   1 
ATOM   303  C CB  . GLN A 1 48  ? -5.10538  -1.49901  16.46995  1.000 31.19203  ? 48  GLN A CB  1 
ATOM   304  C CG  . GLN A 1 48  ? -3.93797  -0.65758  15.96573  1.000 44.53548  ? 48  GLN A CG  1 
ATOM   305  C CD  . GLN A 1 48  ? -2.72911  -0.70170  16.85170  1.000 55.30179  ? 48  GLN A CD  1 
ATOM   306  O OE1 . GLN A 1 48  ? -1.63270  -1.00138  16.38901  1.000 71.06970  ? 48  GLN A OE1 1 
ATOM   307  N NE2 . GLN A 1 48  ? -2.90918  -0.38121  18.12780  1.000 48.07218  ? 48  GLN A NE2 1 
ATOM   308  N N   . VAL A 1 49  ? -7.21138  -3.39369  14.91652  1.000 26.70359  ? 49  VAL A N   1 
ATOM   309  C CA  . VAL A 1 49  ? -8.11560  -4.53373  14.88023  1.000 32.26537  ? 49  VAL A CA  1 
ATOM   310  C C   . VAL A 1 49  ? -7.37445  -5.72246  15.47252  1.000 32.41262  ? 49  VAL A C   1 
ATOM   311  O O   . VAL A 1 49  ? -6.18143  -5.89342  15.21719  1.000 27.31031  ? 49  VAL A O   1 
ATOM   312  C CB  . VAL A 1 49  ? -8.50020  -4.85107  13.42007  1.000 39.05271  ? 49  VAL A CB  1 
ATOM   313  C CG1 . VAL A 1 49  ? -9.56098  -5.95548  13.37290  1.000 39.58150  ? 49  VAL A CG1 1 
ATOM   314  C CG2 . VAL A 1 49  ? -8.96916  -3.59522  12.69704  1.000 37.97799  ? 49  VAL A CG2 1 
ATOM   315  N N   . THR A 1 50  ? -8.07591  -6.53453  16.27243  1.000 34.47162  ? 50  THR A N   1 
ATOM   316  C CA  . THR A 1 50  ? -7.50067  -7.74780  16.84446  1.000 34.43178  ? 50  THR A CA  1 
ATOM   317  C C   . THR A 1 50  ? -8.25581  -8.98303  16.36559  1.000 44.83586  ? 50  THR A C   1 
ATOM   318  O O   . THR A 1 50  ? -9.38466  -8.89593  15.87782  1.000 43.06018  ? 50  THR A O   1 
ATOM   319  C CB  . THR A 1 50  ? -7.47569  -7.70917  18.37881  1.000 42.29808  ? 50  THR A CB  1 
ATOM   320  O OG1 . THR A 1 50  ? -8.81575  -7.59416  18.87225  1.000 45.41049  ? 50  THR A OG1 1 
ATOM   321  C CG2 . THR A 1 50  ? -6.64304  -6.52985  18.88426  1.000 37.35314  ? 50  THR A CG2 1 
ATOM   322  N N   . LYS A 1 51  ? -7.60716  -10.14297 16.50572  1.000 48.65245  ? 51  LYS A N   1 
ATOM   323  C CA  . LYS A 1 51  ? -8.11900  -11.41954 16.00556  1.000 56.93226  ? 51  LYS A CA  1 
ATOM   324  C C   . LYS A 1 51  ? -8.98483  -12.16294 17.01834  1.000 55.60648  ? 51  LYS A C   1 
ATOM   325  O O   . LYS A 1 51  ? -10.02056 -12.72752 16.64948  1.000 59.53614  ? 51  LYS A O   1 
ATOM   326  C CB  . LYS A 1 51  ? -6.95607  -12.33397 15.61031  1.000 69.54876  ? 51  LYS A CB  1 
ATOM   327  C CG  . LYS A 1 51  ? -6.42230  -12.11940 14.21041  1.000 85.14481  ? 51  LYS A CG  1 
ATOM   328  C CD  . LYS A 1 51  ? -5.11973  -12.88386 13.99382  1.000 86.13591  ? 51  LYS A CD  1 
ATOM   329  C CE  . LYS A 1 51  ? -4.54188  -12.60652 12.60940  1.000 79.23377  ? 51  LYS A CE  1 
ATOM   330  N NZ  . LYS A 1 51  ? -3.18408  -13.20285 12.41181  1.000 71.31014  ? 51  LYS A NZ  1 
ATOM   331  N N   . GLY A 1 52  ? -8.56986  -12.20073 18.27959  1.000 61.34078  ? 52  GLY A N   1 
ATOM   332  C CA  . GLY A 1 52  ? -9.26309  -12.99994 19.27344  1.000 75.70044  ? 52  GLY A CA  1 
ATOM   333  C C   . GLY A 1 52  ? -8.37071  -13.34275 20.44775  1.000 83.68066  ? 52  GLY A C   1 
ATOM   334  O O   . GLY A 1 52  ? -8.83477  -13.43976 21.58880  1.000 80.25421  ? 52  GLY A O   1 
ATOM   335  N N   . ASP A 1 53  ? -7.08057  -13.53607 20.17446  1.000 86.31006  ? 53  ASP A N   1 
ATOM   336  C CA  . ASP A 1 53  ? -6.07536  -13.63881 21.22406  1.000 80.87079  ? 53  ASP A CA  1 
ATOM   337  C C   . ASP A 1 53  ? -5.64622  -12.27368 21.75804  1.000 73.78072  ? 53  ASP A C   1 
ATOM   338  O O   . ASP A 1 53  ? -4.67453  -12.19365 22.51942  1.000 79.26854  ? 53  ASP A O   1 
ATOM   339  C CB  . ASP A 1 53  ? -4.86156  -14.44358 20.73790  1.000 79.46837  ? 53  ASP A CB  1 
ATOM   340  C CG  . ASP A 1 53  ? -4.23724  -13.86710 19.47602  1.000 81.59017  ? 53  ASP A CG  1 
ATOM   341  O OD1 . ASP A 1 53  ? -4.98275  -13.34501 18.61644  1.000 78.65986  ? 53  ASP A OD1 1 
ATOM   342  O OD2 . ASP A 1 53  ? -2.99567  -13.94141 19.34359  1.000 81.27570  ? 53  ASP A OD2 1 
ATOM   343  N N   . GLY A 1 54  ? -6.34431  -11.20556 21.37394  1.000 64.47019  ? 54  GLY A N   1 
ATOM   344  C CA  . GLY A 1 54  ? -6.02245  -9.87014  21.82820  1.000 67.54360  ? 54  GLY A CA  1 
ATOM   345  C C   . GLY A 1 54  ? -4.86453  -9.19447  21.12140  1.000 64.51268  ? 54  GLY A C   1 
ATOM   346  O O   . GLY A 1 54  ? -4.54918  -8.04416  21.45581  1.000 59.21570  ? 54  GLY A O   1 
ATOM   347  N N   . LEU A 1 55  ? -4.22283  -9.85691  20.15743  1.000 64.99199  ? 55  LEU A N   1 
ATOM   348  C CA  . LEU A 1 55  ? -3.09076  -9.27727  19.44172  1.000 55.04355  ? 55  LEU A CA  1 
ATOM   349  C C   . LEU A 1 55  ? -3.55096  -8.55483  18.17790  1.000 58.73544  ? 55  LEU A C   1 
ATOM   350  O O   . LEU A 1 55  ? -4.42208  -9.04280  17.44771  1.000 44.92443  ? 55  LEU A O   1 
ATOM   351  C CB  . LEU A 1 55  ? -2.05855  -10.34969 19.07855  1.000 61.55537  ? 55  LEU A CB  1 
ATOM   352  C CG  . LEU A 1 55  ? -0.85712  -10.48007 20.02400  1.000 63.04268  ? 55  LEU A CG  1 
ATOM   353  C CD1 . LEU A 1 55  ? -1.31144  -10.96281 21.38580  1.000 50.64413  ? 55  LEU A CD1 1 
ATOM   354  C CD2 . LEU A 1 55  ? 0.22919   -11.39531 19.45329  1.000 55.31339  ? 55  LEU A CD2 1 
ATOM   355  N N   . VAL A 1 56  ? -2.94131  -7.38898  17.92893  1.000 51.08304  ? 56  VAL A N   1 
ATOM   356  C CA  . VAL A 1 56  ? -3.26905  -6.57433  16.76029  1.000 50.97603  ? 56  VAL A CA  1 
ATOM   357  C C   . VAL A 1 56  ? -2.99714  -7.35647  15.48217  1.000 54.43988  ? 56  VAL A C   1 
ATOM   358  O O   . VAL A 1 56  ? -1.89443  -7.87941  15.27771  1.000 56.28720  ? 56  VAL A O   1 
ATOM   359  C CB  . VAL A 1 56  ? -2.44856  -5.27471  16.78923  1.000 44.59176  ? 56  VAL A CB  1 
ATOM   360  C CG1 . VAL A 1 56  ? -2.52465  -4.57598  15.44614  1.000 46.86426  ? 56  VAL A CG1 1 
ATOM   361  C CG2 . VAL A 1 56  ? -2.92501  -4.34988  17.91007  1.000 47.25073  ? 56  VAL A CG2 1 
ATOM   362  N N   . SER A 1 57  ? -4.00433  -7.42581  14.60148  1.000 42.08036  ? 57  SER A N   1 
ATOM   363  C CA  . SER A 1 57  ? -3.86682  -8.08113  13.30801  1.000 38.47455  ? 57  SER A CA  1 
ATOM   364  C C   . SER A 1 57  ? -4.00811  -7.12651  12.12942  1.000 43.05303  ? 57  SER A C   1 
ATOM   365  O O   . SER A 1 57  ? -3.83675  -7.54146  10.98167  1.000 40.28618  ? 57  SER A O   1 
ATOM   366  C CB  . SER A 1 57  ? -4.92516  -9.17781  13.16106  1.000 41.60955  ? 57  SER A CB  1 
ATOM   367  O OG  . SER A 1 57  ? -6.24307  -8.64291  13.21774  1.000 39.05834  ? 57  SER A OG  1 
ATOM   368  N N   . GLY A 1 58  ? -4.34025  -5.87354  12.37550  1.000 35.39023  ? 58  GLY A N   1 
ATOM   369  C CA  . GLY A 1 58  ? -4.61353  -4.97041  11.28253  1.000 37.39490  ? 58  GLY A CA  1 
ATOM   370  C C   . GLY A 1 58  ? -5.04596  -3.64097  11.84399  1.000 29.12729  ? 58  GLY A C   1 
ATOM   371  O O   . GLY A 1 58  ? -4.95305  -3.38364  13.05286  1.000 26.98904  ? 58  GLY A O   1 
ATOM   372  N N   . SER A 1 59  ? -5.53619  -2.79722  10.95871  1.000 24.67864  ? 59  SER A N   1 
ATOM   373  C CA  . SER A 1 59  ? -5.90228  -1.46336  11.35345  1.000 24.14617  ? 59  SER A CA  1 
ATOM   374  C C   . SER A 1 59  ? -7.02300  -0.99895  10.44865  1.000 25.45039  ? 59  SER A C   1 
ATOM   375  O O   . SER A 1 59  ? -7.20436  -1.48606  9.32093   1.000 24.57624  ? 59  SER A O   1 
ATOM   376  C CB  . SER A 1 59  ? -4.71348  -0.50579  11.28586  1.000 26.56774  ? 59  SER A CB  1 
ATOM   377  O OG  . SER A 1 59  ? -4.26450  -0.43998  9.94729   1.000 26.83474  ? 59  SER A OG  1 
ATOM   378  N N   . ILE A 1 60  ? -7.77900  -0.04300  10.95045  1.000 21.25813  ? 60  ILE A N   1 
ATOM   379  C CA  . ILE A 1 60  ? -8.71671  0.71545   10.12507  1.000 24.87471  ? 60  ILE A CA  1 
ATOM   380  C C   . ILE A 1 60  ? -8.40915  2.18223   10.34908  1.000 28.13541  ? 60  ILE A C   1 
ATOM   381  O O   . ILE A 1 60  ? -8.45585  2.66642   11.48525  1.000 27.64895  ? 60  ILE A O   1 
ATOM   382  C CB  . ILE A 1 60  ? -10.19453 0.37672   10.40287  1.000 22.75201  ? 60  ILE A CB  1 
ATOM   383  C CG1 . ILE A 1 60  ? -10.45224 -1.11998  10.17889  1.000 25.53732  ? 60  ILE A CG1 1 
ATOM   384  C CG2 . ILE A 1 60  ? -11.13802 1.25299   9.52718   1.000 25.34715  ? 60  ILE A CG2 1 
ATOM   385  C CD1 . ILE A 1 60  ? -11.77626 -1.62700  10.74171  1.000 30.30949  ? 60  ILE A CD1 1 
ATOM   386  N N   . LYS A 1 61  ? -8.03852  2.88353   9.28489   1.000 24.40302  ? 61  LYS A N   1 
ATOM   387  C CA  . LYS A 1 61  ? -7.52244  4.23702   9.37145   1.000 27.04765  ? 61  LYS A CA  1 
ATOM   388  C C   . LYS A 1 61  ? -8.31011  5.12993   8.42421   1.000 30.20658  ? 61  LYS A C   1 
ATOM   389  O O   . LYS A 1 61  ? -8.64580  4.73518   7.29127   1.000 27.92774  ? 61  LYS A O   1 
ATOM   390  C CB  . LYS A 1 61  ? -6.06178  4.31576   8.94564   1.000 26.83147  ? 61  LYS A CB  1 
ATOM   391  C CG  . LYS A 1 61  ? -5.12717  3.51289   9.83900   1.000 28.71868  ? 61  LYS A CG  1 
ATOM   392  C CD  . LYS A 1 61  ? -3.70517  3.52137   9.35241   1.000 30.36551  ? 61  LYS A CD  1 
ATOM   393  C CE  . LYS A 1 61  ? -2.80030  2.83302   10.37456  1.000 35.58734  ? 61  LYS A CE  1 
ATOM   394  N NZ  . LYS A 1 61  ? -1.42315  2.70279   9.84196   1.000 43.44107  ? 61  LYS A NZ  1 
ATOM   395  N N   . GLU A 1 62  ? -8.55725  6.34933   8.87057   1.000 24.93472  ? 62  GLU A N   1 
ATOM   396  C CA  . GLU A 1 62  ? -9.02863  7.41639   7.99927   1.000 25.33940  ? 62  GLU A CA  1 
ATOM   397  C C   . GLU A 1 62  ? -7.85006  8.34522   7.73326   1.000 23.06715  ? 62  GLU A C   1 
ATOM   398  O O   . GLU A 1 62  ? -7.33294  8.99529   8.63944   1.000 25.92241  ? 62  GLU A O   1 
ATOM   399  C CB  . GLU A 1 62  ? -10.21612 8.16929   8.59832   1.000 33.03429  ? 62  GLU A CB  1 
ATOM   400  C CG  . GLU A 1 62  ? -10.72954 9.24390   7.63920   1.000 35.75492  ? 62  GLU A CG  1 
ATOM   401  C CD  . GLU A 1 62  ? -11.62680 10.25285  8.32394   1.000 71.18827  ? 62  GLU A CD  1 
ATOM   402  O OE1 . GLU A 1 62  ? -11.21388 10.82303  9.36012   1.000 66.22931  ? 62  GLU A OE1 1 
ATOM   403  O OE2 . GLU A 1 62  ? -12.74970 10.46551  7.82571   1.000 84.36349  ? 62  GLU A OE2 1 
ATOM   404  N N   . TRP A 1 63  ? -7.40992  8.38760   6.47853   1.000 25.05091  ? 63  TRP A N   1 
ATOM   405  C CA  . TRP A 1 63  ? -6.25621  9.17254   6.09535   1.000 22.33560  ? 63  TRP A CA  1 
ATOM   406  C C   . TRP A 1 63  ? -6.72053  10.52410  5.57505   1.000 23.95435  ? 63  TRP A C   1 
ATOM   407  O O   . TRP A 1 63  ? -7.74333  10.61890  4.89101   1.000 25.70669  ? 63  TRP A O   1 
ATOM   408  C CB  . TRP A 1 63  ? -5.55338  8.45641   4.93558   1.000 25.13556  ? 63  TRP A CB  1 
ATOM   409  C CG  . TRP A 1 63  ? -4.76517  7.25386   5.36475   1.000 25.85016  ? 63  TRP A CG  1 
ATOM   410  C CD1 . TRP A 1 63  ? -5.19367  5.95144   5.38620   1.000 27.27424  ? 63  TRP A CD1 1 
ATOM   411  C CD2 . TRP A 1 63  ? -3.42542  7.24779   5.84314   1.000 24.53029  ? 63  TRP A CD2 1 
ATOM   412  N NE1 . TRP A 1 63  ? -4.18700  5.13914   5.84551   1.000 26.84827  ? 63  TRP A NE1 1 
ATOM   413  C CE2 . TRP A 1 63  ? -3.07971  5.90537   6.11038   1.000 24.38885  ? 63  TRP A CE2 1 
ATOM   414  C CE3 . TRP A 1 63  ? -2.46350  8.24330   6.04041   1.000 26.36500  ? 63  TRP A CE3 1 
ATOM   415  C CZ2 . TRP A 1 63  ? -1.82221  5.53775   6.56304   1.000 30.19555  ? 63  TRP A CZ2 1 
ATOM   416  C CZ3 . TRP A 1 63  ? -1.21305  7.87203   6.49764   1.000 37.95969  ? 63  TRP A CZ3 1 
ATOM   417  C CH2 . TRP A 1 63  ? -0.90893  6.53557   6.76403   1.000 40.49024  ? 63  TRP A CH2 1 
ATOM   418  N N   . ASN A 1 64  ? -5.96081  11.55894  5.90774   1.000 25.13422  ? 64  ASN A N   1 
ATOM   419  C CA  . ASN A 1 64  ? -6.07578  12.87577  5.30078   1.000 30.39215  ? 64  ASN A CA  1 
ATOM   420  C C   . ASN A 1 64  ? -4.73256  13.11466  4.63870   1.000 23.83620  ? 64  ASN A C   1 
ATOM   421  O O   . ASN A 1 64  ? -3.68459  12.98863  5.28123   1.000 26.43890  ? 64  ASN A O   1 
ATOM   422  C CB  . ASN A 1 64  ? -6.31283  13.95196  6.37243   1.000 23.99732  ? 64  ASN A CB  1 
ATOM   423  C CG  . ASN A 1 64  ? -7.74379  13.96474  6.89369   1.000 36.24205  ? 64  ASN A CG  1 
ATOM   424  O OD1 . ASN A 1 64  ? -8.49963  14.89757  6.62645   1.000 42.73862  ? 64  ASN A OD1 1 
ATOM   425  N ND2 . ASN A 1 64  ? -8.12282  12.93052  7.63944   1.000 29.87286  ? 64  ASN A ND2 1 
ATOM   426  N N   . TYR A 1 65  ? -4.73090  13.41039  3.34086   1.000 24.08769  ? 65  TYR A N   1 
ATOM   427  C CA  . TYR A 1 65  ? -3.45098  13.49960  2.64699   1.000 26.45425  ? 65  TYR A CA  1 
ATOM   428  C C   . TYR A 1 65  ? -3.58083  14.43027  1.45855   1.000 25.52217  ? 65  TYR A C   1 
ATOM   429  O O   . TYR A 1 65  ? -4.68694  14.79115  1.04086   1.000 26.54172  ? 65  TYR A O   1 
ATOM   430  C CB  . TYR A 1 65  ? -2.96490  12.12252  2.16232   1.000 26.27467  ? 65  TYR A CB  1 
ATOM   431  C CG  . TYR A 1 65  ? -3.90235  11.42390  1.18794   1.000 24.05182  ? 65  TYR A CG  1 
ATOM   432  C CD1 . TYR A 1 65  ? -3.63791  11.39327  -0.19107  1.000 25.32986  ? 65  TYR A CD1 1 
ATOM   433  C CD2 . TYR A 1 65  ? -5.04719  10.77329  1.63851   1.000 26.93477  ? 65  TYR A CD2 1 
ATOM   434  C CE1 . TYR A 1 65  ? -4.51363  10.75220  -1.06766  1.000 24.83556  ? 65  TYR A CE1 1 
ATOM   435  C CE2 . TYR A 1 65  ? -5.91379  10.13214  0.79562   1.000 22.74780  ? 65  TYR A CE2 1 
ATOM   436  C CZ  . TYR A 1 65  ? -5.63560  10.09419  -0.58077  1.000 23.45553  ? 65  TYR A CZ  1 
ATOM   437  O OH  . TYR A 1 65  ? -6.49115  9.45539   -1.44116  1.000 25.16369  ? 65  TYR A OH  1 
ATOM   438  N N   . VAL A 1 66  ? -2.43355  14.78384  0.88533   1.000 27.92152  ? 66  VAL A N   1 
ATOM   439  C CA  . VAL A 1 66  ? -2.39111  15.64110  -0.30215  1.000 25.67567  ? 66  VAL A CA  1 
ATOM   440  C C   . VAL A 1 66  ? -1.67263  14.90083  -1.42275  1.000 25.26537  ? 66  VAL A C   1 
ATOM   441  O O   . VAL A 1 66  ? -0.49796  14.54531  -1.27766  1.000 35.46630  ? 66  VAL A O   1 
ATOM   442  C CB  . VAL A 1 66  ? -1.71757  16.98345  0.00316   1.000 25.29881  ? 66  VAL A CB  1 
ATOM   443  C CG1 . VAL A 1 66  ? -1.50039  17.77280  -1.29363  1.000 37.20598  ? 66  VAL A CG1 1 
ATOM   444  C CG2 . VAL A 1 66  ? -2.58432  17.77754  0.98352   1.000 26.95917  ? 66  VAL A CG2 1 
ATOM   445  N N   . LEU A 1 67  ? -2.38687  14.63481  -2.50863  1.000 26.10592  ? 67  LEU A N   1 
ATOM   446  C CA  . LEU A 1 67  ? -1.82859  13.93616  -3.66876  1.000 24.05939  ? 67  LEU A CA  1 
ATOM   447  C C   . LEU A 1 67  ? -1.79287  14.92199  -4.82573  1.000 26.94373  ? 67  LEU A C   1 
ATOM   448  O O   . LEU A 1 67  ? -2.84729  15.44501  -5.21910  1.000 28.27168  ? 67  LEU A O   1 
ATOM   449  C CB  . LEU A 1 67  ? -2.72436  12.74973  -4.03424  1.000 22.11548  ? 67  LEU A CB  1 
ATOM   450  C CG  . LEU A 1 67  ? -2.31487  11.95345  -5.28194  1.000 26.02826  ? 67  LEU A CG  1 
ATOM   451  C CD1 . LEU A 1 67  ? -0.87892  11.42885  -5.11270  1.000 30.85877  ? 67  LEU A CD1 1 
ATOM   452  C CD2 . LEU A 1 67  ? -3.25513  10.80394  -5.50771  1.000 27.70387  ? 67  LEU A CD2 1 
ATOM   453  N N   . GLU A 1 68  ? -0.59232  15.14869  -5.38042  1.000 29.89201  ? 68  GLU A N   1 
ATOM   454  C CA  . GLU A 1 68  ? -0.43028  16.07171  -6.51790  1.000 32.49342  ? 68  GLU A CA  1 
ATOM   455  C C   . GLU A 1 68  ? -1.10916  17.40771  -6.23151  1.000 34.84498  ? 68  GLU A C   1 
ATOM   456  O O   . GLU A 1 68  ? -1.83852  17.96047  -7.06339  1.000 33.49869  ? 68  GLU A O   1 
ATOM   457  C CB  . GLU A 1 68  ? -0.87898  15.43951  -7.84693  1.000 33.04931  ? 68  GLU A CB  1 
ATOM   458  C CG  . GLU A 1 68  ? -0.01432  14.23621  -8.17675  1.000 40.87012  ? 68  GLU A CG  1 
ATOM   459  C CD  . GLU A 1 68  ? -0.38096  13.52890  -9.46442  1.000 50.59161  ? 68  GLU A CD  1 
ATOM   460  O OE1 . GLU A 1 68  ? -1.36445  13.93248  -10.12689 1.000 43.14213  ? 68  GLU A OE1 1 
ATOM   461  O OE2 . GLU A 1 68  ? 0.32187   12.54847  -9.79714  1.000 41.58556  ? 68  GLU A OE2 1 
ATOM   462  N N   . GLY A 1 69  ? -0.90894  17.89983  -4.99783  1.000 28.77560  ? 69  GLY A N   1 
ATOM   463  C CA  . GLY A 1 69  ? -1.35670  19.21195  -4.60309  1.000 32.23419  ? 69  GLY A CA  1 
ATOM   464  C C   . GLY A 1 69  ? -2.77217  19.27718  -4.07404  1.000 33.66715  ? 69  GLY A C   1 
ATOM   465  O O   . GLY A 1 69  ? -3.15617  20.32087  -3.52626  1.000 32.78476  ? 69  GLY A O   1 
ATOM   466  N N   . LYS A 1 70  ? -3.55535  18.20199  -4.19760  1.000 29.16838  ? 70  LYS A N   1 
ATOM   467  C CA  . LYS A 1 70  ? -4.97643  18.21117  -3.85885  1.000 29.89699  ? 70  LYS A CA  1 
ATOM   468  C C   . LYS A 1 70  ? -5.22876  17.44135  -2.55985  1.000 32.16303  ? 70  LYS A C   1 
ATOM   469  O O   . LYS A 1 70  ? -4.79417  16.29520  -2.42337  1.000 28.04756  ? 70  LYS A O   1 
ATOM   470  C CB  . LYS A 1 70  ? -5.80339  17.58531  -4.98173  1.000 29.11069  ? 70  LYS A CB  1 
ATOM   471  C CG  . LYS A 1 70  ? -7.30876  17.71849  -4.73337  1.000 41.09087  ? 70  LYS A CG  1 
ATOM   472  C CD  . LYS A 1 70  ? -8.14202  17.03486  -5.81917  1.000 54.97098  ? 70  LYS A CD  1 
ATOM   473  C CE  . LYS A 1 70  ? -9.58668  17.55233  -5.83293  1.000 66.66533  ? 70  LYS A CE  1 
ATOM   474  N NZ  . LYS A 1 70  ? -9.89574  18.52178  -4.73171  1.000 51.41061  ? 70  LYS A NZ  1 
ATOM   475  N N   . ALA A 1 71  ? -5.96298  18.05458  -1.62717  1.000 28.26229  ? 71  ALA A N   1 
ATOM   476  C CA  . ALA A 1 71  ? -6.28285  17.40126  -0.35261  1.000 26.25343  ? 71  ALA A CA  1 
ATOM   477  C C   . ALA A 1 71  ? -7.40587  16.37618  -0.52161  1.000 30.52054  ? 71  ALA A C   1 
ATOM   478  O O   . ALA A 1 71  ? -8.41388  16.62084  -1.19711  1.000 28.70284  ? 71  ALA A O   1 
ATOM   479  C CB  . ALA A 1 71  ? -6.69386  18.44763  0.68192   1.000 28.62016  ? 71  ALA A CB  1 
ATOM   480  N N   . MET A 1 72  ? -7.24746  15.22028  0.12904   1.000 26.40799  ? 72  MET A N   1 
ATOM   481  C CA  . MET A 1 72  ? -8.15588  14.10131  -0.05900  1.000 23.54194  ? 72  MET A CA  1 
ATOM   482  C C   . MET A 1 72  ? -8.25724  13.33635  1.25187   1.000 25.65520  ? 72  MET A C   1 
ATOM   483  O O   . MET A 1 72  ? -7.41715  13.50576  2.14318   1.000 25.40347  ? 72  MET A O   1 
ATOM   484  C CB  . MET A 1 72  ? -7.58370  13.12690  -1.10282  1.000 28.94640  ? 72  MET A CB  1 
ATOM   485  C CG  . MET A 1 72  ? -7.47859  13.70062  -2.52626  1.000 31.87907  ? 72  MET A CG  1 
ATOM   486  S SD  . MET A 1 72  ? -6.81757  12.43668  -3.61418  1.000 33.26113  ? 72  MET A SD  1 
ATOM   487  C CE  . MET A 1 72  ? -6.44326  13.44204  -5.06809  1.000 32.43563  ? 72  MET A CE  1 
ATOM   488  N N   . THR A 1 73  ? -9.27179  12.46394  1.33306   1.000 27.38378  ? 73  THR A N   1 
ATOM   489  C CA  . THR A 1 73  ? -9.40749  11.51978  2.45096   1.000 24.28671  ? 73  THR A CA  1 
ATOM   490  C C   . THR A 1 73  ? -9.62024  10.10831  1.92541   1.000 29.05291  ? 73  THR A C   1 
ATOM   491  O O   . THR A 1 73  ? -10.05700 9.91529   0.79269   1.000 28.73180  ? 73  THR A O   1 
ATOM   492  C CB  . THR A 1 73  ? -10.53991 11.86265  3.46059   1.000 34.93454  ? 73  THR A CB  1 
ATOM   493  O OG1 . THR A 1 73  ? -11.81522 11.60058  2.87003   1.000 40.50392  ? 73  THR A OG1 1 
ATOM   494  C CG2 . THR A 1 73  ? -10.45468 13.32166  3.91236   1.000 39.96735  ? 73  THR A CG2 1 
ATOM   495  N N   . ALA A 1 74  ? -9.27444  9.11025   2.74064   1.000 27.11709  ? 74  ALA A N   1 
ATOM   496  C CA  . ALA A 1 74  ? -9.57444  7.72807   2.36673   1.000 24.77098  ? 74  ALA A CA  1 
ATOM   497  C C   . ALA A 1 74  ? -9.76267  6.92781   3.64466   1.000 22.14497  ? 74  ALA A C   1 
ATOM   498  O O   . ALA A 1 74  ? -9.06989  7.15524   4.62859   1.000 27.41012  ? 74  ALA A O   1 
ATOM   499  C CB  . ALA A 1 74  ? -8.41507  7.08149   1.60056   1.000 28.99094  ? 74  ALA A CB  1 
ATOM   500  N N   . VAL A 1 75  ? -10.67316 5.97700   3.61218   1.000 23.32326  ? 75  VAL A N   1 
ATOM   501  C CA  . VAL A 1 75  ? -10.78423 4.99489   4.69722   1.000 23.17767  ? 75  VAL A CA  1 
ATOM   502  C C   . VAL A 1 75  ? -10.18991 3.68151   4.21644   1.000 22.05011  ? 75  VAL A C   1 
ATOM   503  O O   . VAL A 1 75  ? -10.61338 3.15188   3.18315   1.000 21.99843  ? 75  VAL A O   1 
ATOM   504  C CB  . VAL A 1 75  ? -12.23852 4.79595   5.12885   1.000 25.79339  ? 75  VAL A CB  1 
ATOM   505  C CG1 . VAL A 1 75  ? -12.34600 3.67157   6.18650   1.000 26.15194  ? 75  VAL A CG1 1 
ATOM   506  C CG2 . VAL A 1 75  ? -12.81848 6.11528   5.64148   1.000 31.88278  ? 75  VAL A CG2 1 
ATOM   507  N N   . GLU A 1 76  ? -9.24326  3.14372   4.98569   1.000 23.24994  ? 76  GLU A N   1 
ATOM   508  C CA  . GLU A 1 76  ? -8.40790  2.00805   4.59025   1.000 27.17489  ? 76  GLU A CA  1 
ATOM   509  C C   . GLU A 1 76  ? -8.39829  0.94778   5.68442   1.000 24.55503  ? 76  GLU A C   1 
ATOM   510  O O   . GLU A 1 76  ? -8.08617  1.25979   6.83789   1.000 26.10402  ? 76  GLU A O   1 
ATOM   511  C CB  . GLU A 1 76  ? -6.94118  2.46761   4.36558   1.000 28.67134  ? 76  GLU A CB  1 
ATOM   512  C CG  . GLU A 1 76  ? -5.89183  1.34518   4.44993   1.000 29.69389  ? 76  GLU A CG  1 
ATOM   513  C CD  . GLU A 1 76  ? -4.47313  1.87388   4.47195   1.000 39.94691  ? 76  GLU A CD  1 
ATOM   514  O OE1 . GLU A 1 76  ? -4.06501  2.40724   5.51640   1.000 34.10554  ? 76  GLU A OE1 1 
ATOM   515  O OE2 . GLU A 1 76  ? -3.75579  1.75863   3.45274   1.000 38.28190  ? 76  GLU A OE2 1 
ATOM   516  N N   . GLU A 1 77  ? -8.69010  -0.30137  5.33378   1.000 20.84553  ? 77  GLU A N   1 
ATOM   517  C CA  A GLU A 1 77  ? -8.53064  -1.43418  6.24888   0.500 20.23436  ? 77  GLU A CA  1 
ATOM   518  C CA  B GLU A 1 77  ? -8.55217  -1.44230  6.23805   0.500 20.19754  ? 77  GLU A CA  1 
ATOM   519  C C   . GLU A 1 77  ? -7.32958  -2.24523  5.79816   1.000 23.42320  ? 77  GLU A C   1 
ATOM   520  O O   . GLU A 1 77  ? -7.28228  -2.70859  4.65615   1.000 23.05247  ? 77  GLU A O   1 
ATOM   521  C CB  A GLU A 1 77  ? -9.75035  -2.34813  6.33407   0.500 24.92236  ? 77  GLU A CB  1 
ATOM   522  C CB  B GLU A 1 77  ? -9.83135  -2.27594  6.18805   0.500 24.75185  ? 77  GLU A CB  1 
ATOM   523  C CG  A GLU A 1 77  ? -9.41724  -3.57949  7.20268   0.500 25.33091  ? 77  GLU A CG  1 
ATOM   524  C CG  B GLU A 1 77  ? -11.05636 -1.37671  6.13419   0.500 27.63662  ? 77  GLU A CG  1 
ATOM   525  C CD  A GLU A 1 77  ? -10.63295 -4.29131  7.76135   0.500 35.90779  ? 77  GLU A CD  1 
ATOM   526  C CD  B GLU A 1 77  ? -12.37102 -2.11545  6.17055   0.500 34.70670  ? 77  GLU A CD  1 
ATOM   527  O OE1 A GLU A 1 77  ? -11.74807 -3.99338  7.30432   0.500 31.50184  ? 77  GLU A OE1 1 
ATOM   528  O OE1 B GLU A 1 77  ? -12.45092 -3.23480  5.64176   0.500 31.04670  ? 77  GLU A OE1 1 
ATOM   529  O OE2 A GLU A 1 77  ? -10.45662 -5.14708  8.65944   0.500 32.59894  ? 77  GLU A OE2 1 
ATOM   530  O OE2 B GLU A 1 77  ? -13.33267 -1.55769  6.73305   0.500 32.17218  ? 77  GLU A OE2 1 
ATOM   531  N N   . THR A 1 78  ? -6.35072  -2.38967  6.68003   1.000 20.35056  ? 78  THR A N   1 
ATOM   532  C CA  . THR A 1 78  ? -5.12108  -3.11688  6.39709   1.000 20.33899  ? 78  THR A CA  1 
ATOM   533  C C   . THR A 1 78  ? -5.12278  -4.45847  7.12024   1.000 24.61459  ? 78  THR A C   1 
ATOM   534  O O   . THR A 1 78  ? -5.47724  -4.53388  8.30893   1.000 25.41785  ? 78  THR A O   1 
ATOM   535  C CB  . THR A 1 78  ? -3.92754  -2.25753  6.78999   1.000 24.69550  ? 78  THR A CB  1 
ATOM   536  O OG1 . THR A 1 78  ? -3.90783  -1.07821  5.94705   1.000 26.15428  ? 78  THR A OG1 1 
ATOM   537  C CG2 . THR A 1 78  ? -2.62039  -2.99465  6.66194   1.000 23.70362  ? 78  THR A CG2 1 
ATOM   538  N N   . THR A 1 79  ? -4.74328  -5.50925  6.39608   1.000 24.22164  ? 79  THR A N   1 
ATOM   539  C CA  . THR A 1 79  ? -4.54071  -6.85114  6.92871   1.000 23.56346  ? 79  THR A CA  1 
ATOM   540  C C   . THR A 1 79  ? -3.19740  -7.36057  6.44358   1.000 26.13718  ? 79  THR A C   1 
ATOM   541  O O   . THR A 1 79  ? -2.58550  -6.79238  5.53405   1.000 22.81344  ? 79  THR A O   1 
ATOM   542  C CB  . THR A 1 79  ? -5.65733  -7.80285  6.45661   1.000 29.32855  ? 79  THR A CB  1 
ATOM   543  O OG1 . THR A 1 79  ? -5.74392  -7.77255  5.03037   1.000 34.57803  ? 79  THR A OG1 1 
ATOM   544  C CG2 . THR A 1 79  ? -6.99495  -7.36747  7.03164   1.000 31.35269  ? 79  THR A CG2 1 
ATOM   545  N N   . HIS A 1 80  ? -2.69319  -8.41147  7.07554   1.000 27.29740  ? 80  HIS A N   1 
ATOM   546  C CA  . HIS A 1 80  ? -1.40580  -8.94945  6.66792   1.000 25.80741  ? 80  HIS A CA  1 
ATOM   547  C C   . HIS A 1 80  ? -1.43574  -10.46980 6.73559   1.000 27.68428  ? 80  HIS A C   1 
ATOM   548  O O   . HIS A 1 80  ? -2.27084  -11.06938 7.42474   1.000 31.02049  ? 80  HIS A O   1 
ATOM   549  C CB  . HIS A 1 80  ? -0.26222  -8.35976  7.47192   1.000 28.17046  ? 80  HIS A CB  1 
ATOM   550  C CG  . HIS A 1 80  ? -0.31784  -8.74030  8.91200   1.000 33.41692  ? 80  HIS A CG  1 
ATOM   551  N ND1 . HIS A 1 80  ? -0.96112  -7.97115  9.85822   1.000 46.37772  ? 80  HIS A ND1 1 
ATOM   552  C CD2 . HIS A 1 80  ? 0.14858   -9.83257  9.56251   1.000 37.11481  ? 80  HIS A CD2 1 
ATOM   553  C CE1 . HIS A 1 80  ? -0.87400  -8.56560  11.03663  1.000 46.13520  ? 80  HIS A CE1 1 
ATOM   554  N NE2 . HIS A 1 80  ? -0.20992  -9.69770  10.88464  1.000 42.68069  ? 80  HIS A NE2 1 
ATOM   555  N N   . ALA A 1 81  ? -0.53846  -11.08254 5.96909   1.000 31.43230  ? 81  ALA A N   1 
ATOM   556  C CA  . ALA A 1 81  ? -0.34265  -12.53186 5.95550   1.000 28.86719  ? 81  ALA A CA  1 
ATOM   557  C C   . ALA A 1 81  ? 1.16137   -12.76645 6.06457   1.000 30.17685  ? 81  ALA A C   1 
ATOM   558  O O   . ALA A 1 81  ? 1.88540   -12.66051 5.06664   1.000 28.25353  ? 81  ALA A O   1 
ATOM   559  C CB  . ALA A 1 81  ? -0.92357  -13.16259 4.69223   1.000 33.25198  ? 81  ALA A CB  1 
ATOM   560  N N   . ASP A 1 82  ? 1.63376   -13.06418 7.28450   1.000 30.42820  ? 82  ASP A N   1 
ATOM   561  C CA  . ASP A 1 82  ? 3.06370   -13.23804 7.51742   1.000 29.31225  ? 82  ASP A CA  1 
ATOM   562  C C   . ASP A 1 82  ? 3.62122   -14.38773 6.69946   1.000 35.43769  ? 82  ASP A C   1 
ATOM   563  O O   . ASP A 1 82  ? 4.77266   -14.33150 6.26114   1.000 36.24715  ? 82  ASP A O   1 
ATOM   564  C CB  . ASP A 1 82  ? 3.34055   -13.53326 9.00490   1.000 31.93081  ? 82  ASP A CB  1 
ATOM   565  C CG  . ASP A 1 82  ? 3.22164   -12.30949 9.88016   1.000 42.25725  ? 82  ASP A CG  1 
ATOM   566  O OD1 . ASP A 1 82  ? 2.96534   -11.20491 9.36478   1.000 37.30812  ? 82  ASP A OD1 1 
ATOM   567  O OD2 . ASP A 1 82  ? 3.36975   -12.45618 11.11673  1.000 48.03870  ? 82  ASP A OD2 1 
ATOM   568  N N   . GLU A 1 83  ? 2.82730   -15.43938 6.49363   1.000 35.23035  ? 83  GLU A N   1 
ATOM   569  C CA  . GLU A 1 83  ? 3.34231   -16.62694 5.81727   1.000 50.24890  ? 83  GLU A CA  1 
ATOM   570  C C   . GLU A 1 83  ? 3.70302   -16.34261 4.36978   1.000 39.01084  ? 83  GLU A C   1 
ATOM   571  O O   . GLU A 1 83  ? 4.62019   -16.97115 3.82317   1.000 42.89521  ? 83  GLU A O   1 
ATOM   572  C CB  . GLU A 1 83  ? 2.32376   -17.76256 5.89614   1.000 47.06778  ? 83  GLU A CB  1 
ATOM   573  C CG  . GLU A 1 83  ? 2.27049   -18.43896 7.25116   1.000 57.45130  ? 83  GLU A CG  1 
ATOM   574  C CD  . GLU A 1 83  ? 3.22327   -19.61866 7.35529   1.000 83.10053  ? 83  GLU A CD  1 
ATOM   575  O OE1 . GLU A 1 83  ? 2.80925   -20.74536 7.00121   1.000 91.47859  ? 83  GLU A OE1 1 
ATOM   576  O OE2 . GLU A 1 83  ? 4.38365   -19.41977 7.78432   1.000 85.63843  ? 83  GLU A OE2 1 
ATOM   577  N N   . THR A 1 84  ? 2.98637   -15.42248 3.72435   1.000 34.25114  ? 84  THR A N   1 
ATOM   578  C CA  . THR A 1 84  ? 3.25662   -15.07032 2.33689   1.000 33.65044  ? 84  THR A CA  1 
ATOM   579  C C   . THR A 1 84  ? 3.85327   -13.68051 2.21463   1.000 31.45980  ? 84  THR A C   1 
ATOM   580  O O   . THR A 1 84  ? 4.01661   -13.18670 1.09543   1.000 33.51228  ? 84  THR A O   1 
ATOM   581  C CB  . THR A 1 84  ? 1.98296   -15.16126 1.49572   1.000 39.30948  ? 84  THR A CB  1 
ATOM   582  O OG1 . THR A 1 84  ? 0.99645   -14.27387 2.03619   1.000 34.27198  ? 84  THR A OG1 1 
ATOM   583  C CG2 . THR A 1 84  ? 1.44057   -16.58081 1.50996   1.000 40.50476  ? 84  THR A CG2 1 
ATOM   584  N N   . ARG A 1 85  ? 4.17501   -13.04350 3.33897   1.000 27.65873  ? 85  ARG A N   1 
ATOM   585  C CA  . ARG A 1 85  ? 4.76484   -11.70123 3.35791   1.000 24.41771  ? 85  ARG A CA  1 
ATOM   586  C C   . ARG A 1 85  ? 3.91966   -10.72282 2.53358   1.000 23.50859  ? 85  ARG A C   1 
ATOM   587  O O   . ARG A 1 85  ? 4.43726   -9.98557  1.69138   1.000 24.89320  ? 85  ARG A O   1 
ATOM   588  C CB  . ARG A 1 85  ? 6.22488   -11.72186 2.87980   1.000 25.77864  ? 85  ARG A CB  1 
ATOM   589  C CG  . ARG A 1 85  ? 7.18612   -12.58175 3.75319   1.000 28.82944  ? 85  ARG A CG  1 
ATOM   590  C CD  . ARG A 1 85  ? 8.55430   -12.75630 3.12163   1.000 29.09287  ? 85  ARG A CD  1 
ATOM   591  N NE  . ARG A 1 85  ? 8.44425   -13.43080 1.82749   1.000 33.92685  ? 85  ARG A NE  1 
ATOM   592  C CZ  . ARG A 1 85  ? 8.36199   -14.74681 1.67655   1.000 41.24056  ? 85  ARG A CZ  1 
ATOM   593  N NH1 . ARG A 1 85  ? 8.39774   -15.54069 2.74013   1.000 40.16583  ? 85  ARG A NH1 1 
ATOM   594  N NH2 . ARG A 1 85  ? 8.27075   -15.27118 0.46445   1.000 37.96855  ? 85  ARG A NH2 1 
ATOM   595  N N   . THR A 1 86  ? 2.60789   -10.74251 2.74541   1.000 23.46951  ? 86  THR A N   1 
ATOM   596  C CA  . THR A 1 86  ? 1.68044   -9.92809  1.96792   1.000 21.68705  ? 86  THR A CA  1 
ATOM   597  C C   . THR A 1 86  ? 0.94188   -8.95771  2.88229   1.000 22.23256  ? 86  THR A C   1 
ATOM   598  O O   . THR A 1 86  ? 0.40922   -9.36221  3.92395   1.000 24.51042  ? 86  THR A O   1 
ATOM   599  C CB  . THR A 1 86  ? 0.69358   -10.82818 1.23396   1.000 29.05834  ? 86  THR A CB  1 
ATOM   600  O OG1 . THR A 1 86  ? 1.43048   -11.64782 0.31530   1.000 33.37309  ? 86  THR A OG1 1 
ATOM   601  C CG2 . THR A 1 86  ? -0.30066  -9.99127  0.44381   1.000 27.50707  ? 86  THR A CG2 1 
ATOM   602  N N   . LEU A 1 87  ? 0.92137   -7.68087  2.51299   1.000 22.90755  ? 87  LEU A N   1 
ATOM   603  C CA  . LEU A 1 87  ? 0.07790   -6.68892  3.17770   1.000 23.11588  ? 87  LEU A CA  1 
ATOM   604  C C   . LEU A 1 87  ? -1.02661  -6.26708  2.22057   1.000 20.80148  ? 87  LEU A C   1 
ATOM   605  O O   . LEU A 1 87  ? -0.77109  -6.08200  1.03289   1.000 22.17269  ? 87  LEU A O   1 
ATOM   606  C CB  . LEU A 1 87  ? 0.89293   -5.44370  3.52487   1.000 27.85457  ? 87  LEU A CB  1 
ATOM   607  C CG  . LEU A 1 87  ? 2.14670   -5.71891  4.33244   1.000 29.36516  ? 87  LEU A CG  1 
ATOM   608  C CD1 . LEU A 1 87  ? 3.12052   -4.60108  4.17580   1.000 48.35965  ? 87  LEU A CD1 1 
ATOM   609  C CD2 . LEU A 1 87  ? 1.74291   -5.83396  5.79365   1.000 32.63228  ? 87  LEU A CD2 1 
ATOM   610  N N   . THR A 1 88  ? -2.25345  -6.11202  2.70548   1.000 21.51516  ? 88  THR A N   1 
ATOM   611  C CA  . THR A 1 88  ? -3.38990  -5.75502  1.87179   1.000 22.18217  ? 88  THR A CA  1 
ATOM   612  C C   . THR A 1 88  ? -4.04279  -4.51530  2.44947   1.000 22.97150  ? 88  THR A C   1 
ATOM   613  O O   . THR A 1 88  ? -4.36448  -4.49040  3.64343   1.000 23.78112  ? 88  THR A O   1 
ATOM   614  C CB  . THR A 1 88  ? -4.39547  -6.90476  1.79035   1.000 29.50039  ? 88  THR A CB  1 
ATOM   615  O OG1 . THR A 1 88  ? -3.76009  -8.05242  1.21366   1.000 27.55938  ? 88  THR A OG1 1 
ATOM   616  C CG2 . THR A 1 88  ? -5.60974  -6.52220  0.95511   1.000 28.30113  ? 88  THR A CG2 1 
ATOM   617  N N   . HIS A 1 89  ? -4.24238  -3.48583  1.62683   1.000 20.80125  ? 89  HIS A N   1 
ATOM   618  C CA  . HIS A 1 89  ? -4.91028  -2.25661  2.03198   1.000 21.87134  ? 89  HIS A CA  1 
ATOM   619  C C   . HIS A 1 89  ? -6.20012  -2.16302  1.23502   1.000 21.95994  ? 89  HIS A C   1 
ATOM   620  O O   . HIS A 1 89  ? -6.16325  -2.04815  0.01197   1.000 21.54498  ? 89  HIS A O   1 
ATOM   621  C CB  . HIS A 1 89  ? -4.08397  -1.00560  1.73782   1.000 21.54722  ? 89  HIS A CB  1 
ATOM   622  C CG  . HIS A 1 89  ? -2.69085  -1.02907  2.26429   1.000 23.90297  ? 89  HIS A CG  1 
ATOM   623  N ND1 . HIS A 1 89  ? -2.40491  -0.93276  3.60688   1.000 27.72895  ? 89  HIS A ND1 1 
ATOM   624  C CD2 . HIS A 1 89  ? -1.49352  -1.06856  1.62737   1.000 30.36980  ? 89  HIS A CD2 1 
ATOM   625  C CE1 . HIS A 1 89  ? -1.09739  -0.93703  3.78311   1.000 26.46707  ? 89  HIS A CE1 1 
ATOM   626  N NE2 . HIS A 1 89  ? -0.51536  -1.01251  2.59599   1.000 26.82450  ? 89  HIS A NE2 1 
ATOM   627  N N   . HIS A 1 90  ? -7.33804  -2.21432  1.90170   1.000 20.30965  ? 90  HIS A N   1 
ATOM   628  C CA  . HIS A 1 90  ? -8.64223  -2.25142  1.25397   1.000 19.79338  ? 90  HIS A CA  1 
ATOM   629  C C   . HIS A 1 90  ? -9.30042  -0.89606  1.46965   1.000 21.47046  ? 90  HIS A C   1 
ATOM   630  O O   . HIS A 1 90  ? -9.56942  -0.54150  2.61551   1.000 21.06161  ? 90  HIS A O   1 
ATOM   631  C CB  . HIS A 1 90  ? -9.47519  -3.36578  1.89544   1.000 24.04593  ? 90  HIS A CB  1 
ATOM   632  C CG  . HIS A 1 90  ? -10.89781 -3.40244  1.45484   1.000 23.56023  ? 90  HIS A CG  1 
ATOM   633  N ND1 . HIS A 1 90  ? -11.27448 -3.65612  0.15260   1.000 27.30281  ? 90  HIS A ND1 1 
ATOM   634  C CD2 . HIS A 1 90  ? -12.04818 -3.27688  2.16164   1.000 27.12076  ? 90  HIS A CD2 1 
ATOM   635  C CE1 . HIS A 1 90  ? -12.59903 -3.65523  0.07852   1.000 27.67496  ? 90  HIS A CE1 1 
ATOM   636  N NE2 . HIS A 1 90  ? -13.08663 -3.43794  1.28510   1.000 28.46783  ? 90  HIS A NE2 1 
ATOM   637  N N   . ILE A 1 91  ? -9.53800  -0.11846  0.41640   1.000 20.03430  ? 91  ILE A N   1 
ATOM   638  C CA  . ILE A 1 91  ? -10.09106 1.22724   0.57386   1.000 21.18674  ? 91  ILE A CA  1 
ATOM   639  C C   . ILE A 1 91  ? -11.61730 1.12184   0.46133   1.000 23.62566  ? 91  ILE A C   1 
ATOM   640  O O   . ILE A 1 91  ? -12.14823 0.57248   -0.50833  1.000 24.30231  ? 91  ILE A O   1 
ATOM   641  C CB  . ILE A 1 91  ? -9.53113  2.20398   -0.48065  1.000 23.19479  ? 91  ILE A CB  1 
ATOM   642  C CG1 . ILE A 1 91  ? -8.05867  2.53516   -0.26793  1.000 24.88759  ? 91  ILE A CG1 1 
ATOM   643  C CG2 . ILE A 1 91  ? -10.33725 3.51398   -0.40612  1.000 24.89506  ? 91  ILE A CG2 1 
ATOM   644  C CD1 . ILE A 1 91  ? -7.12577  1.36124   -0.30277  1.000 34.60378  ? 91  ILE A CD1 1 
ATOM   645  N N   . THR A 1 92  ? -12.34481 1.62351   1.47076   1.000 23.52666  ? 92  THR A N   1 
ATOM   646  C CA  . THR A 1 92  ? -13.81506 1.54696   1.44797   1.000 23.56334  ? 92  THR A CA  1 
ATOM   647  C C   . THR A 1 92  ? -14.49325 2.86634   1.11164   1.000 22.92332  ? 92  THR A C   1 
ATOM   648  O O   . THR A 1 92  ? -15.64237 2.84439   0.63009   1.000 29.91462  ? 92  THR A O   1 
ATOM   649  C CB  . THR A 1 92  ? -14.36061 1.08377   2.81480   1.000 22.97183  ? 92  THR A CB  1 
ATOM   650  O OG1 . THR A 1 92  ? -13.83078 1.90785   3.82425   1.000 26.39672  ? 92  THR A OG1 1 
ATOM   651  C CG2 . THR A 1 92  ? -13.96185 -0.35648  3.09944   1.000 32.93461  ? 92  THR A CG2 1 
ATOM   652  N N   . GLU A 1 93  ? -13.83320 3.99185   1.34299   1.000 24.40750  ? 93  GLU A N   1 
ATOM   653  C CA  . GLU A 1 93  ? -14.45082 5.30674   1.23079   1.000 29.46050  ? 93  GLU A CA  1 
ATOM   654  C C   . GLU A 1 93  ? -13.40030 6.34215   0.87836   1.000 30.01140  ? 93  GLU A C   1 
ATOM   655  O O   . GLU A 1 93  ? -12.22228 6.18927   1.20909   1.000 27.96718  ? 93  GLU A O   1 
ATOM   656  C CB  . GLU A 1 93  ? -15.04563 5.74006   2.58265   1.000 36.61612  ? 93  GLU A CB  1 
ATOM   657  C CG  . GLU A 1 93  ? -16.33940 5.05753   2.91342   1.000 38.31953  ? 93  GLU A CG  1 
ATOM   658  C CD  . GLU A 1 93  ? -17.08986 5.73998   4.05329   1.000 34.45033  ? 93  GLU A CD  1 
ATOM   659  O OE1 . GLU A 1 93  ? -16.72612 6.88199   4.40948   1.000 34.91494  ? 93  GLU A OE1 1 
ATOM   660  O OE2 . GLU A 1 93  ? -18.02386 5.11723   4.57069   1.000 47.50006  ? 93  GLU A OE2 1 
ATOM   661  N N   . GLY A 1 94  ? -13.84602 7.44142   0.26584   1.000 25.22040  ? 94  GLY A N   1 
ATOM   662  C CA  . GLY A 1 94  ? -12.98194 8.59439   0.13024   1.000 23.78415  ? 94  GLY A CA  1 
ATOM   663  C C   . GLY A 1 94  ? -12.91423 9.04373   -1.31827  1.000 24.05999  ? 94  GLY A C   1 
ATOM   664  O O   . GLY A 1 94  ? -13.67912 8.58772   -2.17286  1.000 25.96290  ? 94  GLY A O   1 
ATOM   665  N N   . ASP A 1 95  ? -11.99466 9.97593   -1.58114  1.000 26.76084  ? 95  ASP A N   1 
ATOM   666  C CA  . ASP A 1 95  ? -11.95022 10.62398  -2.89533  1.000 28.44780  ? 95  ASP A CA  1 
ATOM   667  C C   . ASP A 1 95  ? -11.73828 9.62108   -4.01692  1.000 26.69479  ? 95  ASP A C   1 
ATOM   668  O O   . ASP A 1 95  ? -12.32905 9.74661   -5.09617  1.000 28.43688  ? 95  ASP A O   1 
ATOM   669  C CB  . ASP A 1 95  ? -10.82573 11.65289  -2.90923  1.000 30.21124  ? 95  ASP A CB  1 
ATOM   670  C CG  . ASP A 1 95  ? -11.18965 12.89364  -2.16467  1.000 44.79171  ? 95  ASP A CG  1 
ATOM   671  O OD1 . ASP A 1 95  ? -11.69054 13.83730  -2.80753  1.000 47.15738  ? 95  ASP A OD1 1 
ATOM   672  O OD2 . ASP A 1 95  ? -11.01447 12.90468  -0.92920  1.000 32.59723  ? 95  ASP A OD2 1 
ATOM   673  N N   . ALA A 1 96  ? -10.89726 8.61774   -3.78722  1.000 23.69454  ? 96  ALA A N   1 
ATOM   674  C CA  . ALA A 1 96  ? -10.66988 7.62317   -4.82260  1.000 25.60634  ? 96  ALA A CA  1 
ATOM   675  C C   . ALA A 1 96  ? -11.95123 6.87590   -5.17579  1.000 26.02388  ? 96  ALA A C   1 
ATOM   676  O O   . ALA A 1 96  ? -12.09284 6.39754   -6.31044  1.000 24.72380  ? 96  ALA A O   1 
ATOM   677  C CB  . ALA A 1 96  ? -9.56911  6.64905   -4.41242  1.000 25.42890  ? 96  ALA A CB  1 
ATOM   678  N N   . MET A 1 97  ? -12.90214 6.77354   -4.24501  1.000 24.74041  ? 97  MET A N   1 
ATOM   679  C CA  . MET A 1 97  ? -14.14002 6.08002   -4.55070  1.000 26.95635  ? 97  MET A CA  1 
ATOM   680  C C   . MET A 1 97  ? -15.08089 6.90963   -5.40885  1.000 30.22396  ? 97  MET A C   1 
ATOM   681  O O   . MET A 1 97  ? -16.13358 6.40271   -5.79906  1.000 33.23000  ? 97  MET A O   1 
ATOM   682  C CB  . MET A 1 97  ? -14.85331 5.71650   -3.25005  1.000 23.54284  ? 97  MET A CB  1 
ATOM   683  C CG  . MET A 1 97  ? -13.93903 5.09106   -2.25733  1.000 33.64223  ? 97  MET A CG  1 
ATOM   684  S SD  . MET A 1 97  ? -13.92263 3.34511   -2.48667  1.000 56.88261  ? 97  MET A SD  1 
ATOM   685  C CE  . MET A 1 97  ? -12.55233 3.34123   -3.48236  1.000 14.89292  ? 97  MET A CE  1 
ATOM   686  N N   . LYS A 1 98  ? -14.74396 8.16839   -5.69857  1.000 26.26118  ? 98  LYS A N   1 
ATOM   687  C CA  . LYS A 1 98  ? -15.45076 8.85656   -6.76498  1.000 27.43885  ? 98  LYS A CA  1 
ATOM   688  C C   . LYS A 1 98  ? -15.07763 8.30487   -8.12890  1.000 31.11672  ? 98  LYS A C   1 
ATOM   689  O O   . LYS A 1 98  ? -15.85366 8.44788   -9.07197  1.000 32.06486  ? 98  LYS A O   1 
ATOM   690  C CB  . LYS A 1 98  ? -15.18932 10.36417  -6.70252  1.000 33.27011  ? 98  LYS A CB  1 
ATOM   691  C CG  . LYS A 1 98  ? -15.66287 11.00442  -5.40880  1.000 35.87599  ? 98  LYS A CG  1 
ATOM   692  C CD  . LYS A 1 98  ? -15.26933 12.48378  -5.33928  1.000 47.15410  ? 98  LYS A CD  1 
ATOM   693  C CE  . LYS A 1 98  ? -15.44577 13.04416  -3.93860  1.000 55.39270  ? 98  LYS A CE  1 
ATOM   694  N NZ  . LYS A 1 98  ? -15.05676 14.47895  -3.87448  1.000 63.60566  ? 98  LYS A NZ  1 
ATOM   695  N N   . ASP A 1 99  ? -13.91504 7.66876   -8.26500  1.000 25.44879  ? 99  ASP A N   1 
ATOM   696  C CA  . ASP A 1 99  ? -13.51456 7.11543   -9.54353  1.000 24.22630  ? 99  ASP A CA  1 
ATOM   697  C C   . ASP A 1 99  ? -13.60955 5.60201   -9.62824  1.000 24.36699  ? 99  ASP A C   1 
ATOM   698  O O   . ASP A 1 99  ? -13.73891 5.06381   -10.73499 1.000 25.85368  ? 99  ASP A O   1 
ATOM   699  C CB  . ASP A 1 99  ? -12.06418 7.52128   -9.85128  1.000 26.22333  ? 99  ASP A CB  1 
ATOM   700  C CG  . ASP A 1 99  ? -11.92086 9.00482   -10.06820 1.000 31.69050  ? 99  ASP A CG  1 
ATOM   701  O OD1 . ASP A 1 99  ? -12.79206 9.58661   -10.75248 1.000 35.93365  ? 99  ASP A OD1 1 
ATOM   702  O OD2 . ASP A 1 99  ? -10.94920 9.59469   -9.55928  1.000 35.31137  ? 99  ASP A OD2 1 
ATOM   703  N N   . TYR A 1 100 ? -13.52709 4.90358   -8.49447  1.000 22.53462  ? 100 TYR A N   1 
ATOM   704  C CA  . TYR A 1 100 ? -13.42171 3.45388   -8.47001  1.000 21.45932  ? 100 TYR A CA  1 
ATOM   705  C C   . TYR A 1 100 ? -14.53126 2.85710   -7.61194  1.000 20.62938  ? 100 TYR A C   1 
ATOM   706  O O   . TYR A 1 100 ? -14.76602 3.30543   -6.47594  1.000 25.75389  ? 100 TYR A O   1 
ATOM   707  C CB  . TYR A 1 100 ? -12.04045 3.02080   -7.93244  1.000 23.33843  ? 100 TYR A CB  1 
ATOM   708  C CG  . TYR A 1 100 ? -10.94373 3.69494   -8.69908  1.000 21.86004  ? 100 TYR A CG  1 
ATOM   709  C CD1 . TYR A 1 100 ? -10.73781 3.40078   -10.02526 1.000 23.59027  ? 100 TYR A CD1 1 
ATOM   710  C CD2 . TYR A 1 100 ? -10.11601 4.62594   -8.09761  1.000 20.18941  ? 100 TYR A CD2 1 
ATOM   711  C CE1 . TYR A 1 100 ? -9.77190  4.04935   -10.74449 1.000 21.86573  ? 100 TYR A CE1 1 
ATOM   712  C CE2 . TYR A 1 100 ? -9.14420  5.28220   -8.81315  1.000 21.67504  ? 100 TYR A CE2 1 
ATOM   713  C CZ  . TYR A 1 100 ? -8.97774  4.99920   -10.13744 1.000 21.36899  ? 100 TYR A CZ  1 
ATOM   714  O OH  . TYR A 1 100 ? -7.96937  5.66018   -10.83543 1.000 22.66015  ? 100 TYR A OH  1 
ATOM   715  N N   . LYS A 1 101 ? -15.15565 1.80414   -8.14183  1.000 23.51115  ? 101 LYS A N   1 
ATOM   716  C CA  . LYS A 1 101 ? -16.05950 0.98130   -7.34710  1.000 25.32786  ? 101 LYS A CA  1 
ATOM   717  C C   . LYS A 1 101 ? -15.28859 0.12851   -6.34069  1.000 23.53505  ? 101 LYS A C   1 
ATOM   718  O O   . LYS A 1 101 ? -15.76822 -0.13093  -5.22769  1.000 28.68804  ? 101 LYS A O   1 
ATOM   719  C CB  . LYS A 1 101 ? -16.84862 0.05753   -8.27215  1.000 26.74402  ? 101 LYS A CB  1 
ATOM   720  C CG  . LYS A 1 101 ? -17.72864 0.70596   -9.29403  1.000 45.10492  ? 101 LYS A CG  1 
ATOM   721  C CD  . LYS A 1 101 ? -18.43796 -0.38748  -10.10282 1.000 54.82897  ? 101 LYS A CD  1 
ATOM   722  C CE  . LYS A 1 101 ? -19.13068 0.18400   -11.33739 1.000 58.09923  ? 101 LYS A CE  1 
ATOM   723  N NZ  . LYS A 1 101 ? -20.20838 1.13879   -10.96464 1.000 54.31595  ? 101 LYS A NZ  1 
ATOM   724  N N   . LYS A 1 102 ? -14.07171 -0.28207  -6.70002  1.000 22.72159  ? 102 LYS A N   1 
ATOM   725  C CA  . LYS A 1 102 ? -13.20111 -1.08771  -5.86477  1.000 24.50641  ? 102 LYS A CA  1 
ATOM   726  C C   . LYS A 1 102 ? -11.77432 -0.59606  -6.05829  1.000 19.04058  ? 102 LYS A C   1 
ATOM   727  O O   . LYS A 1 102 ? -11.35170 -0.28475  -7.17904  1.000 19.81683  ? 102 LYS A O   1 
ATOM   728  C CB  . LYS A 1 102 ? -13.26927 -2.57629  -6.23975  1.000 27.27930  ? 102 LYS A CB  1 
ATOM   729  C CG  . LYS A 1 102 ? -14.69950 -3.17355  -6.19073  1.000 33.35941  ? 102 LYS A CG  1 
ATOM   730  C CD  . LYS A 1 102 ? -14.69371 -4.64414  -6.56765  1.000 47.48931  ? 102 LYS A CD  1 
ATOM   731  C CE  . LYS A 1 102 ? -16.10681 -5.17169  -6.72639  1.000 68.82378  ? 102 LYS A CE  1 
ATOM   732  N NZ  . LYS A 1 102 ? -16.13776 -6.43489  -7.51897  1.000 73.77446  ? 102 LYS A NZ  1 
ATOM   733  N N   . PHE A 1 103 ? -11.01333 -0.59991  -4.97258  1.000 21.53154  ? 103 PHE A N   1 
ATOM   734  C CA  . PHE A 1 103 ? -9.64085  -0.07820  -4.95246  1.000 18.56970  ? 103 PHE A CA  1 
ATOM   735  C C   . PHE A 1 103 ? -8.92832  -0.78187  -3.81420  1.000 20.29356  ? 103 PHE A C   1 
ATOM   736  O O   . PHE A 1 103 ? -9.20635  -0.51275  -2.63267  1.000 21.45914  ? 103 PHE A O   1 
ATOM   737  C CB  . PHE A 1 103 ? -9.62588  1.44147   -4.79021  1.000 19.21866  ? 103 PHE A CB  1 
ATOM   738  C CG  . PHE A 1 103 ? -8.26809  2.09327   -4.96439  1.000 22.22851  ? 103 PHE A CG  1 
ATOM   739  C CD1 . PHE A 1 103 ? -7.91805  2.71784   -6.14724  1.000 24.19229  ? 103 PHE A CD1 1 
ATOM   740  C CD2 . PHE A 1 103 ? -7.34810  2.09600   -3.93863  1.000 22.74362  ? 103 PHE A CD2 1 
ATOM   741  C CE1 . PHE A 1 103 ? -6.66701  3.35324   -6.27456  1.000 25.94301  ? 103 PHE A CE1 1 
ATOM   742  C CE2 . PHE A 1 103 ? -6.11023  2.73349   -4.07116  1.000 23.36484  ? 103 PHE A CE2 1 
ATOM   743  C CZ  . PHE A 1 103 ? -5.77029  3.34580   -5.24478  1.000 21.82550  ? 103 PHE A CZ  1 
ATOM   744  N N   . ASP A 1 104 ? -8.00103  -1.67198  -4.14859  1.000 20.02543  ? 104 ASP A N   1 
ATOM   745  C CA  . ASP A 1 104 ? -7.23919  -2.42736  -3.15972  1.000 20.39818  ? 104 ASP A CA  1 
ATOM   746  C C   . ASP A 1 104 ? -5.77358  -2.35170  -3.54109  1.000 21.59378  ? 104 ASP A C   1 
ATOM   747  O O   . ASP A 1 104 ? -5.43711  -2.37185  -4.73101  1.000 21.26773  ? 104 ASP A O   1 
ATOM   748  C CB  . ASP A 1 104 ? -7.62450  -3.89805  -3.14231  1.000 22.00896  ? 104 ASP A CB  1 
ATOM   749  C CG  . ASP A 1 104 ? -9.05106  -4.12213  -2.69787  1.000 29.45272  ? 104 ASP A CG  1 
ATOM   750  O OD1 . ASP A 1 104 ? -9.29452  -3.96044  -1.51722  1.000 28.94427  ? 104 ASP A OD1 1 
ATOM   751  O OD2 . ASP A 1 104 ? -9.92098  -4.44011  -3.51685  1.000 34.38469  ? 104 ASP A OD2 1 
ATOM   752  N N   . VAL A 1 105 ? -4.89600  -2.24651  -2.55540  1.000 19.74901  ? 105 VAL A N   1 
ATOM   753  C CA  . VAL A 1 105 ? -3.44836  -2.19352  -2.79542  1.000 20.48878  ? 105 VAL A CA  1 
ATOM   754  C C   . VAL A 1 105 ? -2.80882  -3.37627  -2.09099  1.000 24.94697  ? 105 VAL A C   1 
ATOM   755  O O   . VAL A 1 105 ? -2.95672  -3.53041  -0.87024  1.000 21.59279  ? 105 VAL A O   1 
ATOM   756  C CB  . VAL A 1 105 ? -2.83088  -0.86380  -2.34243  1.000 21.93113  ? 105 VAL A CB  1 
ATOM   757  C CG1 . VAL A 1 105 ? -1.30648  -0.78458  -2.68712  1.000 23.63129  ? 105 VAL A CG1 1 
ATOM   758  C CG2 . VAL A 1 105 ? -3.57851  0.29277   -2.97056  1.000 24.34705  ? 105 VAL A CG2 1 
ATOM   759  N N   . ILE A 1 106 ? -2.10363  -4.21490  -2.84533  1.000 23.60860  ? 106 ILE A N   1 
ATOM   760  C CA  . ILE A 1 106 ? -1.50462  -5.43607  -2.32264  1.000 19.73090  ? 106 ILE A CA  1 
ATOM   761  C C   . ILE A 1 106 ? 0.00295   -5.29644  -2.40698  1.000 19.61324  ? 106 ILE A C   1 
ATOM   762  O O   . ILE A 1 106 ? 0.54692   -5.01607  -3.48284  1.000 20.30626  ? 106 ILE A O   1 
ATOM   763  C CB  . ILE A 1 106 ? -1.99990  -6.68721  -3.05623  1.000 22.61543  ? 106 ILE A CB  1 
ATOM   764  C CG1 . ILE A 1 106 ? -3.54359  -6.74959  -3.06123  1.000 31.92617  ? 106 ILE A CG1 1 
ATOM   765  C CG2 . ILE A 1 106 ? -1.35861  -7.95025  -2.47836  1.000 28.20485  ? 106 ILE A CG2 1 
ATOM   766  C CD1 . ILE A 1 106 ? -4.12811  -7.90551  -3.82768  1.000 37.08223  ? 106 ILE A CD1 1 
ATOM   767  N N   . VAL A 1 107 ? 0.70326   -5.49588  -1.28885  1.000 20.33699  ? 107 VAL A N   1 
ATOM   768  C CA  . VAL A 1 107 ? 2.15506   -5.39582  -1.24976  1.000 19.99865  ? 107 VAL A CA  1 
ATOM   769  C C   . VAL A 1 107 ? 2.71811   -6.76616  -0.91863  1.000 22.35099  ? 107 VAL A C   1 
ATOM   770  O O   . VAL A 1 107 ? 2.41138   -7.32018  0.14187   1.000 23.22200  ? 107 VAL A O   1 
ATOM   771  C CB  . VAL A 1 107 ? 2.62837   -4.38457  -0.19898  1.000 27.07355  ? 107 VAL A CB  1 
ATOM   772  C CG1 . VAL A 1 107 ? 4.12637   -4.15216  -0.32990  1.000 25.21815  ? 107 VAL A CG1 1 
ATOM   773  C CG2 . VAL A 1 107 ? 1.80145   -3.07454  -0.29055  1.000 29.42817  ? 107 VAL A CG2 1 
ATOM   774  N N   . GLU A 1 108 ? 3.57323   -7.29110  -1.78968  1.000 21.58030  ? 108 GLU A N   1 
ATOM   775  C CA  . GLU A 1 108 ? 4.16997   -8.60433  -1.62036  1.000 24.39651  ? 108 GLU A CA  1 
ATOM   776  C C   . GLU A 1 108 ? 5.68296   -8.44756  -1.63656  1.000 24.00950  ? 108 GLU A C   1 
ATOM   777  O O   . GLU A 1 108 ? 6.22744   -7.66591  -2.42648  1.000 25.62682  ? 108 GLU A O   1 
ATOM   778  C CB  . GLU A 1 108 ? 3.79883   -9.51357  -2.80670  1.000 27.87624  ? 108 GLU A CB  1 
ATOM   779  C CG  . GLU A 1 108 ? 2.31823   -9.76462  -2.96985  1.000 32.85737  ? 108 GLU A CG  1 
ATOM   780  C CD  . GLU A 1 108 ? 2.04304   -10.51309 -4.24594  1.000 43.94981  ? 108 GLU A CD  1 
ATOM   781  O OE1 . GLU A 1 108 ? 2.01562   -9.88068  -5.33217  1.000 39.37596  ? 108 GLU A OE1 1 
ATOM   782  O OE2 . GLU A 1 108 ? 1.89903   -11.74585 -4.16551  1.000 52.11313  ? 108 GLU A OE2 1 
ATOM   783  N N   . THR A 1 109 ? 6.37481   -9.23212  -0.80293  1.000 23.01612  ? 109 THR A N   1 
ATOM   784  C CA  . THR A 1 109 ? 7.83510   -9.27230  -0.78986  1.000 23.25471  ? 109 THR A CA  1 
ATOM   785  C C   . THR A 1 109 ? 8.26295   -10.72812 -0.91004  1.000 26.05126  ? 109 THR A C   1 
ATOM   786  O O   . THR A 1 109 ? 7.78787   -11.57388 -0.14311  1.000 29.31476  ? 109 THR A O   1 
ATOM   787  C CB  . THR A 1 109 ? 8.35054   -8.65979  0.52149   1.000 26.05808  ? 109 THR A CB  1 
ATOM   788  O OG1 . THR A 1 109 ? 7.91325   -7.30407  0.60534   1.000 26.54490  ? 109 THR A OG1 1 
ATOM   789  C CG2 . THR A 1 109 ? 9.86326   -8.68454  0.58464   1.000 32.81985  ? 109 THR A CG2 1 
ATOM   790  N N   . ASN A 1 110 ? 9.14544   -11.02327 -1.86283  1.000 23.52811  ? 110 ASN A N   1 
ATOM   791  C CA  . ASN A 1 110 ? 9.61778   -12.38247 -2.05770  1.000 29.25391  ? 110 ASN A CA  1 
ATOM   792  C C   . ASN A 1 110 ? 11.11986  -12.38582 -2.30531  1.000 30.20395  ? 110 ASN A C   1 
ATOM   793  O O   . ASN A 1 110 ? 11.67253  -11.41197 -2.82212  1.000 28.82716  ? 110 ASN A O   1 
ATOM   794  C CB  . ASN A 1 110 ? 8.92107   -13.05330 -3.24865  1.000 28.77405  ? 110 ASN A CB  1 
ATOM   795  C CG  . ASN A 1 110 ? 7.46793   -13.32333 -2.96470  1.000 35.03204  ? 110 ASN A CG  1 
ATOM   796  O OD1 . ASN A 1 110 ? 7.14367   -14.10874 -2.08320  1.000 37.75937  ? 110 ASN A OD1 1 
ATOM   797  N ND2 . ASN A 1 110 ? 6.58105   -12.66642 -3.69934  1.000 41.00001  ? 110 ASN A ND2 1 
ATOM   798  N N   . PRO A 1 111 ? 11.79560  -13.45951 -1.91956  1.000 33.15771  ? 111 PRO A N   1 
ATOM   799  C CA  . PRO A 1 111 ? 13.20520  -13.59313 -2.29201  1.000 31.38910  ? 111 PRO A CA  1 
ATOM   800  C C   . PRO A 1 111 ? 13.34236  -13.68079 -3.80245  1.000 29.83005  ? 111 PRO A C   1 
ATOM   801  O O   . PRO A 1 111 ? 12.50893  -14.26885 -4.49637  1.000 35.55798  ? 111 PRO A O   1 
ATOM   802  C CB  . PRO A 1 111 ? 13.62561  -14.90364 -1.60828  1.000 33.31826  ? 111 PRO A CB  1 
ATOM   803  C CG  . PRO A 1 111 ? 12.37636  -15.65579 -1.38668  1.000 33.12840  ? 111 PRO A CG  1 
ATOM   804  C CD  . PRO A 1 111 ? 11.29777  -14.62333 -1.16512  1.000 34.89008  ? 111 PRO A CD  1 
ATOM   805  N N   . LYS A 1 112 ? 14.38049  -13.04143 -4.30394  1.000 39.73818  ? 112 LYS A N   1 
ATOM   806  C CA  . LYS A 1 112 ? 14.77738  -13.25571 -5.68258  1.000 46.17069  ? 112 LYS A CA  1 
ATOM   807  C C   . LYS A 1 112 ? 15.09608  -14.73519 -5.84775  1.000 54.65491  ? 112 LYS A C   1 
ATOM   808  O O   . LYS A 1 112 ? 15.77957  -15.30850 -4.98676  1.000 51.82133  ? 112 LYS A O   1 
ATOM   809  C CB  . LYS A 1 112 ? 16.03802  -12.44646 -5.97175  1.000 40.35866  ? 112 LYS A CB  1 
ATOM   810  C CG  . LYS A 1 112 ? 15.85246  -10.94023 -5.96916  1.000 46.81031  ? 112 LYS A CG  1 
ATOM   811  C CD  . LYS A 1 112 ? 17.19539  -10.22819 -5.86762  1.000 46.73386  ? 112 LYS A CD  1 
ATOM   812  C CE  . LYS A 1 112 ? 17.03941  -8.71156  -5.80142  1.000 39.79495  ? 112 LYS A CE  1 
ATOM   813  N NZ  . LYS A 1 112 ? 18.37275  -8.02346  -5.72174  1.000 52.75874  ? 112 LYS A NZ  1 
ATOM   814  N N   . PRO A 1 113 ? 14.58890  -15.39890 -6.90188  1.000 62.63408  ? 113 PRO A N   1 
ATOM   815  C CA  . PRO A 1 113 ? 15.02650  -16.77225 -7.19517  1.000 62.36257  ? 113 PRO A CA  1 
ATOM   816  C C   . PRO A 1 113 ? 16.53727  -16.88900 -7.09631  1.000 64.02245  ? 113 PRO A C   1 
ATOM   817  O O   . PRO A 1 113 ? 17.06412  -17.86199 -6.54611  1.000 64.67539  ? 113 PRO A O   1 
ATOM   818  C CB  . PRO A 1 113 ? 14.52502  -16.99278 -8.62492  1.000 63.55920  ? 113 PRO A CB  1 
ATOM   819  C CG  . PRO A 1 113 ? 13.27184  -16.16552 -8.68573  1.000 61.23706  ? 113 PRO A CG  1 
ATOM   820  C CD  . PRO A 1 113 ? 13.54823  -14.93777 -7.83906  1.000 65.28848  ? 113 PRO A CD  1 
ATOM   821  N N   . ASN A 1 114 ? 17.22736  -15.87419 -7.61233  1.000 67.63582  ? 114 ASN A N   1 
ATOM   822  C CA  . ASN A 1 114 ? 18.61491  -15.60068 -7.26866  1.000 59.60584  ? 114 ASN A CA  1 
ATOM   823  C C   . ASN A 1 114 ? 18.80630  -15.74381 -5.75886  1.000 52.13081  ? 114 ASN A C   1 
ATOM   824  O O   . ASN A 1 114 ? 19.39468  -16.71246 -5.27895  1.000 58.87023  ? 114 ASN A O   1 
ATOM   825  C CB  . ASN A 1 114 ? 18.96660  -14.16954 -7.69517  1.000 56.31592  ? 114 ASN A CB  1 
ATOM   826  C CG  . ASN A 1 114 ? 20.36539  -13.75479 -7.27630  1.000 74.23957  ? 114 ASN A CG  1 
ATOM   827  O OD1 . ASN A 1 114 ? 20.60830  -13.41794 -6.11503  1.000 82.58584  ? 114 ASN A OD1 1 
ATOM   828  N ND2 . ASN A 1 114 ? 21.29194  -13.75845 -8.22988  1.000 83.34451  ? 114 ASN A ND2 1 
ATOM   829  N N   . GLY A 1 117 ? 18.76924  -11.03503 -2.56721  1.000 52.72198  ? 117 GLY A N   1 
ATOM   830  C CA  . GLY A 1 117 ? 17.87104  -9.99065  -2.09035  1.000 45.65251  ? 117 GLY A CA  1 
ATOM   831  C C   . GLY A 1 117 ? 16.41081  -10.31728 -2.31217  1.000 37.66866  ? 117 GLY A C   1 
ATOM   832  O O   . GLY A 1 117 ? 16.03255  -11.48539 -2.25382  1.000 37.16662  ? 117 GLY A O   1 
ATOM   833  N N   . SER A 1 118 ? 15.59334  -9.30330  -2.62159  1.000 30.88369  ? 118 SER A N   1 
ATOM   834  C CA  . SER A 1 118 ? 14.15264  -9.47703  -2.69044  1.000 27.59663  ? 118 SER A CA  1 
ATOM   835  C C   . SER A 1 118 ? 13.55869  -8.72996  -3.87776  1.000 24.42692  ? 118 SER A C   1 
ATOM   836  O O   . SER A 1 118 ? 14.16466  -7.82472  -4.45347  1.000 29.74369  ? 118 SER A O   1 
ATOM   837  C CB  . SER A 1 118 ? 13.46555  -8.93373  -1.43407  1.000 28.41988  ? 118 SER A CB  1 
ATOM   838  O OG  . SER A 1 118 ? 13.95138  -9.55127  -0.27882  1.000 41.35472  ? 118 SER A OG  1 
ATOM   839  N N   . VAL A 1 119 ? 12.32206  -9.09772  -4.18320  1.000 26.91048  ? 119 VAL A N   1 
ATOM   840  C CA  . VAL A 1 119 ? 11.49350  -8.40278  -5.15222  1.000 24.33120  ? 119 VAL A CA  1 
ATOM   841  C C   . VAL A 1 119 ? 10.26209  -7.92030  -4.38510  1.000 20.77303  ? 119 VAL A C   1 
ATOM   842  O O   . VAL A 1 119 ? 9.58308   -8.73382  -3.75860  1.000 26.14985  ? 119 VAL A O   1 
ATOM   843  C CB  . VAL A 1 119 ? 11.09325  -9.37738  -6.26570  1.000 31.44173  ? 119 VAL A CB  1 
ATOM   844  C CG1 . VAL A 1 119 ? 10.22110  -8.68730  -7.26122  1.000 26.87117  ? 119 VAL A CG1 1 
ATOM   845  C CG2 . VAL A 1 119 ? 12.34424  -9.91491  -6.95841  1.000 32.72984  ? 119 VAL A CG2 1 
ATOM   846  N N   . VAL A 1 120 ? 9.97786   -6.61680  -4.44482  1.000 20.35222  ? 120 VAL A N   1 
ATOM   847  C CA  . VAL A 1 120 ? 8.78738   -6.04694  -3.78682  1.000 22.82233  ? 120 VAL A CA  1 
ATOM   848  C C   . VAL A 1 120 ? 7.78875   -5.67218  -4.88408  1.000 21.71512  ? 120 VAL A C   1 
ATOM   849  O O   . VAL A 1 120 ? 8.17009   -5.06789  -5.89615  1.000 22.14618  ? 120 VAL A O   1 
ATOM   850  C CB  . VAL A 1 120 ? 9.11744   -4.82831  -2.90893  1.000 27.75414  ? 120 VAL A CB  1 
ATOM   851  C CG1 . VAL A 1 120 ? 9.75668   -3.70757  -3.68133  1.000 43.95995  ? 120 VAL A CG1 1 
ATOM   852  C CG2 . VAL A 1 120 ? 7.83912   -4.33431  -2.24865  1.000 26.75861  ? 120 VAL A CG2 1 
ATOM   853  N N   . THR A 1 121 ? 6.53007   -6.07052  -4.72055  1.000 21.67174  ? 121 THR A N   1 
ATOM   854  C CA  . THR A 1 121 ? 5.49645   -5.83836  -5.72568  1.000 24.04650  ? 121 THR A CA  1 
ATOM   855  C C   . THR A 1 121 ? 4.34264   -5.08365  -5.09822  1.000 23.62962  ? 121 THR A C   1 
ATOM   856  O O   . THR A 1 121 ? 3.78266   -5.53824  -4.08717  1.000 25.22644  ? 121 THR A O   1 
ATOM   857  C CB  . THR A 1 121 ? 4.99837   -7.16456  -6.28723  1.000 24.89523  ? 121 THR A CB  1 
ATOM   858  O OG1 . THR A 1 121 ? 6.13220   -7.90039  -6.77416  1.000 28.61285  ? 121 THR A OG1 1 
ATOM   859  C CG2 . THR A 1 121 ? 4.07908   -6.91489  -7.47951  1.000 28.52272  ? 121 THR A CG2 1 
ATOM   860  N N   . TYR A 1 122 ? 4.03273   -3.89211  -5.62348  1.000 20.28692  ? 122 TYR A N   1 
ATOM   861  C CA  . TYR A 1 122 ? 2.83539   -3.14578  -5.20058  1.000 18.61513  ? 122 TYR A CA  1 
ATOM   862  C C   . TYR A 1 122 ? 1.83654   -3.27192  -6.32984  1.000 21.19428  ? 122 TYR A C   1 
ATOM   863  O O   . TYR A 1 122 ? 2.12546   -2.83611  -7.44799  1.000 20.95915  ? 122 TYR A O   1 
ATOM   864  C CB  . TYR A 1 122 ? 3.09504   -1.65552  -4.99161  1.000 20.72316  ? 122 TYR A CB  1 
ATOM   865  C CG  . TYR A 1 122 ? 3.46209   -1.23474  -3.60438  1.000 24.76980  ? 122 TYR A CG  1 
ATOM   866  C CD1 . TYR A 1 122 ? 2.54851   -0.58917  -2.79777  1.000 31.92572  ? 122 TYR A CD1 1 
ATOM   867  C CD2 . TYR A 1 122 ? 4.73605   -1.47506  -3.12289  1.000 29.62423  ? 122 TYR A CD2 1 
ATOM   868  C CE1 . TYR A 1 122 ? 2.90334   -0.19418  -1.53619  1.000 33.39808  ? 122 TYR A CE1 1 
ATOM   869  C CE2 . TYR A 1 122 ? 5.08339   -1.10740  -1.85335  1.000 31.60701  ? 122 TYR A CE2 1 
ATOM   870  C CZ  . TYR A 1 122 ? 4.17356   -0.46720  -1.07653  1.000 38.56564  ? 122 TYR A CZ  1 
ATOM   871  O OH  . TYR A 1 122 ? 4.56077   -0.10687  0.18688   1.000 46.16211  ? 122 TYR A OH  1 
ATOM   872  N N   . SER A 1 123 ? 0.65995   -3.80563  -6.04986  1.000 18.83635  ? 123 SER A N   1 
ATOM   873  C CA  . SER A 1 123 ? -0.36346  -3.94791  -7.09575  1.000 18.18260  ? 123 SER A CA  1 
ATOM   874  C C   . SER A 1 123 ? -1.56764  -3.13425  -6.67461  1.000 20.08850  ? 123 SER A C   1 
ATOM   875  O O   . SER A 1 123 ? -2.00475  -3.22574  -5.52321  1.000 22.09114  ? 123 SER A O   1 
ATOM   876  C CB  . SER A 1 123 ? -0.81275  -5.40135  -7.25014  1.000 20.55909  ? 123 SER A CB  1 
ATOM   877  O OG  . SER A 1 123 ? 0.29746   -6.19566  -7.59261  1.000 22.51698  ? 123 SER A OG  1 
ATOM   878  N N   . ILE A 1 124 ? -2.13323  -2.37089  -7.58498  1.000 18.56466  ? 124 ILE A N   1 
ATOM   879  C CA  . ILE A 1 124 ? -3.37282  -1.64327  -7.34543  1.000 17.84349  ? 124 ILE A CA  1 
ATOM   880  C C   . ILE A 1 124 ? -4.42986  -2.33860  -8.17582  1.000 20.27119  ? 124 ILE A C   1 
ATOM   881  O O   . ILE A 1 124 ? -4.39031  -2.28846  -9.42240  1.000 19.51447  ? 124 ILE A O   1 
ATOM   882  C CB  . ILE A 1 124 ? -3.28383  -0.16433  -7.71249  1.000 18.68518  ? 124 ILE A CB  1 
ATOM   883  C CG1 . ILE A 1 124 ? -2.08585  0.53184   -7.08209  1.000 23.10167  ? 124 ILE A CG1 1 
ATOM   884  C CG2 . ILE A 1 124 ? -4.63784  0.56785   -7.40447  1.000 20.74579  ? 124 ILE A CG2 1 
ATOM   885  C CD1 . ILE A 1 124 ? -1.97998  1.98509   -7.45586  1.000 24.28814  ? 124 ILE A CD1 1 
ATOM   886  N N   . VAL A 1 125 ? -5.35089  -3.03018  -7.51094  1.000 19.30552  ? 125 VAL A N   1 
ATOM   887  C CA  . VAL A 1 125 ? -6.43870  -3.75464  -8.17063  1.000 19.18463  ? 125 VAL A CA  1 
ATOM   888  C C   . VAL A 1 125 ? -7.65985  -2.85145  -8.13651  1.000 18.53603  ? 125 VAL A C   1 
ATOM   889  O O   . VAL A 1 125 ? -8.10795  -2.45423  -7.04818  1.000 20.44219  ? 125 VAL A O   1 
ATOM   890  C CB  . VAL A 1 125 ? -6.71445  -5.09585  -7.46358  1.000 23.04639  ? 125 VAL A CB  1 
ATOM   891  C CG1 . VAL A 1 125 ? -7.84233  -5.84625  -8.10963  1.000 25.00286  ? 125 VAL A CG1 1 
ATOM   892  C CG2 . VAL A 1 125 ? -5.44131  -5.95012  -7.40297  1.000 26.74505  ? 125 VAL A CG2 1 
ATOM   893  N N   . TYR A 1 126 ? -8.19363  -2.51276  -9.31404  1.000 20.45519  ? 126 TYR A N   1 
ATOM   894  C CA  . TYR A 1 126 ? -9.23289  -1.49122  -9.38041  1.000 20.05553  ? 126 TYR A CA  1 
ATOM   895  C C   . TYR A 1 126 ? -10.35534 -1.91167  -10.30357 1.000 20.68449  ? 126 TYR A C   1 
ATOM   896  O O   . TYR A 1 126 ? -10.16789 -2.67896  -11.25737 1.000 21.88797  ? 126 TYR A O   1 
ATOM   897  C CB  . TYR A 1 126 ? -8.64018  -0.13220  -9.78328  1.000 20.40410  ? 126 TYR A CB  1 
ATOM   898  C CG  . TYR A 1 126 ? -8.11305  -0.10995  -11.19477 1.000 18.91506  ? 126 TYR A CG  1 
ATOM   899  C CD1 . TYR A 1 126 ? -8.94547  0.31469   -12.22694 1.000 18.73172  ? 126 TYR A CD1 1 
ATOM   900  C CD2 . TYR A 1 126 ? -6.81902  -0.54753  -11.50764 1.000 17.24674  ? 126 TYR A CD2 1 
ATOM   901  C CE1 . TYR A 1 126 ? -8.50100  0.33569   -13.53961 1.000 19.23392  ? 126 TYR A CE1 1 
ATOM   902  C CE2 . TYR A 1 126 ? -6.35539  -0.52547  -12.84897 1.000 19.29177  ? 126 TYR A CE2 1 
ATOM   903  C CZ  . TYR A 1 126 ? -7.22440  -0.07448  -13.83798 1.000 20.43249  ? 126 TYR A CZ  1 
ATOM   904  O OH  . TYR A 1 126 ? -6.85747  -0.03398  -15.18331 1.000 21.57449  ? 126 TYR A OH  1 
ATOM   905  N N   . GLU A 1 127 ? -11.52071 -1.32351  -10.04318 1.000 20.98082  ? 127 GLU A N   1 
ATOM   906  C CA  . GLU A 1 127 ? -12.64250 -1.35124  -10.96861 1.000 21.19835  ? 127 GLU A CA  1 
ATOM   907  C C   . GLU A 1 127 ? -13.18156 0.06611   -11.06230 1.000 21.74142  ? 127 GLU A C   1 
ATOM   908  O O   . GLU A 1 127 ? -13.53061 0.65184   -10.03052 1.000 22.97453  ? 127 GLU A O   1 
ATOM   909  C CB  . GLU A 1 127 ? -13.71738 -2.30408  -10.45456 1.000 22.83189  ? 127 GLU A CB  1 
ATOM   910  C CG  . GLU A 1 127 ? -14.82095 -2.44995  -11.47757 1.000 27.50696  ? 127 GLU A CG  1 
ATOM   911  C CD  . GLU A 1 127 ? -15.97077 -3.32184  -11.00382 1.000 40.26219  ? 127 GLU A CD  1 
ATOM   912  O OE1 . GLU A 1 127 ? -15.80800 -4.06298  -10.00979 1.000 42.92061  ? 127 GLU A OE1 1 
ATOM   913  O OE2 . GLU A 1 127 ? -17.04322 -3.25187  -11.64227 1.000 39.84342  ? 127 GLU A OE2 1 
ATOM   914  N N   . LYS A 1 128 ? -13.24627 0.61133   -12.29071 1.000 26.16262  ? 128 LYS A N   1 
ATOM   915  C CA  . LYS A 1 128 ? -13.68983 1.98160   -12.50688 1.000 24.97853  ? 128 LYS A CA  1 
ATOM   916  C C   . LYS A 1 128 ? -15.20031 2.08287   -12.34236 1.000 28.04063  ? 128 LYS A C   1 
ATOM   917  O O   . LYS A 1 128 ? -15.92743 1.11130   -12.56727 1.000 33.29813  ? 128 LYS A O   1 
ATOM   918  C CB  . LYS A 1 128 ? -13.36955 2.42312   -13.94111 1.000 27.55777  ? 128 LYS A CB  1 
ATOM   919  C CG  . LYS A 1 128 ? -11.89462 2.54917   -14.25735 1.000 25.07209  ? 128 LYS A CG  1 
ATOM   920  C CD  . LYS A 1 128 ? -11.72259 2.91532   -15.73806 1.000 30.17938  ? 128 LYS A CD  1 
ATOM   921  C CE  . LYS A 1 128 ? -10.26006 3.16498   -16.11150 1.000 30.49748  ? 128 LYS A CE  1 
ATOM   922  N NZ  . LYS A 1 128 ? -10.20193 3.74759   -17.49641 1.000 31.24609  ? 128 LYS A NZ  1 
ATOM   923  N N   . ILE A 1 129 ? -15.66027 3.27864   -11.94617 1.000 27.20882  ? 129 ILE A N   1 
ATOM   924  C CA  . ILE A 1 129 ? -17.10157 3.55429   -11.93344 1.000 30.09087  ? 129 ILE A CA  1 
ATOM   925  C C   . ILE A 1 129 ? -17.64551 3.52123   -13.35261 1.000 38.76584  ? 129 ILE A C   1 
ATOM   926  O O   . ILE A 1 129 ? -18.68274 2.90417   -13.62507 1.000 39.88989  ? 129 ILE A O   1 
ATOM   927  C CB  . ILE A 1 129 ? -17.39786 4.90434   -11.25109 1.000 26.88349  ? 129 ILE A CB  1 
ATOM   928  C CG1 . ILE A 1 129 ? -17.09866 4.85649   -9.75159  1.000 30.05681  ? 129 ILE A CG1 1 
ATOM   929  C CG2 . ILE A 1 129 ? -18.87371 5.28887   -11.45806 1.000 36.55537  ? 129 ILE A CG2 1 
ATOM   930  C CD1 . ILE A 1 129 ? -18.13815 4.20607   -8.93608  1.000 48.03411  ? 129 ILE A CD1 1 
ATOM   931  N N   . ASN A 1 130 ? -16.95907 4.19099   -14.27522 1.000 29.04151  ? 130 ASN A N   1 
ATOM   932  C CA  . ASN A 1 130 ? -17.35232 4.19704   -15.68255 1.000 33.59456  ? 130 ASN A CA  1 
ATOM   933  C C   . ASN A 1 130 ? -16.10740 4.38341   -16.54480 1.000 41.14231  ? 130 ASN A C   1 
ATOM   934  O O   . ASN A 1 130 ? -14.99175 4.50634   -16.03471 1.000 36.73051  ? 130 ASN A O   1 
ATOM   935  C CB  . ASN A 1 130 ? -18.43442 5.24802   -15.96148 1.000 38.27361  ? 130 ASN A CB  1 
ATOM   936  C CG  . ASN A 1 130 ? -17.99293 6.63675   -15.60556 1.000 41.36460  ? 130 ASN A CG  1 
ATOM   937  O OD1 . ASN A 1 130 ? -16.99029 7.12560   -16.11526 1.000 47.68719  ? 130 ASN A OD1 1 
ATOM   938  N ND2 . ASN A 1 130 ? -18.74096 7.29001   -14.73010 1.000 52.94055  ? 130 ASN A ND2 1 
ATOM   939  N N   . GLU A 1 131 ? -16.30912 4.44176   -17.86623 1.000 39.40709  ? 131 GLU A N   1 
ATOM   940  C CA  . GLU A 1 131 ? -15.19009 4.52649   -18.80720 1.000 36.04956  ? 131 GLU A CA  1 
ATOM   941  C C   . GLU A 1 131 ? -14.48387 5.87301   -18.78325 1.000 35.64436  ? 131 GLU A C   1 
ATOM   942  O O   . GLU A 1 131 ? -13.34150 5.96378   -19.24828 1.000 41.86450  ? 131 GLU A O   1 
ATOM   943  C CB  . GLU A 1 131 ? -15.65453 4.23514   -20.23731 1.000 57.58745  ? 131 GLU A CB  1 
ATOM   944  C CG  . GLU A 1 131 ? -15.78738 2.76017   -20.58610 1.000 69.69396  ? 131 GLU A CG  1 
ATOM   945  C CD  . GLU A 1 131 ? -15.74184 2.50712   -22.09045 1.000 90.77298  ? 131 GLU A CD  1 
ATOM   946  O OE1 . GLU A 1 131 ? -15.92271 3.47425   -22.86778 1.000 77.33914  ? 131 GLU A OE1 1 
ATOM   947  O OE2 . GLU A 1 131 ? -15.51627 1.34201   -22.49297 1.000 94.73533  ? 131 GLU A OE2 1 
ATOM   948  N N   . ASP A 1 132 ? -15.12602 6.91531   -18.26220 1.000 37.02525  ? 132 ASP A N   1 
ATOM   949  C CA  . ASP A 1 132 ? -14.50958 8.22405   -18.09441 1.000 42.55903  ? 132 ASP A CA  1 
ATOM   950  C C   . ASP A 1 132 ? -13.56233 8.28699   -16.89643 1.000 41.18320  ? 132 ASP A C   1 
ATOM   951  O O   . ASP A 1 132 ? -12.82925 9.27350   -16.75014 1.000 36.03434  ? 132 ASP A O   1 
ATOM   952  C CB  . ASP A 1 132 ? -15.60073 9.28507   -17.93608 1.000 55.15606  ? 132 ASP A CB  1 
ATOM   953  C CG  . ASP A 1 132 ? -16.63470 9.21816   -19.04254 1.000 72.07101  ? 132 ASP A CG  1 
ATOM   954  O OD1 . ASP A 1 132 ? -16.26384 8.83052   -20.17376 1.000 75.80200  ? 132 ASP A OD1 1 
ATOM   955  O OD2 . ASP A 1 132 ? -17.81497 9.54051   -18.78096 1.000 85.48383  ? 132 ASP A OD2 1 
ATOM   956  N N   . SER A 1 133 ? -13.57224 7.27212   -16.03796 1.000 34.27972  ? 133 SER A N   1 
ATOM   957  C CA  . SER A 1 133 ? -12.67816 7.26747   -14.89099 1.000 33.67979  ? 133 SER A CA  1 
ATOM   958  C C   . SER A 1 133 ? -11.23581 7.05753   -15.34876 1.000 27.65452  ? 133 SER A C   1 
ATOM   959  O O   . SER A 1 133 ? -10.98222 6.30963   -16.29043 1.000 29.95439  ? 133 SER A O   1 
ATOM   960  C CB  . SER A 1 133 ? -13.06763 6.12954   -13.95490 1.000 28.27195  ? 133 SER A CB  1 
ATOM   961  O OG  . SER A 1 133 ? -14.40693 6.30069   -13.48473 1.000 36.52479  ? 133 SER A OG  1 
ATOM   962  N N   . PRO A 1 134 ? -10.26606 7.67524   -14.68344 1.000 30.19827  ? 134 PRO A N   1 
ATOM   963  C CA  . PRO A 1 134 ? -8.86166  7.37321   -14.98352 1.000 32.22525  ? 134 PRO A CA  1 
ATOM   964  C C   . PRO A 1 134 ? -8.44327  6.05709   -14.33675 1.000 27.37428  ? 134 PRO A C   1 
ATOM   965  O O   . PRO A 1 134 ? -9.07237  5.58027   -13.39706 1.000 30.41811  ? 134 PRO A O   1 
ATOM   966  C CB  . PRO A 1 134 ? -8.12031  8.54079   -14.32467 1.000 35.00838  ? 134 PRO A CB  1 
ATOM   967  C CG  . PRO A 1 134 ? -8.97949  8.90136   -13.17183 1.000 40.71117  ? 134 PRO A CG  1 
ATOM   968  C CD  . PRO A 1 134 ? -10.40332 8.72064   -13.65522 1.000 34.81841  ? 134 PRO A CD  1 
ATOM   969  N N   . ALA A 1 135 ? -7.38725  5.44475   -14.88795 1.000 23.46518  ? 135 ALA A N   1 
ATOM   970  C CA  . ALA A 1 135 ? -6.67808  4.37875   -14.18703 1.000 22.03176  ? 135 ALA A CA  1 
ATOM   971  C C   . ALA A 1 135 ? -5.72302  5.03878   -13.19751 1.000 19.79229  ? 135 ALA A C   1 
ATOM   972  O O   . ALA A 1 135 ? -5.34971  6.19722   -13.37100 1.000 20.96385  ? 135 ALA A O   1 
ATOM   973  C CB  . ALA A 1 135 ? -5.89480  3.51602   -15.17153 1.000 26.07587  ? 135 ALA A CB  1 
ATOM   974  N N   . PRO A 1 136 ? -5.43737  4.37460   -12.04155 1.000 20.96037  ? 136 PRO A N   1 
ATOM   975  C CA  . PRO A 1 136 ? -4.77747  5.04749   -10.91870 1.000 18.57581  ? 136 PRO A CA  1 
ATOM   976  C C   . PRO A 1 136 ? -3.26039  5.19646   -11.01894 1.000 20.18194  ? 136 PRO A C   1 
ATOM   977  O O   . PRO A 1 136 ? -2.51654  4.80970   -10.11779 1.000 19.44595  ? 136 PRO A O   1 
ATOM   978  C CB  . PRO A 1 136 ? -5.24197  4.22475   -9.71330  1.000 19.58513  ? 136 PRO A CB  1 
ATOM   979  C CG  . PRO A 1 136 ? -5.45615  2.83733   -10.25414 1.000 19.54864  ? 136 PRO A CG  1 
ATOM   980  C CD  . PRO A 1 136 ? -5.98336  3.05287   -11.67447 1.000 18.75352  ? 136 PRO A CD  1 
ATOM   981  N N   . PHE A 1 137 ? -2.81814  5.77094   -12.12890 1.000 18.50871  ? 137 PHE A N   1 
ATOM   982  C CA  . PHE A 1 137 ? -1.39700  6.05901   -12.30788 1.000 18.96006  ? 137 PHE A CA  1 
ATOM   983  C C   . PHE A 1 137 ? -0.86978  7.02653   -11.26907 1.000 19.24094  ? 137 PHE A C   1 
ATOM   984  O O   . PHE A 1 137 ? 0.30651   6.93500   -10.87859 1.000 21.97549  ? 137 PHE A O   1 
ATOM   985  C CB  . PHE A 1 137 ? -1.15302  6.61378   -13.72755 1.000 20.67882  ? 137 PHE A CB  1 
ATOM   986  C CG  . PHE A 1 137 ? -1.40238  5.59505   -14.80627 1.000 21.25892  ? 137 PHE A CG  1 
ATOM   987  C CD1 . PHE A 1 137 ? -0.54111  4.52105   -14.96543 1.000 23.30759  ? 137 PHE A CD1 1 
ATOM   988  C CD2 . PHE A 1 137 ? -2.49526  5.68638   -15.63914 1.000 21.90996  ? 137 PHE A CD2 1 
ATOM   989  C CE1 . PHE A 1 137 ? -0.73499  3.55465   -15.94294 1.000 27.03140  ? 137 PHE A CE1 1 
ATOM   990  C CE2 . PHE A 1 137 ? -2.70949  4.72117   -16.63147 1.000 22.98662  ? 137 PHE A CE2 1 
ATOM   991  C CZ  . PHE A 1 137 ? -1.85451  3.63603   -16.77766 1.000 22.25430  ? 137 PHE A CZ  1 
ATOM   992  N N   . ASP A 1 138 ? -1.68081  7.99181   -10.84010 1.000 20.00789  ? 138 ASP A N   1 
ATOM   993  C CA  . ASP A 1 138 ? -1.21711  8.88911   -9.77864  1.000 21.62514  ? 138 ASP A CA  1 
ATOM   994  C C   . ASP A 1 138 ? -0.88096  8.11832   -8.50206  1.000 20.58412  ? 138 ASP A C   1 
ATOM   995  O O   . ASP A 1 138 ? 0.18932   8.33460   -7.89950  1.000 21.87439  ? 138 ASP A O   1 
ATOM   996  C CB  . ASP A 1 138 ? -2.21959  10.04616  -9.55797  1.000 23.81892  ? 138 ASP A CB  1 
ATOM   997  C CG  . ASP A 1 138 ? -3.67795  9.59241   -9.34401  1.000 26.65165  ? 138 ASP A CG  1 
ATOM   998  O OD1 . ASP A 1 138 ? -4.02812  8.37745   -9.39110  1.000 24.02645  ? 138 ASP A OD1 1 
ATOM   999  O OD2 . ASP A 1 138 ? -4.51429  10.50857  -9.13817  1.000 29.50396  ? 138 ASP A OD2 1 
ATOM   1000 N N   . TYR A 1 139 ? -1.74362  7.17676   -8.11070  1.000 20.12139  ? 139 TYR A N   1 
ATOM   1001 C CA  . TYR A 1 139 ? -1.45612  6.37115   -6.93010  1.000 19.78719  ? 139 TYR A CA  1 
ATOM   1002 C C   . TYR A 1 139 ? -0.26628  5.44718   -7.14374  1.000 20.31779  ? 139 TYR A C   1 
ATOM   1003 O O   . TYR A 1 139 ? 0.55190   5.29014   -6.22846  1.000 19.89775  ? 139 TYR A O   1 
ATOM   1004 C CB  . TYR A 1 139 ? -2.68683  5.59592   -6.44706  1.000 18.21980  ? 139 TYR A CB  1 
ATOM   1005 C CG  . TYR A 1 139 ? -3.71409  6.50373   -5.81423  1.000 20.23614  ? 139 TYR A CG  1 
ATOM   1006 C CD1 . TYR A 1 139 ? -3.55707  6.95073   -4.49699  1.000 21.48783  ? 139 TYR A CD1 1 
ATOM   1007 C CD2 . TYR A 1 139 ? -4.80994  6.93739   -6.52521  1.000 21.09405  ? 139 TYR A CD2 1 
ATOM   1008 C CE1 . TYR A 1 139 ? -4.48037  7.78344   -3.92520  1.000 20.01564  ? 139 TYR A CE1 1 
ATOM   1009 C CE2 . TYR A 1 139 ? -5.74685  7.78030   -5.95369  1.000 22.02390  ? 139 TYR A CE2 1 
ATOM   1010 C CZ  . TYR A 1 139 ? -5.58002  8.17814   -4.64749  1.000 20.84046  ? 139 TYR A CZ  1 
ATOM   1011 O OH  . TYR A 1 139 ? -6.51134  9.03130   -4.07748  1.000 28.81406  ? 139 TYR A OH  1 
ATOM   1012 N N   . LEU A 1 140 ? -0.14036  4.83650   -8.34435  1.000 18.89891  ? 140 LEU A N   1 
ATOM   1013 C CA  . LEU A 1 140 ? 1.00087   3.96225   -8.58906  1.000 17.00347  ? 140 LEU A CA  1 
ATOM   1014 C C   . LEU A 1 140 ? 2.30102   4.72439   -8.39336  1.000 19.77586  ? 140 LEU A C   1 
ATOM   1015 O O   . LEU A 1 140 ? 3.22939   4.21754   -7.74869  1.000 20.74014  ? 140 LEU A O   1 
ATOM   1016 C CB  . LEU A 1 140 ? 0.89952   3.36893   -10.00422 1.000 19.19080  ? 140 LEU A CB  1 
ATOM   1017 C CG  . LEU A 1 140 ? 1.86721   2.18561   -10.25324 1.000 19.44744  ? 140 LEU A CG  1 
ATOM   1018 C CD1 . LEU A 1 140 ? 1.46783   0.93437   -9.49521  1.000 23.74119  ? 140 LEU A CD1 1 
ATOM   1019 C CD2 . LEU A 1 140 ? 1.94642   1.82535   -11.74157 1.000 20.86110  ? 140 LEU A CD2 1 
ATOM   1020 N N   . LYS A 1 141 ? 2.37989   5.95794   -8.91935  1.000 18.14852  ? 141 LYS A N   1 
ATOM   1021 C CA  . LYS A 1 141 ? 3.62723   6.70866   -8.78806  1.000 19.34029  ? 141 LYS A CA  1 
ATOM   1022 C C   . LYS A 1 141 ? 3.85580   7.09498   -7.34398  1.000 21.57426  ? 141 LYS A C   1 
ATOM   1023 O O   . LYS A 1 141 ? 4.98732   7.06914   -6.85981  1.000 22.03742  ? 141 LYS A O   1 
ATOM   1024 C CB  . LYS A 1 141 ? 3.59425   7.94835   -9.69473  1.000 25.56765  ? 141 LYS A CB  1 
ATOM   1025 C CG  . LYS A 1 141 ? 4.79066   8.86666   -9.48608  1.000 27.66843  ? 141 LYS A CG  1 
ATOM   1026 C CD  . LYS A 1 141 ? 4.75345   10.03933  -10.46416 1.000 36.93712  ? 141 LYS A CD  1 
ATOM   1027 C CE  . LYS A 1 141 ? 5.07279   9.58184   -11.86459 1.000 44.66114  ? 141 LYS A CE  1 
ATOM   1028 N NZ  . LYS A 1 141 ? 5.17995   10.73601  -12.80457 1.000 56.63436  ? 141 LYS A NZ  1 
ATOM   1029 N N   . PHE A 1 142 ? 2.78612   7.44815   -6.64895  1.000 21.06188  ? 142 PHE A N   1 
ATOM   1030 C CA  . PHE A 1 142 ? 2.93223   7.81860   -5.24362  1.000 21.95038  ? 142 PHE A CA  1 
ATOM   1031 C C   . PHE A 1 142 ? 3.46530   6.64664   -4.41735  1.000 22.38380  ? 142 PHE A C   1 
ATOM   1032 O O   . PHE A 1 142 ? 4.41342   6.80229   -3.64296  1.000 22.39610  ? 142 PHE A O   1 
ATOM   1033 C CB  . PHE A 1 142 ? 1.58925   8.30606   -4.70776  1.000 22.94495  ? 142 PHE A CB  1 
ATOM   1034 C CG  . PHE A 1 142 ? 1.57739   8.52956   -3.25060  1.000 30.29745  ? 142 PHE A CG  1 
ATOM   1035 C CD1 . PHE A 1 142 ? 2.13262   9.67586   -2.72491  1.000 43.19371  ? 142 PHE A CD1 1 
ATOM   1036 C CD2 . PHE A 1 142 ? 1.02279   7.59290   -2.41401  1.000 29.76469  ? 142 PHE A CD2 1 
ATOM   1037 C CE1 . PHE A 1 142 ? 2.13075   9.89879   -1.36499  1.000 48.88975  ? 142 PHE A CE1 1 
ATOM   1038 C CE2 . PHE A 1 142 ? 1.01530   7.80565   -1.04372  1.000 56.37636  ? 142 PHE A CE2 1 
ATOM   1039 C CZ  . PHE A 1 142 ? 1.57796   8.95812   -0.52652  1.000 48.91613  ? 142 PHE A CZ  1 
ATOM   1040 N N   . PHE A 1 143 ? 2.88287   5.45548   -4.57613  1.000 20.36065  ? 143 PHE A N   1 
ATOM   1041 C CA  . PHE A 1 143 ? 3.37949   4.31140   -3.81747  1.000 20.64113  ? 143 PHE A CA  1 
ATOM   1042 C C   . PHE A 1 143 ? 4.78060   3.92824   -4.24222  1.000 23.75299  ? 143 PHE A C   1 
ATOM   1043 O O   . PHE A 1 143 ? 5.59806   3.52549   -3.41257  1.000 23.20348  ? 143 PHE A O   1 
ATOM   1044 C CB  . PHE A 1 143 ? 2.42594   3.10459   -3.92556  1.000 20.98007  ? 143 PHE A CB  1 
ATOM   1045 C CG  . PHE A 1 143 ? 1.04774   3.35940   -3.37746  1.000 25.61328  ? 143 PHE A CG  1 
ATOM   1046 C CD1 . PHE A 1 143 ? 0.86711   3.99147   -2.16871  1.000 40.23760  ? 143 PHE A CD1 1 
ATOM   1047 C CD2 . PHE A 1 143 ? -0.04881  2.97564   -4.08727  1.000 25.14445  ? 143 PHE A CD2 1 
ATOM   1048 C CE1 . PHE A 1 143 ? -0.40614  4.22514   -1.69670  1.000 41.69598  ? 143 PHE A CE1 1 
ATOM   1049 C CE2 . PHE A 1 143 ? -1.29754  3.21434   -3.63301  1.000 30.02491  ? 143 PHE A CE2 1 
ATOM   1050 C CZ  . PHE A 1 143 ? -1.47311  3.83028   -2.43337  1.000 26.71205  ? 143 PHE A CZ  1 
ATOM   1051 N N   . HIS A 1 144 ? 5.07947   4.04191   -5.52882  1.000 20.33751  ? 144 HIS A N   1 
ATOM   1052 C CA  . HIS A 1 144 ? 6.40919   3.70407   -5.99683  1.000 18.61458  ? 144 HIS A CA  1 
ATOM   1053 C C   . HIS A 1 144 ? 7.44091   4.60223   -5.35004  1.000 25.02837  ? 144 HIS A C   1 
ATOM   1054 O O   . HIS A 1 144 ? 8.46846   4.12393   -4.84839  1.000 21.33384  ? 144 HIS A O   1 
ATOM   1055 C CB  . HIS A 1 144 ? 6.44619   3.90671   -7.50667  1.000 18.13659  ? 144 HIS A CB  1 
ATOM   1056 C CG  . HIS A 1 144 ? 7.77793   3.57509   -8.12596  1.000 21.23671  ? 144 HIS A CG  1 
ATOM   1057 N ND1 . HIS A 1 144 ? 8.10538   2.29961   -8.50973  1.000 20.56918  ? 144 HIS A ND1 1 
ATOM   1058 C CD2 . HIS A 1 144 ? 8.88118   4.33108   -8.35340  1.000 23.02672  ? 144 HIS A CD2 1 
ATOM   1059 C CE1 . HIS A 1 144 ? 9.34119   2.27496   -8.98416  1.000 21.83819  ? 144 HIS A CE1 1 
ATOM   1060 N NE2 . HIS A 1 144 ? 9.83015   3.50005   -8.90877  1.000 21.32351  ? 144 HIS A NE2 1 
ATOM   1061 N N   . GLN A 1 145 ? 7.19196   5.90871   -5.36519  1.000 22.96704  ? 145 GLN A N   1 
ATOM   1062 C CA  . GLN A 1 145 ? 8.20695   6.81172   -4.83075  1.000 25.56997  ? 145 GLN A CA  1 
ATOM   1063 C C   . GLN A 1 145 ? 8.35383   6.60402   -3.33015  1.000 28.95069  ? 145 GLN A C   1 
ATOM   1064 O O   . GLN A 1 145 ? 9.47661   6.65805   -2.80613  1.000 32.71876  ? 145 GLN A O   1 
ATOM   1065 C CB  . GLN A 1 145 ? 7.92292   8.24338   -5.27719  1.000 28.68672  ? 145 GLN A CB  1 
ATOM   1066 C CG  . GLN A 1 145 ? 7.97795   8.32596   -6.83461  1.000 37.19512  ? 145 GLN A CG  1 
ATOM   1067 C CD  . GLN A 1 145 ? 7.84990   9.71283   -7.45223  1.000 46.54043  ? 145 GLN A CD  1 
ATOM   1068 O OE1 . GLN A 1 145 ? 7.28401   10.63140  -6.86124  1.000 48.89265  ? 145 GLN A OE1 1 
ATOM   1069 N NE2 . GLN A 1 145 ? 8.36617   9.85754   -8.67855  1.000 39.63782  ? 145 GLN A NE2 1 
ATOM   1070 N N   A ASN A 1 146 ? 7.24883   6.30394   -2.64267  0.440 26.79908  ? 146 ASN A N   1 
ATOM   1071 N N   B ASN A 1 146 ? 7.25156   6.30680   -2.64816  0.560 26.58760  ? 146 ASN A N   1 
ATOM   1072 C CA  A ASN A 1 146 ? 7.30568   6.02036   -1.20870  0.440 28.96358  ? 146 ASN A CA  1 
ATOM   1073 C CA  B ASN A 1 146 ? 7.30958   6.02148   -1.21714  0.560 28.90073  ? 146 ASN A CA  1 
ATOM   1074 C C   A ASN A 1 146 ? 8.19120   4.81486   -0.92405  0.440 29.82935  ? 146 ASN A C   1 
ATOM   1075 C C   B ASN A 1 146 ? 8.21638   4.82782   -0.94661  0.560 29.60563  ? 146 ASN A C   1 
ATOM   1076 O O   A ASN A 1 146 ? 8.99505   4.83431   0.01503   0.440 34.45253  ? 146 ASN A O   1 
ATOM   1077 O O   B ASN A 1 146 ? 9.08219   4.87657   -0.06557  0.560 34.60411  ? 146 ASN A O   1 
ATOM   1078 C CB  A ASN A 1 146 ? 5.90002   5.75327   -0.66526  0.440 32.36439  ? 146 ASN A CB  1 
ATOM   1079 C CB  B ASN A 1 146 ? 5.89571   5.76788   -0.68809  0.560 32.34618  ? 146 ASN A CB  1 
ATOM   1080 C CG  A ASN A 1 146 ? 5.02710   6.98617   -0.63868  0.440 30.03817  ? 146 ASN A CG  1 
ATOM   1081 C CG  B ASN A 1 146 ? 5.85408   5.60925   0.81252   0.560 36.59066  ? 146 ASN A CG  1 
ATOM   1082 O OD1 A ASN A 1 146 ? 5.44141   8.07496   -1.03475  0.440 37.55410  ? 146 ASN A OD1 1 
ATOM   1083 O OD1 B ASN A 1 146 ? 5.62135   6.57575   1.53125   0.560 39.87481  ? 146 ASN A OD1 1 
ATOM   1084 N ND2 A ASN A 1 146 ? 3.79585   6.81603   -0.17084  0.440 34.76289  ? 146 ASN A ND2 1 
ATOM   1085 N ND2 B ASN A 1 146 ? 6.08111   4.38845   1.29373   0.560 32.73360  ? 146 ASN A ND2 1 
ATOM   1086 N N   . ILE A 1 147 ? 8.04642   3.74384   -1.70452  1.000 24.33804  ? 147 ILE A N   1 
ATOM   1087 C CA  . ILE A 1 147 ? 8.84339   2.54609   -1.44345  1.000 27.97654  ? 147 ILE A CA  1 
ATOM   1088 C C   . ILE A 1 147 ? 10.30956  2.71569   -1.85315  1.000 33.56686  ? 147 ILE A C   1 
ATOM   1089 O O   . ILE A 1 147 ? 11.21078  2.21203   -1.16728  1.000 33.36565  ? 147 ILE A O   1 
ATOM   1090 C CB  . ILE A 1 147 ? 8.16489   1.26458   -1.97635  1.000 29.99996  ? 147 ILE A CB  1 
ATOM   1091 C CG1 . ILE A 1 147 ? 8.75552   0.01794   -1.30166  1.000 40.68678  ? 147 ILE A CG1 1 
ATOM   1092 C CG2 . ILE A 1 147 ? 8.23428   1.18431   -3.47932  1.000 25.51315  ? 147 ILE A CG2 1 
ATOM   1093 C CD1 . ILE A 1 147 ? 8.31662   -0.11992  0.14841   1.000 38.19763  ? 147 ILE A CD1 1 
ATOM   1094 N N   . VAL A 1 148 ? 10.58529  3.44620   -2.94033  1.000 27.73353  ? 148 VAL A N   1 
ATOM   1095 C CA  . VAL A 1 148 ? 11.96007  3.79628   -3.29723  1.000 28.42150  ? 148 VAL A CA  1 
ATOM   1096 C C   . VAL A 1 148 ? 12.60393  4.63190   -2.19656  1.000 34.66555  ? 148 VAL A C   1 
ATOM   1097 O O   . VAL A 1 148 ? 13.77413  4.42721   -1.85414  1.000 43.56661  ? 148 VAL A O   1 
ATOM   1098 C CB  . VAL A 1 148 ? 12.01594  4.52475   -4.65508  1.000 31.52034  ? 148 VAL A CB  1 
ATOM   1099 C CG1 . VAL A 1 148 ? 13.43469  5.06204   -4.90815  1.000 32.28898  ? 148 VAL A CG1 1 
ATOM   1100 C CG2 . VAL A 1 148 ? 11.62353  3.61053   -5.77979  1.000 29.74580  ? 148 VAL A CG2 1 
ATOM   1101 N N   . ASP A 1 149 ? 11.85852  5.58526   -1.63383  1.000 30.86713  ? 149 ASP A N   1 
ATOM   1102 C CA  . ASP A 1 149 ? 12.40167  6.41064   -0.55035  1.000 36.96145  ? 149 ASP A CA  1 
ATOM   1103 C C   . ASP A 1 149 ? 12.77785  5.54146   0.64233   1.000 47.20665  ? 149 ASP A C   1 
ATOM   1104 O O   . ASP A 1 149 ? 13.93909  5.53243   1.08074   1.000 42.70253  ? 149 ASP A O   1 
ATOM   1105 C CB  . ASP A 1 149 ? 11.39656  7.49779   -0.15668  1.000 41.62313  ? 149 ASP A CB  1 
ATOM   1106 C CG  . ASP A 1 149 ? 11.92440  8.43652   0.93348   1.000 64.89951  ? 149 ASP A CG  1 
ATOM   1107 O OD1 . ASP A 1 149 ? 12.71644  9.34505   0.60709   1.000 74.19242  ? 149 ASP A OD1 1 
ATOM   1108 O OD2 . ASP A 1 149 ? 11.53893  8.27729   2.11384   1.000 62.13323  ? 149 ASP A OD2 1 
ATOM   1109 N N   . MET A 1 150 ? 11.80871  4.76758   1.14249   1.000 39.90212  ? 150 MET A N   1 
ATOM   1110 C CA  . MET A 1 150 ? 12.03088  3.88528   2.28741   1.000 38.25550  ? 150 MET A CA  1 
ATOM   1111 C C   . MET A 1 150 ? 13.24474  2.99811   2.06125   1.000 43.61815  ? 150 MET A C   1 
ATOM   1112 O O   . MET A 1 150 ? 14.12962  2.89782   2.91557   1.000 45.29845  ? 150 MET A O   1 
ATOM   1113 C CB  . MET A 1 150 ? 10.78938  3.01530   2.48507   1.000 34.49147  ? 150 MET A CB  1 
ATOM   1114 C CG  . MET A 1 150 ? 10.59916  2.44492   3.91062   1.000 40.63978  ? 150 MET A CG  1 
ATOM   1115 S SD  . MET A 1 150 ? 9.47234   1.02489   3.93540   1.000 44.71865  ? 150 MET A SD  1 
ATOM   1116 C CE  . MET A 1 150 ? 10.52335  -0.25513  3.27646   1.000 44.03459  ? 150 MET A CE  1 
ATOM   1117 N N   . SER A 1 151 ? 13.30378  2.35245   0.90520   1.000 34.01521  ? 151 SER A N   1 
ATOM   1118 C CA  . SER A 1 151 ? 14.38389  1.42765   0.58342   1.000 34.40003  ? 151 SER A CA  1 
ATOM   1119 C C   . SER A 1 151 ? 15.74328  2.10594   0.49810   1.000 54.15227  ? 151 SER A C   1 
ATOM   1120 O O   . SER A 1 151 ? 16.76585  1.44837   0.72232   1.000 44.64437  ? 151 SER A O   1 
ATOM   1121 C CB  . SER A 1 151 ? 14.09433  0.75187   -0.75118  1.000 40.70511  ? 151 SER A CB  1 
ATOM   1122 O OG  . SER A 1 151 ? 12.82117  0.16005   -0.70582  1.000 51.21007  ? 151 SER A OG  1 
ATOM   1123 N N   . ALA A 1 152 ? 15.79518  3.38727   0.12593   1.000 48.74631  ? 152 ALA A N   1 
ATOM   1124 C CA  . ALA A 1 152 ? 17.09269  4.04946   0.09803   1.000 50.59333  ? 152 ALA A CA  1 
ATOM   1125 C C   . ALA A 1 152 ? 17.58179  4.45040   1.48906   1.000 47.02877  ? 152 ALA A C   1 
ATOM   1126 O O   . ALA A 1 152 ? 18.72229  4.91456   1.61276   1.000 59.52702  ? 152 ALA A O   1 
ATOM   1127 C CB  . ALA A 1 152 ? 17.09740  5.24178   -0.86944  1.000 49.63336  ? 152 ALA A CB  1 
ATOM   1128 N N   . HIS A 1 153 ? 16.76360  4.27273   2.52906   1.000 43.09292  ? 153 HIS A N   1 
ATOM   1129 C CA  . HIS A 1 153 ? 17.16076  4.51568   3.91072   1.000 44.88185  ? 153 HIS A CA  1 
ATOM   1130 C C   . HIS A 1 153 ? 17.52335  3.22566   4.64489   1.000 32.58153  ? 153 HIS A C   1 
ATOM   1131 O O   . HIS A 1 153 ? 17.68616  3.24805   5.86960   1.000 47.24702  ? 153 HIS A O   1 
ATOM   1132 C CB  . HIS A 1 153 ? 16.04510  5.22821   4.67623   1.000 48.57405  ? 153 HIS A CB  1 
ATOM   1133 C CG  . HIS A 1 153 ? 15.73046  6.59825   4.16698   1.000 64.98296  ? 153 HIS A CG  1 
ATOM   1134 N ND1 . HIS A 1 153 ? 16.55357  7.27660   3.29382   1.000 66.77448  ? 153 HIS A ND1 1 
ATOM   1135 C CD2 . HIS A 1 153 ? 14.67746  7.41682   4.40959   1.000 62.70845  ? 153 HIS A CD2 1 
ATOM   1136 C CE1 . HIS A 1 153 ? 16.02128  8.45624   3.02296   1.000 83.44528  ? 153 HIS A CE1 1 
ATOM   1137 N NE2 . HIS A 1 153 ? 14.88467  8.56683   3.69002   1.000 71.54035  ? 153 HIS A NE2 1 
ATOM   1138 N N   . ILE A 1 154 ? 17.64006  2.11572   3.92324   1.000 34.06275  ? 154 ILE A N   1 
ATOM   1139 C CA  . ILE A 1 154 ? 17.95425  0.79849   4.47548   1.000 33.43227  ? 154 ILE A CA  1 
ATOM   1140 C C   . ILE A 1 154 ? 19.27214  0.33903   3.86639   1.000 42.36401  ? 154 ILE A C   1 
ATOM   1141 O O   . ILE A 1 154 ? 19.43927  0.38681   2.64133   1.000 39.33354  ? 154 ILE A O   1 
ATOM   1142 C CB  . ILE A 1 154 ? 16.85310  -0.22525  4.12754   1.000 32.80962  ? 154 ILE A CB  1 
ATOM   1143 C CG1 . ILE A 1 154 ? 15.48149  0.25741   4.60097   1.000 33.53265  ? 154 ILE A CG1 1 
ATOM   1144 C CG2 . ILE A 1 154 ? 17.17933  -1.58888  4.74001   1.000 39.89560  ? 154 ILE A CG2 1 
ATOM   1145 C CD1 . ILE A 1 154 ? 15.50007  0.63510   6.07791   1.000 43.92007  ? 154 ILE A CD1 1 
ATOM   1146 N N   . CYS A 1 155 ? 20.19187  -0.14551  4.70100   1.000 34.78194  ? 155 CYS A N   1 
ATOM   1147 C CA  . CYS A 1 155 ? 21.46359  -0.64869  4.18515   1.000 36.86621  ? 155 CYS A CA  1 
ATOM   1148 C C   . CYS A 1 155 ? 21.93723  -1.86435  4.98494   1.000 53.12166  ? 155 CYS A C   1 
ATOM   1149 O O   . CYS A 1 155 ? 21.43960  -2.15917  6.07276   1.000 35.02930  ? 155 CYS A O   1 
ATOM   1150 C CB  . CYS A 1 155 ? 22.51810  0.46719   4.08412   1.000 44.60687  ? 155 CYS A CB  1 
ATOM   1151 S SG  . CYS A 1 155 ? 23.05284  1.21203   5.63986   1.000 45.35757  ? 155 CYS A SG  1 
ATOM   1152 N N   . SER A 1 156 ? 22.92325  -2.57463  4.43808   1.000 60.57665  ? 156 SER A N   1 
ATOM   1153 C CA  . SER A 1 156 ? 23.34587  -3.85347  5.00564   1.000 69.40697  ? 156 SER A CA  1 
ATOM   1154 C C   . SER A 1 156 ? 23.85650  -3.70213  6.44579   1.000 64.51286  ? 156 SER A C   1 
ATOM   1155 O O   . SER A 1 156 ? 24.11269  -2.59928  6.94358   1.000 59.80251  ? 156 SER A O   1 
ATOM   1156 C CB  . SER A 1 156 ? 24.43132  -4.49499  4.13692   1.000 63.21421  ? 156 SER A CB  1 
ATOM   1157 O OG  . SER A 1 156 ? 24.89938  -5.70600  4.71438   1.000 76.72333  ? 156 SER A OG  1 
ATOM   1158 N N   . SER A 1 157 ? 23.98929  -4.85252  7.10992   1.000 68.19686  ? 157 SER A N   1 
ATOM   1159 C CA  . SER A 1 157 ? 24.56329  -4.98827  8.45649   1.000 67.83019  ? 157 SER A CA  1 
ATOM   1160 C C   . SER A 1 157 ? 23.60337  -4.57794  9.56874   1.000 63.85518  ? 157 SER A C   1 
ATOM   1161 O O   . SER A 1 157 ? 23.14854  -5.42152  10.34318  1.000 58.41550  ? 157 SER A O   1 
ATOM   1162 C CB  . SER A 1 157 ? 25.91337  -4.26161  8.58446   1.000 68.92549  ? 157 SER A CB  1 
ATOM   1163 O OG  . SER A 1 157 ? 26.43905  -4.36977  9.89793   1.000 80.78206  ? 157 SER A OG  1 
HETATM 1164 C C25 . EV1 B 2 .   ? -3.72724  1.94048   -0.06635  1.000 49.70766  ? 201 EV1 A C25 1 
HETATM 1165 O O24 . EV1 B 2 .   ? -4.55818  2.84670   -0.75799  1.000 43.42758  ? 201 EV1 A O24 1 
HETATM 1166 C C16 . EV1 B 2 .   ? -4.46514  4.12124   -0.18981  1.000 43.64140  ? 201 EV1 A C16 1 
HETATM 1167 C C15 . EV1 B 2 .   ? -5.05893  5.24120   -0.75552  1.000 30.72214  ? 201 EV1 A C15 1 
HETATM 1168 O O22 . EV1 B 2 .   ? -5.76187  5.12772   -1.96074  1.000 44.79135  ? 201 EV1 A O22 1 
HETATM 1169 C C23 . EV1 B 2 .   ? -6.83272  6.01369   -2.15854  1.000 39.51520  ? 201 EV1 A C23 1 
HETATM 1170 C C14 . EV1 B 2 .   ? -4.90951  6.45658   -0.16599  1.000 37.35701  ? 201 EV1 A C14 1 
HETATM 1171 C C13 . EV1 B 2 .   ? -4.22442  6.60667   0.99005   1.000 43.14865  ? 201 EV1 A C13 1 
HETATM 1172 C C17 . EV1 B 2 .   ? -3.73841  4.22474   1.00885   1.000 38.76101  ? 201 EV1 A C17 1 
HETATM 1173 C C12 . EV1 B 2 .   ? -3.64586  5.50346   1.58243   1.000 49.35983  ? 201 EV1 A C12 1 
HETATM 1174 C C11 . EV1 B 2 .   ? -2.90331  5.65723   2.89019   1.000 48.03004  ? 201 EV1 A C11 1 
HETATM 1175 C C10 . EV1 B 2 .   ? -1.61764  4.84995   2.95644   1.000 46.98001  ? 201 EV1 A C10 1 
HETATM 1176 N N9  . EV1 B 2 .   ? -1.64132  3.53134   3.09444   1.000 44.46021  ? 201 EV1 A N9  1 
HETATM 1177 C C8  . EV1 B 2 .   ? -0.45499  2.93439   3.14113   1.000 50.73847  ? 201 EV1 A C8  1 
HETATM 1178 C C7  . EV1 B 2 .   ? 0.75961   3.59724   3.06962   1.000 56.97671  ? 201 EV1 A C7  1 
HETATM 1179 C C2  . EV1 B 2 .   ? 0.75034   4.97369   2.93337   1.000 61.81431  ? 201 EV1 A C2  1 
HETATM 1180 C C3  . EV1 B 2 .   ? -0.47842  5.61297   2.88158   1.000 52.99780  ? 201 EV1 A C3  1 
HETATM 1181 C C4  . EV1 B 2 .   ? -0.61151  6.97579   2.74454   1.000 48.49146  ? 201 EV1 A C4  1 
HETATM 1182 C C5  . EV1 B 2 .   ? 0.53125   7.73080   2.66821   1.000 63.50648  ? 201 EV1 A C5  1 
HETATM 1183 O O20 . EV1 B 2 .   ? 0.39041   9.11350   2.52728   1.000 71.11245  ? 201 EV1 A O20 1 
HETATM 1184 C C21 . EV1 B 2 .   ? -0.80267  9.46635   1.88013   1.000 56.96416  ? 201 EV1 A C21 1 
HETATM 1185 C C6  . EV1 B 2 .   ? 1.79367   7.15095   2.71788   1.000 65.18923  ? 201 EV1 A C6  1 
HETATM 1186 C C1  . EV1 B 2 .   ? 1.91287   5.75988   2.84923   1.000 56.94197  ? 201 EV1 A C1  1 
HETATM 1187 O O18 . EV1 B 2 .   ? 2.94143   7.95015   2.63570   1.000 68.37867  ? 201 EV1 A O18 1 
HETATM 1188 C C19 . EV1 B 2 .   ? 3.68009   8.03187   3.82298   1.000 48.30815  ? 201 EV1 A C19 1 
HETATM 1189 O O   . HOH C 3 .   ? -9.52500  16.15329  8.35292   1.000 35.27746  ? 301 HOH A O   1 
HETATM 1190 O O   . HOH C 3 .   ? -12.24376 -4.09316  -2.98689  1.000 43.94183  ? 302 HOH A O   1 
HETATM 1191 O O   . HOH C 3 .   ? -3.79726  -5.73963  21.66930  1.000 52.66905  ? 303 HOH A O   1 
HETATM 1192 O O   . HOH C 3 .   ? -1.36891  -14.54896 1.31416   1.000 51.98496  ? 304 HOH A O   1 
HETATM 1193 O O   . HOH C 3 .   ? -10.82125 14.75612  -4.98088  1.000 52.31086  ? 305 HOH A O   1 
HETATM 1194 O O   . HOH C 3 .   ? -7.15276  -7.99159  10.94388  1.000 46.18386  ? 306 HOH A O   1 
HETATM 1195 O O   . HOH C 3 .   ? -8.08900  10.16020  -5.71769  1.000 34.19233  ? 307 HOH A O   1 
HETATM 1196 O O   . HOH C 3 .   ? 1.26303   -10.45177 -7.69641  1.000 46.29276  ? 308 HOH A O   1 
HETATM 1197 O O   . HOH C 3 .   ? -14.77872 -3.72642  4.71177   1.000 47.40400  ? 309 HOH A O   1 
HETATM 1198 O O   . HOH C 3 .   ? -11.61670 2.72017   -19.36347 1.000 41.82617  ? 310 HOH A O   1 
HETATM 1199 O O   . HOH C 3 .   ? 0.45069   -12.72878 -1.80497  1.000 40.00276  ? 311 HOH A O   1 
HETATM 1200 O O   . HOH C 3 .   ? 3.72369   -13.13534 -2.98428  1.000 55.94275  ? 312 HOH A O   1 
HETATM 1201 O O   . HOH C 3 .   ? -6.77506  11.22189  -8.04288  1.000 39.93572  ? 313 HOH A O   1 
HETATM 1202 O O   . HOH C 3 .   ? 5.44182   10.34995  -15.37549 1.000 49.95276  ? 314 HOH A O   1 
HETATM 1203 O O   . HOH C 3 .   ? 21.77002  -15.67682 -4.92290  1.000 57.53268  ? 315 HOH A O   1 
HETATM 1204 O O   . HOH C 3 .   ? -4.37307  -9.48807  9.31213   1.000 32.35840  ? 316 HOH A O   1 
HETATM 1205 O O   . HOH C 3 .   ? -10.23507 -4.01819  -6.09007  1.000 31.85298  ? 317 HOH A O   1 
HETATM 1206 O O   . HOH C 3 .   ? -4.95104  -9.43912  -0.70034  1.000 39.75574  ? 318 HOH A O   1 
HETATM 1207 O O   . HOH C 3 .   ? 18.07009  -14.11799 2.67784   1.000 48.76250  ? 319 HOH A O   1 
HETATM 1208 O O   . HOH C 3 .   ? -3.56986  13.06923  -8.92430  1.000 37.21873  ? 320 HOH A O   1 
HETATM 1209 O O   . HOH C 3 .   ? 3.89638   -14.95445 11.90340  1.000 56.14035  ? 321 HOH A O   1 
HETATM 1210 O O   . HOH C 3 .   ? -12.50842 -1.22360  -2.45362  1.000 24.33394  ? 322 HOH A O   1 
HETATM 1211 O O   . HOH C 3 .   ? -4.70383  -1.48421  -15.85544 1.000 21.45066  ? 323 HOH A O   1 
HETATM 1212 O O   . HOH C 3 .   ? -12.67685 9.20877   3.73972   1.000 33.64412  ? 324 HOH A O   1 
HETATM 1213 O O   . HOH C 3 .   ? -8.15603  1.08552   -17.25266 1.000 31.85619  ? 325 HOH A O   1 
HETATM 1214 O O   . HOH C 3 .   ? -13.78943 15.48274  -1.71991  1.000 58.87705  ? 326 HOH A O   1 
HETATM 1215 O O   . HOH C 3 .   ? -2.61662  -11.33715 10.54330  1.000 43.56420  ? 327 HOH A O   1 
HETATM 1216 O O   . HOH C 3 .   ? -2.54813  -9.77138  2.91106   1.000 36.74848  ? 328 HOH A O   1 
HETATM 1217 O O   . HOH C 3 .   ? -7.77723  4.37745   -18.51207 1.000 29.84833  ? 329 HOH A O   1 
HETATM 1218 O O   . HOH C 3 .   ? 1.34166   -7.13908  -5.27840  1.000 22.99561  ? 330 HOH A O   1 
HETATM 1219 O O   . HOH C 3 .   ? -8.27701  11.20957  9.89108   1.000 30.29885  ? 331 HOH A O   1 
HETATM 1220 O O   . HOH C 3 .   ? 21.26820  -4.42981  12.03287  1.000 38.99070  ? 332 HOH A O   1 
HETATM 1221 O O   . HOH C 3 .   ? 8.83886   -10.00610 -12.93493 1.000 48.88314  ? 333 HOH A O   1 
HETATM 1222 O O   . HOH C 3 .   ? 1.61940   10.79057  -8.17235  1.000 33.81145  ? 334 HOH A O   1 
HETATM 1223 O O   . HOH C 3 .   ? -5.27937  0.77703   7.72830   1.000 30.45774  ? 335 HOH A O   1 
HETATM 1224 O O   . HOH C 3 .   ? -5.19194  22.05006  -4.11644  1.000 37.41120  ? 336 HOH A O   1 
HETATM 1225 O O   . HOH C 3 .   ? -16.61621 0.58078   -0.56632  1.000 37.04933  ? 337 HOH A O   1 
HETATM 1226 O O   . HOH C 3 .   ? -16.32744 9.14840   -2.62121  1.000 43.62904  ? 338 HOH A O   1 
HETATM 1227 O O   . HOH C 3 .   ? -3.48973  12.07448  13.66316  1.000 40.31908  ? 339 HOH A O   1 
HETATM 1228 O O   . HOH C 3 .   ? 14.78015  -13.48321 7.84628   1.000 39.50655  ? 340 HOH A O   1 
HETATM 1229 O O   . HOH C 3 .   ? 7.25727   -9.74020  -5.05156  1.000 35.02804  ? 341 HOH A O   1 
HETATM 1230 O O   . HOH C 3 .   ? -13.86140 -6.02250  -9.98492  1.000 42.61136  ? 342 HOH A O   1 
HETATM 1231 O O   . HOH C 3 .   ? -1.42156  22.27889  -2.63498  1.000 39.11006  ? 343 HOH A O   1 
HETATM 1232 O O   . HOH C 3 .   ? -18.39748 0.33522   -4.47288  1.000 41.47029  ? 344 HOH A O   1 
HETATM 1233 O O   . HOH C 3 .   ? -1.67122  1.64899   6.69840   1.000 41.31818  ? 345 HOH A O   1 
HETATM 1234 O O   . HOH C 3 .   ? -9.11312  8.53988   -1.50255  1.000 26.61556  ? 346 HOH A O   1 
HETATM 1235 O O   . HOH C 3 .   ? -6.74796  7.81817   -9.54730  1.000 29.26217  ? 347 HOH A O   1 
HETATM 1236 O O   . HOH C 3 .   ? 5.20973   -7.30233  1.64047   1.000 24.13248  ? 348 HOH A O   1 
HETATM 1237 O O   . HOH C 3 .   ? -14.55711 0.93614   6.43105   1.000 40.66118  ? 349 HOH A O   1 
HETATM 1238 O O   . HOH C 3 .   ? 1.90444   13.93881  -4.97227  1.000 37.72737  ? 350 HOH A O   1 
HETATM 1239 O O   . HOH C 3 .   ? -11.42598 11.36342  -7.20211  1.000 41.39421  ? 351 HOH A O   1 
HETATM 1240 O O   . HOH C 3 .   ? -8.76856  8.83251   -7.96582  1.000 33.57836  ? 352 HOH A O   1 
HETATM 1241 O O   . HOH C 3 .   ? 11.52110  -6.87905  -11.20565 1.000 31.61894  ? 353 HOH A O   1 
HETATM 1242 O O   . HOH C 3 .   ? -2.15380  -2.31094  10.12156  1.000 38.50709  ? 354 HOH A O   1 
HETATM 1243 O O   . HOH C 3 .   ? -15.81810 -3.44287  2.02320   1.000 44.16385  ? 355 HOH A O   1 
HETATM 1244 O O   . HOH C 3 .   ? 15.34904  -12.77746 0.44001   1.000 36.92907  ? 356 HOH A O   1 
HETATM 1245 O O   . HOH C 3 .   ? -17.28133 3.87140   -5.23142  1.000 34.60869  ? 357 HOH A O   1 
HETATM 1246 O O   . HOH C 3 .   ? -1.76682  -5.34210  9.15126   1.000 38.20086  ? 358 HOH A O   1 
HETATM 1247 O O   . HOH C 3 .   ? -10.98573 11.33633  13.59405  1.000 31.95735  ? 359 HOH A O   1 
HETATM 1248 O O   . HOH C 3 .   ? -0.06399  -13.31937 9.55387   1.000 37.26049  ? 360 HOH A O   1 
HETATM 1249 O O   . HOH C 3 .   ? 0.65302   -8.42223  -9.33027  1.000 29.32963  ? 361 HOH A O   1 
HETATM 1250 O O   . HOH C 3 .   ? -7.82828  -5.47217  9.73155   1.000 38.10544  ? 362 HOH A O   1 
HETATM 1251 O O   . HOH C 3 .   ? -4.61271  14.93979  -7.41854  1.000 34.38942  ? 363 HOH A O   1 
HETATM 1252 O O   . HOH C 3 .   ? 0.20626   -15.94671 7.55725   1.000 47.79349  ? 364 HOH A O   1 
HETATM 1253 O O   . HOH C 3 .   ? 4.49045   2.64679   -0.65837  1.000 37.30916  ? 365 HOH A O   1 
HETATM 1254 O O   . HOH C 3 .   ? -7.40714  -5.59120  4.12835   1.000 30.29112  ? 366 HOH A O   1 
HETATM 1255 O O   . HOH C 3 .   ? -16.63726 7.44243   -0.58043  1.000 34.34178  ? 367 HOH A O   1 
HETATM 1256 O O   . HOH C 3 .   ? -2.72621  8.48828   14.54301  1.000 49.53151  ? 368 HOH A O   1 
HETATM 1257 O O   . HOH C 3 .   ? -6.98703  7.91487   16.12714  1.000 33.66677  ? 369 HOH A O   1 
HETATM 1258 O O   . HOH C 3 .   ? -15.26132 -1.10848  -2.50716  1.000 37.09810  ? 370 HOH A O   1 
HETATM 1259 O O   . HOH C 3 .   ? 2.30750   -0.23402  2.27504   1.000 37.05597  ? 371 HOH A O   1 
HETATM 1260 O O   . HOH C 3 .   ? -9.02793  -6.59792  -0.20203  1.000 40.45743  ? 372 HOH A O   1 
HETATM 1261 O O   . HOH C 3 .   ? -11.60419 15.40210  0.55274   1.000 47.48659  ? 373 HOH A O   1 
HETATM 1262 O O   . HOH C 3 .   ? -4.09318  8.81360   -12.76004 1.000 30.23903  ? 374 HOH A O   1 
HETATM 1263 O O   . HOH C 3 .   ? -15.32894 9.39481   3.66894   1.000 42.79741  ? 375 HOH A O   1 
HETATM 1264 O O   . HOH C 3 .   ? -1.16196  -6.38884  20.09384  1.000 42.44992  ? 376 HOH A O   1 
HETATM 1265 O O   . HOH C 3 .   ? -0.79139  10.26719  11.51389  1.000 40.31822  ? 377 HOH A O   1 
HETATM 1266 O O   . HOH C 3 .   ? -2.02154  -2.02269  13.60141  1.000 59.09292  ? 378 HOH A O   1 
HETATM 1267 O O   . HOH C 3 .   ? 18.39957  -4.44917  -8.67085  1.000 40.55319  ? 379 HOH A O   1 
HETATM 1268 O O   . HOH C 3 .   ? 3.02613   13.24571  -10.91670 1.000 52.26230  ? 380 HOH A O   1 
HETATM 1269 O O   . HOH C 3 .   ? 19.09750  -8.38355  4.63218   1.000 39.33074  ? 381 HOH A O   1 
HETATM 1270 O O   . HOH C 3 .   ? -0.32842  -1.04470  19.55673  1.000 49.31089  ? 382 HOH A O   1 
HETATM 1271 O O   . HOH C 3 .   ? -7.71001  -6.86763  -11.56765 1.000 33.58600  ? 383 HOH A O   1 
HETATM 1272 O O   . HOH C 3 .   ? -6.26409  10.20966  -11.62124 1.000 39.88100  ? 384 HOH A O   1 
HETATM 1273 O O   . HOH C 3 .   ? 11.51781  8.38898   -4.27992  1.000 56.26311  ? 385 HOH A O   1 
HETATM 1274 O O   . HOH C 3 .   ? 0.64855   10.72941  -12.23064 1.000 49.68292  ? 386 HOH A O   1 
HETATM 1275 O O   . HOH C 3 .   ? -9.88533  7.35075   16.31240  1.000 40.75474  ? 387 HOH A O   1 
HETATM 1276 O O   . HOH C 3 .   ? 2.10962   8.26267   -13.13713 1.000 38.10548  ? 388 HOH A O   1 
HETATM 1277 O O   . HOH C 3 .   ? -5.77057  6.59348   -17.53766 1.000 23.49770  ? 389 HOH A O   1 
HETATM 1278 O O   . HOH C 3 .   ? 17.55920  -1.76095  0.48525   1.000 42.70488  ? 390 HOH A O   1 
HETATM 1279 O O   . HOH C 3 .   ? 17.86331  -1.56528  -2.42286  1.000 40.69648  ? 391 HOH A O   1 
HETATM 1280 O O   . HOH C 3 .   ? 7.95385   -12.21371 -6.70185  1.000 49.69130  ? 392 HOH A O   1 
HETATM 1281 O O   . HOH C 3 .   ? -10.39252 -10.13383 12.94085  1.000 53.75595  ? 393 HOH A O   1 
HETATM 1282 O O   . HOH C 3 .   ? 8.23510   9.38291   -13.23255 1.000 40.14819  ? 394 HOH A O   1 
HETATM 1283 O O   . HOH C 3 .   ? -17.88971 4.95348   -0.75007  1.000 43.38519  ? 395 HOH A O   1 
HETATM 1284 O O   . HOH C 3 .   ? -1.27151  -9.29411  -5.93674  1.000 43.77969  ? 396 HOH A O   1 
HETATM 1285 O O   . HOH C 3 .   ? -11.67038 15.02268  7.94527   1.000 43.85552  ? 397 HOH A O   1 
HETATM 1286 O O   . HOH C 3 .   ? 0.87057   9.52043   9.53673   1.000 52.30700  ? 398 HOH A O   1 
HETATM 1287 O O   . HOH C 3 .   ? 2.61755   8.05499   9.37473   1.000 47.23986  ? 399 HOH A O   1 
HETATM 1288 O O   . HOH C 3 .   ? -9.09681  5.54263   -20.50913 1.000 45.19553  ? 400 HOH A O   1 
HETATM 1289 O O   . HOH C 3 .   ? 14.14201  8.72191   -3.02523  1.000 53.38044  ? 401 HOH A O   1 
HETATM 1290 O O   . HOH C 3 .   ? -7.48387  -7.44647  -4.61266  1.000 44.88831  ? 402 HOH A O   1 
HETATM 1291 O O   . HOH C 3 .   ? -9.68381  -9.03190  11.08360  1.000 56.83158  ? 403 HOH A O   1 
HETATM 1292 O O   . HOH C 3 .   ? -12.69572 13.19143  -8.70092  1.000 58.19134  ? 404 HOH A O   1 
HETATM 1293 O O   . HOH C 3 .   ? 10.78662  -8.94087  -14.62904 1.000 40.44503  ? 405 HOH A O   1 
HETATM 1294 O O   . HOH C 3 .   ? 3.28345   11.71309  -6.41056  1.000 42.82108  ? 406 HOH A O   1 
HETATM 1295 O O   . HOH C 3 .   ? 1.64028   -8.92952  -13.85078 1.000 38.68785  ? 407 HOH A O   1 
HETATM 1296 O O   . HOH C 3 .   ? -3.16461  -8.73455  -7.24612  1.000 45.96100  ? 408 HOH A O   1 
HETATM 1297 O O   . HOH C 3 .   ? -4.29499  11.84621  16.22916  1.000 39.24812  ? 409 HOH A O   1 
HETATM 1298 O O   . HOH C 3 .   ? -9.27684  -6.84571  2.40111   1.000 48.94701  ? 410 HOH A O   1 
HETATM 1299 O O   . HOH C 3 .   ? -2.11981  -15.92095 -0.61055  1.000 47.04115  ? 411 HOH A O   1 
HETATM 1300 O O   . HOH C 3 .   ? -0.91236  12.55019  13.46927  1.000 45.95529  ? 412 HOH A O   1 
HETATM 1301 O O   . HOH C 3 .   ? -3.47947  -11.41259 -1.97690  1.000 52.98754  ? 413 HOH A O   1 
HETATM 1302 O O   . HOH C 3 .   ? -7.26997  -8.27084  -2.01959  1.000 42.64986  ? 414 HOH A O   1 
HETATM 1303 O O   . HOH C 3 .   ? -7.40900  14.18991  -8.02801  1.000 54.67227  ? 415 HOH A O   1 
# 
